data_2B7T
#
_entry.id   2B7T
#
_entity_poly.entity_id   1
_entity_poly.type   'polypeptide(L)'
_entity_poly.pdbx_seq_one_letter_code
;PGPVLPKNALMQLNEIKPGLQYMLLSQTGPVHAPLFVMSVEVNGQVFEGSGPTKKKAKLHAAEKALRSFVQFP
;
_entity_poly.pdbx_strand_id   A
#
# COMPACT_ATOMS: atom_id res chain seq x y z
N PRO A 1 4.37 -4.76 -14.16
CA PRO A 1 3.24 -4.59 -15.09
C PRO A 1 2.24 -3.48 -14.69
N GLY A 2 1.25 -3.22 -15.55
CA GLY A 2 0.19 -2.21 -15.39
C GLY A 2 -0.69 -2.11 -16.64
N PRO A 3 -1.69 -1.19 -16.69
CA PRO A 3 -2.09 -0.23 -15.65
C PRO A 3 -3.18 -0.77 -14.70
N VAL A 4 -3.52 -2.07 -14.77
CA VAL A 4 -4.67 -2.73 -14.13
C VAL A 4 -4.64 -2.83 -12.59
N LEU A 5 -3.66 -2.20 -11.94
CA LEU A 5 -3.51 -2.04 -10.47
C LEU A 5 -3.12 -0.57 -10.21
N PRO A 6 -3.65 0.11 -9.16
CA PRO A 6 -3.59 1.57 -8.96
C PRO A 6 -2.31 2.29 -9.46
N LYS A 7 -2.44 2.89 -10.65
CA LYS A 7 -1.41 2.90 -11.71
C LYS A 7 0.01 3.21 -11.25
N ASN A 8 0.29 4.48 -10.92
CA ASN A 8 1.65 4.97 -10.71
C ASN A 8 2.40 4.20 -9.62
N ALA A 9 1.86 4.19 -8.39
CA ALA A 9 2.42 3.43 -7.27
C ALA A 9 2.55 1.93 -7.57
N LEU A 10 1.45 1.24 -7.91
CA LEU A 10 1.47 -0.22 -8.02
C LEU A 10 2.42 -0.67 -9.10
N MET A 11 2.37 -0.05 -10.28
CA MET A 11 3.36 -0.31 -11.31
C MET A 11 4.80 -0.05 -10.82
N GLN A 12 5.08 1.06 -10.10
CA GLN A 12 6.40 1.36 -9.51
C GLN A 12 6.91 0.14 -8.74
N LEU A 13 6.17 -0.29 -7.72
CA LEU A 13 6.65 -1.42 -6.93
C LEU A 13 6.55 -2.77 -7.59
N ASN A 14 5.58 -2.98 -8.49
CA ASN A 14 5.47 -4.25 -9.21
C ASN A 14 6.73 -4.51 -10.03
N GLU A 15 7.19 -3.51 -10.77
CA GLU A 15 8.50 -3.53 -11.42
C GLU A 15 9.64 -3.77 -10.42
N ILE A 16 9.77 -2.88 -9.42
CA ILE A 16 10.89 -2.90 -8.46
C ILE A 16 11.02 -4.22 -7.67
N LYS A 17 9.89 -4.79 -7.22
CA LYS A 17 9.74 -6.05 -6.48
C LYS A 17 8.43 -6.75 -6.91
N PRO A 18 8.45 -7.63 -7.93
CA PRO A 18 7.27 -8.38 -8.39
C PRO A 18 6.92 -9.55 -7.44
N GLY A 19 6.80 -9.27 -6.14
CA GLY A 19 6.66 -10.27 -5.09
C GLY A 19 6.36 -9.70 -3.71
N LEU A 20 5.39 -8.79 -3.60
CA LEU A 20 4.89 -8.28 -2.31
C LEU A 20 3.64 -9.02 -1.83
N GLN A 21 3.46 -9.02 -0.51
CA GLN A 21 2.43 -9.79 0.19
C GLN A 21 1.58 -8.86 1.08
N TYR A 22 0.33 -8.63 0.69
CA TYR A 22 -0.59 -7.62 1.23
C TYR A 22 -1.67 -8.27 2.14
N MET A 23 -1.94 -7.65 3.30
CA MET A 23 -2.88 -8.12 4.33
C MET A 23 -3.78 -6.98 4.79
N LEU A 24 -5.09 -7.20 4.91
CA LEU A 24 -6.08 -6.15 5.18
C LEU A 24 -6.51 -6.23 6.65
N LEU A 25 -6.21 -5.17 7.37
CA LEU A 25 -6.38 -4.97 8.80
C LEU A 25 -7.44 -3.86 8.99
N SER A 26 -8.37 -4.08 9.91
CA SER A 26 -9.78 -4.09 9.52
C SER A 26 -10.41 -2.72 9.26
N GLN A 27 -11.18 -2.70 8.16
CA GLN A 27 -12.22 -1.74 7.84
C GLN A 27 -12.99 -1.21 9.08
N THR A 28 -13.01 0.11 9.18
CA THR A 28 -13.52 0.95 10.28
C THR A 28 -13.87 2.34 9.69
N GLY A 29 -13.96 3.40 10.49
CA GLY A 29 -13.81 4.77 9.98
C GLY A 29 -14.57 5.87 10.73
N PRO A 30 -14.43 7.14 10.31
CA PRO A 30 -15.02 8.34 10.93
C PRO A 30 -16.55 8.50 10.78
N VAL A 31 -17.30 7.42 10.54
CA VAL A 31 -18.76 7.33 10.29
C VAL A 31 -19.22 7.90 8.93
N HIS A 32 -18.52 8.91 8.39
CA HIS A 32 -18.79 9.56 7.11
C HIS A 32 -17.77 9.21 6.02
N ALA A 33 -16.78 8.39 6.37
CA ALA A 33 -15.85 7.73 5.46
C ALA A 33 -15.55 6.30 6.00
N PRO A 34 -15.53 5.27 5.16
CA PRO A 34 -14.80 4.04 5.44
C PRO A 34 -13.29 4.29 5.54
N LEU A 35 -12.57 3.46 6.28
CA LEU A 35 -11.11 3.44 6.35
C LEU A 35 -10.59 2.01 6.56
N PHE A 36 -9.68 1.60 5.70
CA PHE A 36 -9.03 0.29 5.65
C PHE A 36 -7.52 0.47 5.79
N VAL A 37 -6.81 -0.47 6.45
CA VAL A 37 -5.35 -0.45 6.42
C VAL A 37 -4.79 -1.74 5.83
N MET A 38 -3.80 -1.65 4.95
CA MET A 38 -3.07 -2.81 4.44
C MET A 38 -1.63 -2.79 4.95
N SER A 39 -1.16 -3.95 5.40
CA SER A 39 0.25 -4.21 5.65
C SER A 39 0.80 -4.97 4.47
N VAL A 40 1.83 -4.42 3.83
CA VAL A 40 2.45 -5.05 2.66
C VAL A 40 3.90 -5.40 2.94
N GLU A 41 4.25 -6.61 2.60
CA GLU A 41 5.50 -7.23 3.01
C GLU A 41 6.42 -7.33 1.81
N VAL A 42 7.63 -6.78 1.99
CA VAL A 42 8.54 -6.39 0.87
C VAL A 42 9.90 -7.09 0.82
N ASN A 43 10.32 -7.75 1.90
CA ASN A 43 11.69 -8.28 2.09
C ASN A 43 11.87 -9.16 3.35
N GLY A 44 10.84 -9.31 4.18
CA GLY A 44 10.95 -9.84 5.55
C GLY A 44 10.20 -9.02 6.62
N GLN A 45 9.65 -7.87 6.22
CA GLN A 45 9.02 -6.84 7.04
C GLN A 45 7.81 -6.30 6.29
N VAL A 46 6.75 -5.97 7.04
CA VAL A 46 5.50 -5.43 6.55
C VAL A 46 5.38 -3.93 6.85
N PHE A 47 4.88 -3.21 5.86
CA PHE A 47 4.79 -1.76 5.75
C PHE A 47 3.30 -1.39 5.68
N GLU A 48 2.79 -0.56 6.60
CA GLU A 48 1.33 -0.33 6.74
C GLU A 48 0.87 1.02 6.17
N GLY A 49 -0.16 1.01 5.33
CA GLY A 49 -0.75 2.17 4.67
C GLY A 49 -2.27 2.17 4.75
N SER A 50 -2.85 3.33 5.05
CA SER A 50 -4.28 3.55 5.27
C SER A 50 -4.93 4.25 4.08
N GLY A 51 -6.07 3.71 3.60
CA GLY A 51 -6.90 4.29 2.54
C GLY A 51 -8.40 4.17 2.82
N PRO A 52 -9.24 5.15 2.41
CA PRO A 52 -10.71 5.03 2.47
C PRO A 52 -11.32 3.93 1.57
N THR A 53 -10.48 3.15 0.90
CA THR A 53 -10.76 1.89 0.22
C THR A 53 -9.52 1.00 0.33
N LYS A 54 -9.70 -0.33 0.44
CA LYS A 54 -8.61 -1.31 0.54
C LYS A 54 -7.57 -1.22 -0.59
N LYS A 55 -8.01 -0.84 -1.80
CA LYS A 55 -7.16 -0.60 -2.99
C LYS A 55 -6.27 0.63 -2.87
N LYS A 56 -6.70 1.65 -2.12
CA LYS A 56 -5.90 2.83 -1.76
C LYS A 56 -5.02 2.57 -0.55
N ALA A 57 -5.47 1.74 0.39
CA ALA A 57 -4.68 1.30 1.54
C ALA A 57 -3.42 0.53 1.10
N LYS A 58 -3.58 -0.55 0.30
CA LYS A 58 -2.44 -1.25 -0.33
C LYS A 58 -1.56 -0.36 -1.20
N LEU A 59 -2.12 0.56 -1.99
CA LEU A 59 -1.33 1.58 -2.71
C LEU A 59 -0.45 2.36 -1.74
N HIS A 60 -1.01 2.92 -0.67
CA HIS A 60 -0.28 3.67 0.35
C HIS A 60 0.89 2.86 0.94
N ALA A 61 0.56 1.63 1.35
CA ALA A 61 1.48 0.66 1.93
C ALA A 61 2.66 0.39 1.00
N ALA A 62 2.38 -0.11 -0.20
CA ALA A 62 3.31 -0.49 -1.26
C ALA A 62 4.15 0.68 -1.81
N GLU A 63 3.50 1.85 -2.00
CA GLU A 63 4.16 3.10 -2.36
C GLU A 63 5.26 3.43 -1.36
N LYS A 64 4.90 3.63 -0.08
CA LYS A 64 5.89 3.80 0.98
C LYS A 64 6.87 2.64 1.05
N ALA A 65 6.42 1.39 0.90
CA ALA A 65 7.28 0.23 1.12
C ALA A 65 8.51 0.35 0.23
N LEU A 66 8.31 0.43 -1.08
CA LEU A 66 9.41 0.68 -2.02
C LEU A 66 10.09 2.05 -1.88
N ARG A 67 9.34 3.15 -1.74
CA ARG A 67 9.92 4.50 -1.54
C ARG A 67 10.88 4.58 -0.35
N SER A 68 10.41 4.13 0.82
CA SER A 68 11.18 3.98 2.06
C SER A 68 12.42 3.10 1.86
N PHE A 69 12.22 1.93 1.26
CA PHE A 69 13.26 0.96 0.90
C PHE A 69 14.33 1.50 -0.08
N VAL A 70 13.95 2.40 -1.00
CA VAL A 70 14.85 3.00 -2.01
C VAL A 70 15.56 4.26 -1.49
N GLN A 71 14.90 5.07 -0.65
CA GLN A 71 15.33 6.46 -0.35
C GLN A 71 15.22 6.88 1.13
N PHE A 72 14.21 6.39 1.86
CA PHE A 72 13.60 6.99 3.07
C PHE A 72 13.10 8.45 2.87
N PRO A 73 12.18 8.98 3.71
CA PRO A 73 11.45 8.33 4.81
C PRO A 73 10.48 7.23 4.34
N PRO A 1 3.91 6.86 -6.44
CA PRO A 1 3.78 8.33 -6.45
C PRO A 1 2.51 8.79 -7.19
N GLY A 2 1.35 8.27 -6.77
CA GLY A 2 0.07 8.49 -7.46
C GLY A 2 -1.15 8.01 -6.66
N PRO A 3 -1.44 8.58 -5.48
CA PRO A 3 -2.56 8.18 -4.61
C PRO A 3 -3.98 8.40 -5.18
N VAL A 4 -4.10 8.94 -6.40
CA VAL A 4 -5.35 9.13 -7.16
C VAL A 4 -5.36 8.33 -8.48
N LEU A 5 -4.26 7.63 -8.79
CA LEU A 5 -4.08 6.75 -9.95
C LEU A 5 -3.25 5.50 -9.52
N PRO A 6 -3.83 4.56 -8.73
CA PRO A 6 -3.10 3.51 -8.04
C PRO A 6 -2.14 2.65 -8.88
N LYS A 7 -2.42 2.50 -10.18
CA LYS A 7 -1.49 1.90 -11.15
C LYS A 7 -0.06 2.42 -10.97
N ASN A 8 0.16 3.72 -10.75
CA ASN A 8 1.51 4.31 -10.61
C ASN A 8 2.36 3.63 -9.51
N ALA A 9 1.88 3.62 -8.26
CA ALA A 9 2.56 2.86 -7.20
C ALA A 9 2.63 1.36 -7.50
N LEU A 10 1.49 0.72 -7.84
CA LEU A 10 1.45 -0.73 -7.98
C LEU A 10 2.41 -1.20 -9.05
N MET A 11 2.39 -0.58 -10.23
CA MET A 11 3.41 -0.77 -11.26
C MET A 11 4.84 -0.49 -10.78
N GLN A 12 5.10 0.59 -10.02
CA GLN A 12 6.45 0.86 -9.45
C GLN A 12 7.01 -0.36 -8.70
N LEU A 13 6.38 -0.74 -7.59
CA LEU A 13 6.92 -1.81 -6.75
C LEU A 13 6.71 -3.21 -7.33
N ASN A 14 5.66 -3.46 -8.10
CA ASN A 14 5.57 -4.67 -8.91
C ASN A 14 6.75 -4.83 -9.86
N GLU A 15 7.16 -3.78 -10.59
CA GLU A 15 8.33 -3.85 -11.47
C GLU A 15 9.59 -4.15 -10.69
N ILE A 16 9.86 -3.29 -9.71
CA ILE A 16 11.10 -3.33 -8.94
C ILE A 16 11.22 -4.64 -8.10
N LYS A 17 10.10 -5.11 -7.55
CA LYS A 17 9.96 -6.26 -6.62
C LYS A 17 8.68 -7.08 -6.96
N PRO A 18 8.67 -7.95 -7.98
CA PRO A 18 7.47 -8.67 -8.47
C PRO A 18 7.06 -9.86 -7.55
N GLY A 19 6.94 -9.62 -6.24
CA GLY A 19 6.67 -10.66 -5.25
C GLY A 19 6.25 -10.14 -3.87
N LEU A 20 5.56 -9.01 -3.79
CA LEU A 20 5.03 -8.49 -2.51
C LEU A 20 3.91 -9.38 -1.95
N GLN A 21 3.58 -9.17 -0.68
CA GLN A 21 2.38 -9.74 -0.05
C GLN A 21 1.57 -8.63 0.63
N TYR A 22 0.26 -8.51 0.39
CA TYR A 22 -0.67 -7.55 0.99
C TYR A 22 -1.70 -8.26 1.90
N MET A 23 -1.95 -7.70 3.07
CA MET A 23 -2.83 -8.21 4.14
C MET A 23 -3.70 -7.08 4.68
N LEU A 24 -4.99 -7.31 4.96
CA LEU A 24 -5.99 -6.29 5.35
C LEU A 24 -6.28 -6.41 6.86
N LEU A 25 -6.26 -5.25 7.53
CA LEU A 25 -6.47 -5.05 8.95
C LEU A 25 -7.57 -3.98 9.09
N SER A 26 -8.49 -4.22 10.02
CA SER A 26 -9.90 -4.17 9.68
C SER A 26 -10.47 -2.78 9.39
N GLN A 27 -11.25 -2.76 8.31
CA GLN A 27 -12.26 -1.77 7.98
C GLN A 27 -12.97 -1.17 9.21
N THR A 28 -12.95 0.16 9.32
CA THR A 28 -13.28 0.91 10.54
C THR A 28 -13.77 2.36 10.29
N GLY A 29 -14.22 2.67 9.07
CA GLY A 29 -14.68 4.01 8.66
C GLY A 29 -16.17 4.10 8.28
N PRO A 30 -16.67 5.32 8.02
CA PRO A 30 -18.07 5.60 7.73
C PRO A 30 -18.40 5.36 6.25
N VAL A 31 -19.69 5.35 5.89
CA VAL A 31 -20.19 5.11 4.52
C VAL A 31 -19.56 6.03 3.45
N HIS A 32 -19.14 7.25 3.84
CA HIS A 32 -18.54 8.25 2.96
C HIS A 32 -17.01 8.24 2.90
N ALA A 33 -16.34 7.44 3.75
CA ALA A 33 -14.89 7.24 3.76
C ALA A 33 -14.47 5.87 4.37
N PRO A 34 -15.00 4.72 3.93
CA PRO A 34 -14.74 3.42 4.58
C PRO A 34 -13.25 3.14 4.71
N LEU A 35 -12.70 3.11 5.92
CA LEU A 35 -11.25 3.19 6.11
C LEU A 35 -10.71 1.81 6.46
N PHE A 36 -9.91 1.31 5.53
CA PHE A 36 -9.15 0.06 5.62
C PHE A 36 -7.66 0.34 5.86
N VAL A 37 -6.95 -0.54 6.55
CA VAL A 37 -5.48 -0.51 6.52
C VAL A 37 -4.93 -1.80 5.94
N MET A 38 -3.93 -1.70 5.05
CA MET A 38 -3.20 -2.84 4.51
C MET A 38 -1.74 -2.81 4.94
N SER A 39 -1.23 -3.96 5.35
CA SER A 39 0.19 -4.23 5.58
C SER A 39 0.72 -4.95 4.35
N VAL A 40 1.74 -4.37 3.71
CA VAL A 40 2.41 -4.99 2.58
C VAL A 40 3.87 -5.31 2.86
N GLU A 41 4.27 -6.52 2.51
CA GLU A 41 5.59 -7.08 2.82
C GLU A 41 6.40 -7.06 1.53
N VAL A 42 7.57 -6.42 1.60
CA VAL A 42 8.39 -6.01 0.42
C VAL A 42 9.81 -6.59 0.31
N ASN A 43 10.38 -7.17 1.38
CA ASN A 43 11.79 -7.63 1.44
C ASN A 43 12.16 -8.54 2.63
N GLY A 44 11.29 -8.60 3.62
CA GLY A 44 11.49 -9.13 4.98
C GLY A 44 10.75 -8.35 6.08
N GLN A 45 10.00 -7.32 5.70
CA GLN A 45 9.33 -6.34 6.54
C GLN A 45 8.00 -5.92 5.89
N VAL A 46 6.98 -5.78 6.73
CA VAL A 46 5.62 -5.34 6.35
C VAL A 46 5.39 -3.89 6.76
N PHE A 47 4.80 -3.17 5.84
CA PHE A 47 4.65 -1.72 5.78
C PHE A 47 3.17 -1.39 5.70
N GLU A 48 2.63 -0.60 6.63
CA GLU A 48 1.19 -0.35 6.71
C GLU A 48 0.77 0.99 6.13
N GLY A 49 -0.27 0.99 5.31
CA GLY A 49 -0.94 2.20 4.85
C GLY A 49 -2.47 2.14 4.89
N SER A 50 -3.07 3.29 5.18
CA SER A 50 -4.51 3.51 5.38
C SER A 50 -5.15 4.19 4.17
N GLY A 51 -6.31 3.70 3.73
CA GLY A 51 -7.10 4.26 2.63
C GLY A 51 -8.61 4.18 2.86
N PRO A 52 -9.40 5.24 2.59
CA PRO A 52 -10.87 5.21 2.41
C PRO A 52 -11.44 4.21 1.37
N THR A 53 -10.60 3.31 0.86
CA THR A 53 -10.86 2.20 -0.06
C THR A 53 -9.63 1.30 0.00
N LYS A 54 -9.82 -0.04 0.09
CA LYS A 54 -8.70 -0.98 0.31
C LYS A 54 -7.63 -0.95 -0.80
N LYS A 55 -8.00 -0.56 -2.02
CA LYS A 55 -7.08 -0.34 -3.15
C LYS A 55 -6.16 0.87 -2.95
N LYS A 56 -6.64 1.93 -2.27
CA LYS A 56 -5.79 3.05 -1.82
C LYS A 56 -4.98 2.67 -0.59
N ALA A 57 -5.55 1.90 0.35
CA ALA A 57 -4.82 1.41 1.54
C ALA A 57 -3.56 0.62 1.15
N LYS A 58 -3.72 -0.45 0.35
CA LYS A 58 -2.58 -1.18 -0.24
C LYS A 58 -1.65 -0.37 -1.13
N LEU A 59 -2.15 0.60 -1.93
CA LEU A 59 -1.27 1.56 -2.59
C LEU A 59 -0.40 2.26 -1.55
N HIS A 60 -0.98 2.88 -0.53
CA HIS A 60 -0.26 3.68 0.47
C HIS A 60 0.86 2.86 1.11
N ALA A 61 0.49 1.65 1.54
CA ALA A 61 1.39 0.64 2.05
C ALA A 61 2.56 0.42 1.09
N ALA A 62 2.30 -0.04 -0.13
CA ALA A 62 3.27 -0.34 -1.19
C ALA A 62 4.16 0.85 -1.60
N GLU A 63 3.53 1.99 -1.83
CA GLU A 63 4.12 3.27 -2.22
C GLU A 63 5.20 3.68 -1.22
N LYS A 64 4.82 3.90 0.05
CA LYS A 64 5.81 4.08 1.10
C LYS A 64 6.74 2.88 1.26
N ALA A 65 6.27 1.64 1.10
CA ALA A 65 7.09 0.45 1.33
C ALA A 65 8.34 0.52 0.48
N LEU A 66 8.21 0.62 -0.86
CA LEU A 66 9.38 0.74 -1.69
C LEU A 66 10.11 2.09 -1.55
N ARG A 67 9.41 3.21 -1.32
CA ARG A 67 10.03 4.53 -1.00
C ARG A 67 10.97 4.46 0.22
N SER A 68 10.44 4.09 1.38
CA SER A 68 11.14 3.86 2.65
C SER A 68 12.26 2.82 2.54
N PHE A 69 12.02 1.73 1.81
CA PHE A 69 13.02 0.71 1.45
C PHE A 69 14.19 1.28 0.62
N VAL A 70 13.93 2.20 -0.30
CA VAL A 70 14.91 3.04 -1.04
C VAL A 70 15.53 4.15 -0.15
N GLN A 71 15.26 4.13 1.17
CA GLN A 71 15.65 5.08 2.22
C GLN A 71 15.17 6.53 2.03
N PHE A 72 14.16 6.77 1.18
CA PHE A 72 13.51 8.08 1.06
C PHE A 72 12.45 8.25 2.17
N PRO A 73 12.48 9.31 2.99
CA PRO A 73 11.50 9.58 4.05
C PRO A 73 10.14 10.03 3.47
N PRO A 1 -6.61 17.45 -8.98
CA PRO A 1 -7.47 16.33 -9.47
C PRO A 1 -7.09 14.97 -8.85
N GLY A 2 -7.97 13.97 -9.00
CA GLY A 2 -7.79 12.61 -8.46
C GLY A 2 -9.04 11.72 -8.63
N PRO A 3 -9.10 10.55 -7.95
CA PRO A 3 -8.05 9.93 -7.13
C PRO A 3 -6.75 9.62 -7.90
N VAL A 4 -5.65 9.39 -7.17
CA VAL A 4 -4.45 8.73 -7.72
C VAL A 4 -4.77 7.27 -8.10
N LEU A 5 -4.48 6.88 -9.34
CA LEU A 5 -4.69 5.50 -9.82
C LEU A 5 -3.74 4.53 -9.09
N PRO A 6 -4.26 3.46 -8.42
CA PRO A 6 -3.42 2.42 -7.80
C PRO A 6 -2.35 1.85 -8.72
N LYS A 7 -2.63 1.75 -10.03
CA LYS A 7 -1.69 1.29 -11.06
C LYS A 7 -0.31 1.92 -10.93
N ASN A 8 -0.17 3.22 -10.67
CA ASN A 8 1.13 3.89 -10.67
C ASN A 8 2.08 3.41 -9.56
N ALA A 9 1.65 3.43 -8.29
CA ALA A 9 2.40 2.79 -7.21
C ALA A 9 2.61 1.30 -7.47
N LEU A 10 1.55 0.56 -7.80
CA LEU A 10 1.63 -0.90 -7.91
C LEU A 10 2.61 -1.29 -8.99
N MET A 11 2.52 -0.70 -10.18
CA MET A 11 3.55 -0.88 -11.20
C MET A 11 4.95 -0.48 -10.74
N GLN A 12 5.15 0.63 -9.99
CA GLN A 12 6.47 0.99 -9.44
C GLN A 12 7.10 -0.17 -8.67
N LEU A 13 6.48 -0.58 -7.55
CA LEU A 13 7.08 -1.60 -6.70
C LEU A 13 6.98 -3.02 -7.25
N ASN A 14 5.88 -3.39 -7.93
CA ASN A 14 5.81 -4.67 -8.64
C ASN A 14 6.86 -4.79 -9.75
N GLU A 15 7.28 -3.71 -10.43
CA GLU A 15 8.46 -3.76 -11.30
C GLU A 15 9.73 -4.01 -10.51
N ILE A 16 10.01 -3.11 -9.57
CA ILE A 16 11.26 -3.13 -8.82
C ILE A 16 11.47 -4.45 -8.03
N LYS A 17 10.39 -4.98 -7.43
CA LYS A 17 10.29 -6.17 -6.56
C LYS A 17 8.99 -6.94 -6.91
N PRO A 18 8.97 -7.82 -7.93
CA PRO A 18 7.76 -8.55 -8.38
C PRO A 18 7.37 -9.70 -7.43
N GLY A 19 7.13 -9.35 -6.17
CA GLY A 19 6.93 -10.32 -5.08
C GLY A 19 6.51 -9.64 -3.78
N LEU A 20 5.46 -8.80 -3.81
CA LEU A 20 4.88 -8.22 -2.60
C LEU A 20 3.61 -8.94 -2.15
N GLN A 21 3.36 -8.88 -0.83
CA GLN A 21 2.33 -9.67 -0.15
C GLN A 21 1.49 -8.74 0.76
N TYR A 22 0.25 -8.48 0.37
CA TYR A 22 -0.67 -7.47 0.93
C TYR A 22 -1.74 -8.15 1.82
N MET A 23 -2.01 -7.58 3.00
CA MET A 23 -2.90 -8.11 4.04
C MET A 23 -3.80 -6.99 4.58
N LEU A 24 -5.10 -7.24 4.75
CA LEU A 24 -6.09 -6.21 5.09
C LEU A 24 -6.44 -6.34 6.58
N LEU A 25 -6.13 -5.28 7.31
CA LEU A 25 -6.18 -5.12 8.75
C LEU A 25 -7.17 -3.99 9.04
N SER A 26 -7.89 -4.14 10.15
CA SER A 26 -9.34 -4.20 10.01
C SER A 26 -10.04 -2.88 9.66
N GLN A 27 -10.96 -3.02 8.71
CA GLN A 27 -12.01 -2.05 8.42
C GLN A 27 -12.64 -1.46 9.69
N THR A 28 -12.75 -0.13 9.68
CA THR A 28 -13.43 0.71 10.67
C THR A 28 -14.00 1.95 9.95
N GLY A 29 -14.50 2.94 10.68
CA GLY A 29 -14.90 4.24 10.10
C GLY A 29 -16.42 4.46 9.99
N PRO A 30 -16.83 5.63 9.47
CA PRO A 30 -18.22 6.07 9.40
C PRO A 30 -18.89 5.67 8.07
N VAL A 31 -20.21 5.84 7.97
CA VAL A 31 -21.07 5.50 6.82
C VAL A 31 -20.84 6.42 5.58
N HIS A 32 -19.73 7.15 5.54
CA HIS A 32 -19.30 8.04 4.44
C HIS A 32 -17.78 7.99 4.15
N ALA A 33 -16.98 7.25 4.94
CA ALA A 33 -15.54 7.09 4.74
C ALA A 33 -14.98 5.75 5.31
N PRO A 34 -15.53 4.56 4.96
CA PRO A 34 -14.98 3.29 5.42
C PRO A 34 -13.46 3.21 5.27
N LEU A 35 -12.76 3.06 6.39
CA LEU A 35 -11.30 3.12 6.46
C LEU A 35 -10.74 1.73 6.64
N PHE A 36 -9.80 1.39 5.76
CA PHE A 36 -9.09 0.12 5.66
C PHE A 36 -7.58 0.34 5.83
N VAL A 37 -6.87 -0.57 6.50
CA VAL A 37 -5.39 -0.54 6.45
C VAL A 37 -4.84 -1.79 5.81
N MET A 38 -3.86 -1.66 4.91
CA MET A 38 -3.13 -2.80 4.36
C MET A 38 -1.69 -2.78 4.83
N SER A 39 -1.20 -3.96 5.23
CA SER A 39 0.22 -4.22 5.45
C SER A 39 0.74 -4.95 4.23
N VAL A 40 1.70 -4.34 3.54
CA VAL A 40 2.36 -4.96 2.40
C VAL A 40 3.77 -5.33 2.75
N GLU A 41 4.13 -6.56 2.40
CA GLU A 41 5.40 -7.14 2.74
C GLU A 41 6.28 -7.16 1.49
N VAL A 42 7.49 -6.59 1.63
CA VAL A 42 8.31 -6.17 0.46
C VAL A 42 9.71 -6.83 0.36
N ASN A 43 10.17 -7.54 1.39
CA ASN A 43 11.54 -8.11 1.48
C ASN A 43 11.75 -9.09 2.65
N GLY A 44 10.79 -9.17 3.57
CA GLY A 44 10.93 -9.76 4.90
C GLY A 44 10.21 -9.00 6.03
N GLN A 45 9.66 -7.83 5.70
CA GLN A 45 9.06 -6.85 6.59
C GLN A 45 7.81 -6.28 5.91
N VAL A 46 6.79 -6.00 6.73
CA VAL A 46 5.50 -5.44 6.32
C VAL A 46 5.40 -3.97 6.68
N PHE A 47 4.80 -3.22 5.76
CA PHE A 47 4.71 -1.77 5.71
C PHE A 47 3.23 -1.41 5.63
N GLU A 48 2.71 -0.61 6.56
CA GLU A 48 1.26 -0.37 6.70
C GLU A 48 0.82 1.00 6.16
N GLY A 49 -0.21 1.01 5.31
CA GLY A 49 -0.84 2.20 4.73
C GLY A 49 -2.36 2.18 4.88
N SER A 50 -2.94 3.31 5.28
CA SER A 50 -4.38 3.49 5.54
C SER A 50 -5.04 4.26 4.41
N GLY A 51 -6.16 3.74 3.87
CA GLY A 51 -6.95 4.36 2.81
C GLY A 51 -8.48 4.28 3.07
N PRO A 52 -9.28 5.32 2.71
CA PRO A 52 -10.75 5.25 2.69
C PRO A 52 -11.33 4.30 1.62
N THR A 53 -10.47 3.48 1.00
CA THR A 53 -10.78 2.29 0.19
C THR A 53 -9.57 1.35 0.27
N LYS A 54 -9.79 0.03 0.33
CA LYS A 54 -8.71 -0.98 0.43
C LYS A 54 -7.67 -0.89 -0.68
N LYS A 55 -8.08 -0.46 -1.88
CA LYS A 55 -7.22 -0.24 -3.07
C LYS A 55 -6.29 0.97 -2.93
N LYS A 56 -6.69 1.99 -2.15
CA LYS A 56 -5.82 3.09 -1.73
C LYS A 56 -4.97 2.69 -0.54
N ALA A 57 -5.50 1.90 0.41
CA ALA A 57 -4.72 1.38 1.54
C ALA A 57 -3.49 0.60 1.08
N LYS A 58 -3.67 -0.44 0.24
CA LYS A 58 -2.54 -1.13 -0.43
C LYS A 58 -1.62 -0.25 -1.27
N LEU A 59 -2.15 0.70 -2.06
CA LEU A 59 -1.30 1.69 -2.75
C LEU A 59 -0.43 2.43 -1.73
N HIS A 60 -1.00 3.00 -0.68
CA HIS A 60 -0.29 3.77 0.35
C HIS A 60 0.83 2.94 0.98
N ALA A 61 0.49 1.71 1.38
CA ALA A 61 1.40 0.74 1.95
C ALA A 61 2.60 0.53 1.03
N ALA A 62 2.35 0.05 -0.19
CA ALA A 62 3.34 -0.23 -1.23
C ALA A 62 4.19 0.99 -1.65
N GLU A 63 3.52 2.11 -1.95
CA GLU A 63 4.09 3.41 -2.33
C GLU A 63 5.17 3.83 -1.33
N LYS A 64 4.76 4.06 -0.07
CA LYS A 64 5.71 4.29 1.01
C LYS A 64 6.70 3.15 1.15
N ALA A 65 6.29 1.88 1.11
CA ALA A 65 7.17 0.74 1.36
C ALA A 65 8.42 0.82 0.52
N LEU A 66 8.28 0.86 -0.82
CA LEU A 66 9.49 0.95 -1.65
C LEU A 66 10.18 2.33 -1.58
N ARG A 67 9.44 3.44 -1.44
CA ARG A 67 10.06 4.76 -1.16
C ARG A 67 10.97 4.74 0.08
N SER A 68 10.41 4.35 1.20
CA SER A 68 10.99 4.13 2.53
C SER A 68 12.16 3.17 2.52
N PHE A 69 12.00 2.04 1.86
CA PHE A 69 13.05 1.06 1.56
C PHE A 69 14.25 1.64 0.79
N VAL A 70 14.05 2.65 -0.08
CA VAL A 70 15.16 3.38 -0.76
C VAL A 70 15.65 4.61 0.04
N GLN A 71 14.84 5.15 0.96
CA GLN A 71 15.00 6.38 1.77
C GLN A 71 15.24 7.72 1.03
N PHE A 72 15.81 7.74 -0.18
CA PHE A 72 16.10 8.97 -0.92
C PHE A 72 14.90 9.74 -1.53
N PRO A 73 13.76 9.13 -1.94
CA PRO A 73 12.57 9.84 -2.45
C PRO A 73 11.74 10.52 -1.34
N PRO A 1 6.41 9.70 -15.22
CA PRO A 1 5.07 9.51 -14.61
C PRO A 1 3.92 10.20 -15.39
N GLY A 2 2.69 10.06 -14.91
CA GLY A 2 1.45 10.52 -15.56
C GLY A 2 0.20 10.12 -14.76
N PRO A 3 -1.00 10.06 -15.36
CA PRO A 3 -2.16 9.42 -14.72
C PRO A 3 -1.87 7.92 -14.49
N VAL A 4 -2.12 7.32 -13.32
CA VAL A 4 -2.66 7.88 -12.06
C VAL A 4 -2.12 7.08 -10.87
N LEU A 5 -2.04 7.70 -9.68
CA LEU A 5 -1.24 7.20 -8.54
C LEU A 5 -1.45 5.73 -8.11
N PRO A 6 -2.68 5.18 -8.01
CA PRO A 6 -2.90 3.75 -7.74
C PRO A 6 -2.13 2.83 -8.72
N LYS A 7 -2.37 3.02 -10.02
CA LYS A 7 -1.62 2.32 -11.08
C LYS A 7 -0.12 2.56 -10.90
N ASN A 8 0.31 3.82 -10.87
CA ASN A 8 1.72 4.20 -10.88
C ASN A 8 2.52 3.58 -9.73
N ALA A 9 1.98 3.57 -8.51
CA ALA A 9 2.55 2.81 -7.41
C ALA A 9 2.58 1.30 -7.65
N LEU A 10 1.43 0.65 -7.91
CA LEU A 10 1.40 -0.81 -8.02
C LEU A 10 2.34 -1.27 -9.12
N MET A 11 2.30 -0.65 -10.29
CA MET A 11 3.33 -0.87 -11.30
C MET A 11 4.77 -0.60 -10.81
N GLN A 12 5.05 0.52 -10.12
CA GLN A 12 6.39 0.84 -9.57
C GLN A 12 6.97 -0.33 -8.77
N LEU A 13 6.32 -0.74 -7.69
CA LEU A 13 6.87 -1.79 -6.84
C LEU A 13 6.75 -3.21 -7.43
N ASN A 14 5.65 -3.54 -8.11
CA ASN A 14 5.56 -4.79 -8.86
C ASN A 14 6.68 -4.96 -9.90
N GLU A 15 7.13 -3.87 -10.52
CA GLU A 15 8.36 -3.86 -11.33
C GLU A 15 9.61 -4.12 -10.49
N ILE A 16 9.91 -3.17 -9.60
CA ILE A 16 11.18 -3.10 -8.88
C ILE A 16 11.45 -4.36 -8.01
N LYS A 17 10.42 -4.88 -7.33
CA LYS A 17 10.42 -6.06 -6.44
C LYS A 17 9.16 -6.91 -6.72
N PRO A 18 9.15 -7.80 -7.73
CA PRO A 18 7.97 -8.56 -8.18
C PRO A 18 7.58 -9.70 -7.22
N GLY A 19 7.32 -9.34 -5.97
CA GLY A 19 7.10 -10.27 -4.86
C GLY A 19 6.62 -9.54 -3.60
N LEU A 20 5.48 -8.84 -3.69
CA LEU A 20 4.86 -8.22 -2.51
C LEU A 20 3.61 -8.97 -2.05
N GLN A 21 3.38 -8.91 -0.73
CA GLN A 21 2.40 -9.74 -0.02
C GLN A 21 1.52 -8.84 0.88
N TYR A 22 0.27 -8.61 0.48
CA TYR A 22 -0.66 -7.63 1.05
C TYR A 22 -1.72 -8.33 1.94
N MET A 23 -1.98 -7.74 3.11
CA MET A 23 -2.91 -8.22 4.15
C MET A 23 -3.80 -7.05 4.57
N LEU A 24 -5.08 -7.30 4.86
CA LEU A 24 -6.08 -6.26 5.17
C LEU A 24 -6.47 -6.30 6.65
N LEU A 25 -6.45 -5.11 7.26
CA LEU A 25 -6.67 -4.84 8.66
C LEU A 25 -7.60 -3.63 8.79
N SER A 26 -8.10 -3.43 10.00
CA SER A 26 -9.55 -3.43 10.16
C SER A 26 -10.27 -2.18 9.67
N GLN A 27 -11.36 -2.46 8.95
CA GLN A 27 -12.32 -1.50 8.46
C GLN A 27 -13.02 -0.77 9.61
N THR A 28 -12.88 0.56 9.63
CA THR A 28 -13.46 1.50 10.60
C THR A 28 -13.73 2.85 9.92
N GLY A 29 -14.03 3.93 10.66
CA GLY A 29 -14.02 5.28 10.10
C GLY A 29 -14.93 6.29 10.84
N PRO A 30 -15.08 7.51 10.28
CA PRO A 30 -15.83 8.62 10.87
C PRO A 30 -17.32 8.58 10.50
N VAL A 31 -17.88 7.37 10.40
CA VAL A 31 -19.21 7.00 9.85
C VAL A 31 -19.37 7.26 8.34
N HIS A 32 -18.76 8.29 7.78
CA HIS A 32 -19.01 8.80 6.41
C HIS A 32 -17.84 8.59 5.42
N ALA A 33 -16.72 8.00 5.86
CA ALA A 33 -15.52 7.73 5.05
C ALA A 33 -14.86 6.40 5.46
N PRO A 34 -15.42 5.24 5.05
CA PRO A 34 -14.85 3.93 5.37
C PRO A 34 -13.35 3.84 5.11
N LEU A 35 -12.60 3.50 6.15
CA LEU A 35 -11.15 3.49 6.22
C LEU A 35 -10.69 2.07 6.51
N PHE A 36 -9.74 1.63 5.68
CA PHE A 36 -9.13 0.31 5.65
C PHE A 36 -7.62 0.47 5.76
N VAL A 37 -6.92 -0.46 6.39
CA VAL A 37 -5.44 -0.44 6.43
C VAL A 37 -4.87 -1.72 5.84
N MET A 38 -3.86 -1.63 5.00
CA MET A 38 -3.14 -2.80 4.47
C MET A 38 -1.68 -2.81 4.89
N SER A 39 -1.22 -3.99 5.30
CA SER A 39 0.19 -4.28 5.56
C SER A 39 0.69 -5.04 4.35
N VAL A 40 1.61 -4.42 3.61
CA VAL A 40 2.28 -5.06 2.47
C VAL A 40 3.71 -5.38 2.80
N GLU A 41 4.13 -6.59 2.47
CA GLU A 41 5.45 -7.11 2.80
C GLU A 41 6.30 -7.10 1.54
N VAL A 42 7.51 -6.54 1.64
CA VAL A 42 8.31 -6.06 0.48
C VAL A 42 9.73 -6.64 0.35
N ASN A 43 10.30 -7.21 1.42
CA ASN A 43 11.76 -7.46 1.52
C ASN A 43 12.19 -8.39 2.68
N GLY A 44 11.30 -8.64 3.64
CA GLY A 44 11.64 -8.98 5.02
C GLY A 44 10.58 -8.57 6.05
N GLN A 45 9.67 -7.70 5.61
CA GLN A 45 9.10 -6.65 6.43
C GLN A 45 7.82 -6.15 5.81
N VAL A 46 6.86 -5.90 6.67
CA VAL A 46 5.56 -5.37 6.31
C VAL A 46 5.41 -3.90 6.70
N PHE A 47 4.74 -3.20 5.80
CA PHE A 47 4.63 -1.77 5.68
C PHE A 47 3.14 -1.41 5.64
N GLU A 48 2.66 -0.61 6.59
CA GLU A 48 1.23 -0.36 6.80
C GLU A 48 0.81 0.99 6.22
N GLY A 49 -0.24 0.96 5.40
CA GLY A 49 -0.85 2.15 4.83
C GLY A 49 -2.37 2.15 4.86
N SER A 50 -2.94 3.29 5.26
CA SER A 50 -4.38 3.50 5.48
C SER A 50 -5.01 4.28 4.33
N GLY A 51 -6.10 3.76 3.74
CA GLY A 51 -6.84 4.38 2.63
C GLY A 51 -8.37 4.33 2.81
N PRO A 52 -9.13 5.29 2.23
CA PRO A 52 -10.60 5.31 2.24
C PRO A 52 -11.27 4.19 1.39
N THR A 53 -10.52 3.12 1.11
CA THR A 53 -10.87 1.85 0.45
C THR A 53 -9.63 0.95 0.54
N LYS A 54 -9.82 -0.38 0.65
CA LYS A 54 -8.72 -1.36 0.67
C LYS A 54 -7.72 -1.19 -0.48
N LYS A 55 -8.20 -0.78 -1.66
CA LYS A 55 -7.40 -0.54 -2.89
C LYS A 55 -6.50 0.71 -2.81
N LYS A 56 -6.86 1.72 -2.01
CA LYS A 56 -6.02 2.88 -1.68
C LYS A 56 -5.14 2.61 -0.45
N ALA A 57 -5.59 1.78 0.48
CA ALA A 57 -4.80 1.32 1.61
C ALA A 57 -3.56 0.53 1.14
N LYS A 58 -3.76 -0.53 0.34
CA LYS A 58 -2.65 -1.24 -0.32
C LYS A 58 -1.73 -0.40 -1.21
N LEU A 59 -2.27 0.58 -1.95
CA LEU A 59 -1.46 1.62 -2.61
C LEU A 59 -0.54 2.30 -1.60
N HIS A 60 -1.12 2.86 -0.53
CA HIS A 60 -0.38 3.66 0.46
C HIS A 60 0.79 2.87 1.05
N ALA A 61 0.45 1.65 1.47
CA ALA A 61 1.35 0.63 1.96
C ALA A 61 2.48 0.40 0.96
N ALA A 62 2.17 -0.08 -0.25
CA ALA A 62 3.10 -0.37 -1.33
C ALA A 62 3.99 0.81 -1.74
N GLU A 63 3.39 1.97 -2.00
CA GLU A 63 4.10 3.19 -2.38
C GLU A 63 5.17 3.54 -1.35
N LYS A 64 4.78 3.80 -0.09
CA LYS A 64 5.81 3.99 0.95
C LYS A 64 6.71 2.78 1.12
N ALA A 65 6.21 1.55 0.95
CA ALA A 65 6.99 0.35 1.19
C ALA A 65 8.26 0.40 0.37
N LEU A 66 8.15 0.50 -0.96
CA LEU A 66 9.36 0.58 -1.78
C LEU A 66 10.09 1.94 -1.66
N ARG A 67 9.35 3.06 -1.54
CA ARG A 67 9.94 4.40 -1.30
C ARG A 67 10.86 4.43 -0.07
N SER A 68 10.35 4.02 1.08
CA SER A 68 11.07 3.81 2.34
C SER A 68 12.23 2.85 2.15
N PHE A 69 11.96 1.65 1.62
CA PHE A 69 12.94 0.59 1.34
C PHE A 69 14.18 1.04 0.55
N VAL A 70 14.06 2.03 -0.36
CA VAL A 70 15.22 2.60 -1.08
C VAL A 70 16.34 3.17 -0.18
N GLN A 71 16.06 3.48 1.11
CA GLN A 71 17.08 3.83 2.12
C GLN A 71 16.86 3.26 3.54
N PHE A 72 15.70 2.64 3.81
CA PHE A 72 15.31 1.99 5.07
C PHE A 72 14.64 0.63 4.75
N PRO A 73 15.43 -0.41 4.38
CA PRO A 73 14.96 -1.70 3.84
C PRO A 73 13.95 -2.49 4.70
N PRO A 1 3.03 12.76 -10.08
CA PRO A 1 1.88 12.28 -9.28
C PRO A 1 1.29 10.95 -9.80
N GLY A 2 0.62 10.16 -8.98
CA GLY A 2 0.37 10.36 -7.54
C GLY A 2 -0.51 9.27 -6.92
N PRO A 3 -0.94 9.42 -5.64
CA PRO A 3 -1.87 8.53 -4.90
C PRO A 3 -3.30 8.35 -5.48
N VAL A 4 -3.50 8.46 -6.80
CA VAL A 4 -4.79 8.53 -7.49
C VAL A 4 -4.87 7.45 -8.57
N LEU A 5 -5.74 6.46 -8.35
CA LEU A 5 -5.74 5.11 -8.95
C LEU A 5 -4.44 4.32 -8.67
N PRO A 6 -4.47 2.97 -8.60
CA PRO A 6 -3.30 2.18 -8.22
C PRO A 6 -2.14 2.27 -9.21
N LYS A 7 -2.45 2.43 -10.51
CA LYS A 7 -1.55 2.42 -11.68
C LYS A 7 -0.07 2.75 -11.41
N ASN A 8 0.30 4.03 -11.41
CA ASN A 8 1.70 4.49 -11.35
C ASN A 8 2.48 3.98 -10.13
N ALA A 9 1.89 4.05 -8.93
CA ALA A 9 2.50 3.47 -7.75
C ALA A 9 2.73 1.96 -7.90
N LEU A 10 1.66 1.17 -8.12
CA LEU A 10 1.72 -0.29 -8.16
C LEU A 10 2.69 -0.77 -9.22
N MET A 11 2.60 -0.25 -10.45
CA MET A 11 3.60 -0.54 -11.47
C MET A 11 5.03 -0.21 -11.03
N GLN A 12 5.28 0.93 -10.36
CA GLN A 12 6.59 1.21 -9.75
C GLN A 12 7.05 0.04 -8.87
N LEU A 13 6.29 -0.30 -7.83
CA LEU A 13 6.76 -1.31 -6.90
C LEU A 13 6.76 -2.75 -7.43
N ASN A 14 5.77 -3.12 -8.24
CA ASN A 14 5.75 -4.40 -8.93
C ASN A 14 6.99 -4.59 -9.81
N GLU A 15 7.44 -3.57 -10.55
CA GLU A 15 8.75 -3.59 -11.22
C GLU A 15 9.89 -3.82 -10.24
N ILE A 16 9.99 -2.96 -9.23
CA ILE A 16 11.10 -2.98 -8.27
C ILE A 16 11.21 -4.32 -7.50
N LYS A 17 10.06 -4.87 -7.07
CA LYS A 17 9.88 -6.08 -6.26
C LYS A 17 8.63 -6.84 -6.77
N PRO A 18 8.71 -7.72 -7.78
CA PRO A 18 7.56 -8.48 -8.29
C PRO A 18 7.17 -9.66 -7.40
N GLY A 19 7.00 -9.42 -6.09
CA GLY A 19 6.82 -10.46 -5.08
C GLY A 19 6.43 -9.93 -3.70
N LEU A 20 5.49 -8.99 -3.61
CA LEU A 20 4.95 -8.51 -2.32
C LEU A 20 3.68 -9.23 -1.88
N GLN A 21 3.44 -9.17 -0.57
CA GLN A 21 2.39 -9.90 0.12
C GLN A 21 1.55 -8.91 0.97
N TYR A 22 0.30 -8.65 0.56
CA TYR A 22 -0.60 -7.62 1.09
C TYR A 22 -1.67 -8.27 2.00
N MET A 23 -1.92 -7.66 3.17
CA MET A 23 -2.81 -8.13 4.23
C MET A 23 -3.70 -6.97 4.66
N LEU A 24 -5.01 -7.18 4.84
CA LEU A 24 -5.96 -6.13 5.19
C LEU A 24 -6.33 -6.25 6.67
N LEU A 25 -6.10 -5.16 7.40
CA LEU A 25 -6.37 -5.02 8.82
C LEU A 25 -7.05 -3.69 9.14
N SER A 26 -7.47 -3.58 10.39
CA SER A 26 -8.45 -2.65 10.97
C SER A 26 -9.34 -1.87 9.99
N GLN A 27 -10.60 -2.33 9.92
CA GLN A 27 -11.63 -1.74 9.07
C GLN A 27 -12.71 -1.09 9.94
N THR A 28 -12.87 0.22 9.78
CA THR A 28 -13.73 1.09 10.59
C THR A 28 -14.08 2.34 9.76
N GLY A 29 -14.30 3.50 10.37
CA GLY A 29 -14.08 4.79 9.70
C GLY A 29 -14.48 6.02 10.54
N PRO A 30 -13.99 7.22 10.16
CA PRO A 30 -14.13 8.45 10.96
C PRO A 30 -15.51 9.13 10.86
N VAL A 31 -16.59 8.35 10.78
CA VAL A 31 -18.01 8.77 10.80
C VAL A 31 -18.48 9.53 9.52
N HIS A 32 -17.57 9.86 8.61
CA HIS A 32 -17.82 10.58 7.35
C HIS A 32 -17.08 9.93 6.15
N ALA A 33 -16.31 8.88 6.42
CA ALA A 33 -15.66 7.97 5.48
C ALA A 33 -15.61 6.57 6.13
N PRO A 34 -15.44 5.50 5.35
CA PRO A 34 -14.76 4.28 5.77
C PRO A 34 -13.24 4.48 5.88
N LEU A 35 -12.58 3.54 6.56
CA LEU A 35 -11.12 3.42 6.65
C LEU A 35 -10.69 1.95 6.69
N PHE A 36 -9.66 1.63 5.92
CA PHE A 36 -8.99 0.34 5.79
C PHE A 36 -7.47 0.55 5.89
N VAL A 37 -6.74 -0.37 6.52
CA VAL A 37 -5.27 -0.36 6.44
C VAL A 37 -4.74 -1.66 5.85
N MET A 38 -3.78 -1.59 4.93
CA MET A 38 -3.05 -2.77 4.44
C MET A 38 -1.61 -2.76 4.95
N SER A 39 -1.13 -3.91 5.41
CA SER A 39 0.30 -4.18 5.61
C SER A 39 0.77 -4.90 4.36
N VAL A 40 1.81 -4.40 3.72
CA VAL A 40 2.42 -5.04 2.56
C VAL A 40 3.85 -5.43 2.87
N GLU A 41 4.18 -6.68 2.57
CA GLU A 41 5.41 -7.29 2.97
C GLU A 41 6.33 -7.38 1.76
N VAL A 42 7.55 -6.86 1.94
CA VAL A 42 8.43 -6.44 0.80
C VAL A 42 9.81 -7.13 0.74
N ASN A 43 10.21 -7.85 1.78
CA ASN A 43 11.57 -8.40 1.94
C ASN A 43 11.74 -9.35 3.15
N GLY A 44 10.73 -9.47 4.00
CA GLY A 44 10.83 -10.04 5.34
C GLY A 44 10.08 -9.26 6.44
N GLN A 45 9.56 -8.08 6.09
CA GLN A 45 8.94 -7.08 6.95
C GLN A 45 7.77 -6.43 6.21
N VAL A 46 6.74 -6.07 6.97
CA VAL A 46 5.48 -5.49 6.49
C VAL A 46 5.40 -4.00 6.77
N PHE A 47 4.86 -3.28 5.79
CA PHE A 47 4.81 -1.82 5.68
C PHE A 47 3.36 -1.39 5.53
N GLU A 48 2.88 -0.54 6.44
CA GLU A 48 1.43 -0.30 6.61
C GLU A 48 0.97 1.05 6.04
N GLY A 49 -0.11 1.03 5.25
CA GLY A 49 -0.72 2.20 4.61
C GLY A 49 -2.24 2.19 4.73
N SER A 50 -2.80 3.37 5.03
CA SER A 50 -4.21 3.61 5.32
C SER A 50 -4.92 4.29 4.13
N GLY A 51 -6.05 3.75 3.70
CA GLY A 51 -6.93 4.31 2.66
C GLY A 51 -8.41 4.27 3.04
N PRO A 52 -9.26 5.20 2.55
CA PRO A 52 -10.72 5.12 2.72
C PRO A 52 -11.38 3.93 1.97
N THR A 53 -10.55 3.10 1.32
CA THR A 53 -10.87 1.82 0.67
C THR A 53 -9.60 0.98 0.68
N LYS A 54 -9.73 -0.35 0.77
CA LYS A 54 -8.60 -1.30 0.75
C LYS A 54 -7.66 -1.14 -0.45
N LYS A 55 -8.20 -0.73 -1.60
CA LYS A 55 -7.46 -0.49 -2.86
C LYS A 55 -6.56 0.76 -2.81
N LYS A 56 -6.92 1.78 -2.02
CA LYS A 56 -6.01 2.90 -1.68
C LYS A 56 -5.09 2.54 -0.51
N ALA A 57 -5.55 1.74 0.45
CA ALA A 57 -4.72 1.27 1.56
C ALA A 57 -3.48 0.50 1.06
N LYS A 58 -3.66 -0.53 0.21
CA LYS A 58 -2.54 -1.23 -0.46
C LYS A 58 -1.65 -0.33 -1.32
N LEU A 59 -2.22 0.61 -2.09
CA LEU A 59 -1.44 1.63 -2.80
C LEU A 59 -0.54 2.40 -1.82
N HIS A 60 -1.10 2.93 -0.74
CA HIS A 60 -0.35 3.66 0.30
C HIS A 60 0.80 2.81 0.89
N ALA A 61 0.46 1.58 1.27
CA ALA A 61 1.39 0.60 1.84
C ALA A 61 2.57 0.35 0.90
N ALA A 62 2.29 -0.14 -0.30
CA ALA A 62 3.23 -0.46 -1.39
C ALA A 62 4.03 0.74 -1.91
N GLU A 63 3.38 1.90 -2.06
CA GLU A 63 4.02 3.20 -2.33
C GLU A 63 5.12 3.43 -1.32
N LYS A 64 4.80 3.67 -0.05
CA LYS A 64 5.86 3.95 0.94
C LYS A 64 6.76 2.75 1.19
N ALA A 65 6.31 1.51 1.01
CA ALA A 65 7.16 0.33 1.15
C ALA A 65 8.38 0.52 0.26
N LEU A 66 8.17 0.62 -1.07
CA LEU A 66 9.30 0.88 -1.96
C LEU A 66 9.90 2.29 -1.81
N ARG A 67 9.08 3.34 -1.65
CA ARG A 67 9.56 4.71 -1.44
C ARG A 67 10.51 4.82 -0.25
N SER A 68 10.04 4.50 0.96
CA SER A 68 10.80 4.47 2.21
C SER A 68 12.04 3.55 2.13
N PHE A 69 11.89 2.37 1.50
CA PHE A 69 13.00 1.44 1.22
C PHE A 69 14.11 2.03 0.32
N VAL A 70 13.77 2.88 -0.65
CA VAL A 70 14.73 3.55 -1.57
C VAL A 70 15.20 4.93 -1.04
N GLN A 71 14.34 5.64 -0.31
CA GLN A 71 14.50 6.98 0.27
C GLN A 71 13.73 7.03 1.60
N PHE A 72 14.44 6.89 2.72
CA PHE A 72 13.86 7.08 4.05
C PHE A 72 13.75 8.58 4.41
N PRO A 73 12.76 9.01 5.21
CA PRO A 73 11.51 8.31 5.53
C PRO A 73 10.52 8.32 4.36
N PRO A 1 -12.00 2.50 -18.77
CA PRO A 1 -11.09 2.82 -17.63
C PRO A 1 -11.27 4.27 -17.14
N GLY A 2 -10.74 4.59 -15.94
CA GLY A 2 -10.80 5.94 -15.35
C GLY A 2 -10.37 6.01 -13.88
N PRO A 3 -11.06 5.32 -12.94
CA PRO A 3 -10.72 5.27 -11.51
C PRO A 3 -9.54 4.32 -11.22
N VAL A 4 -8.44 4.48 -11.94
CA VAL A 4 -7.30 3.53 -12.02
C VAL A 4 -5.94 4.17 -11.75
N LEU A 5 -5.88 5.45 -11.34
CA LEU A 5 -4.63 6.19 -11.09
C LEU A 5 -3.61 5.47 -10.16
N PRO A 6 -4.01 4.75 -9.09
CA PRO A 6 -3.11 3.90 -8.28
C PRO A 6 -2.26 2.87 -9.06
N LYS A 7 -2.68 2.49 -10.29
CA LYS A 7 -1.89 1.68 -11.24
C LYS A 7 -0.43 2.14 -11.29
N ASN A 8 -0.19 3.45 -11.44
CA ASN A 8 1.15 4.02 -11.63
C ASN A 8 2.09 3.73 -10.45
N ALA A 9 1.64 3.95 -9.21
CA ALA A 9 2.37 3.50 -8.04
C ALA A 9 2.58 1.97 -8.04
N LEU A 10 1.51 1.18 -8.18
CA LEU A 10 1.54 -0.28 -8.11
C LEU A 10 2.53 -0.85 -9.11
N MET A 11 2.41 -0.51 -10.39
CA MET A 11 3.41 -0.87 -11.38
C MET A 11 4.83 -0.40 -11.03
N GLN A 12 5.04 0.81 -10.46
CA GLN A 12 6.37 1.18 -9.94
C GLN A 12 6.92 0.09 -9.01
N LEU A 13 6.21 -0.22 -7.92
CA LEU A 13 6.74 -1.23 -7.01
C LEU A 13 6.76 -2.65 -7.55
N ASN A 14 5.77 -3.03 -8.35
CA ASN A 14 5.71 -4.33 -9.01
C ASN A 14 6.96 -4.56 -9.87
N GLU A 15 7.41 -3.58 -10.65
CA GLU A 15 8.72 -3.59 -11.29
C GLU A 15 9.86 -3.76 -10.29
N ILE A 16 9.94 -2.83 -9.32
CA ILE A 16 11.07 -2.76 -8.39
C ILE A 16 11.31 -4.08 -7.61
N LYS A 17 10.24 -4.68 -7.07
CA LYS A 17 10.21 -5.94 -6.29
C LYS A 17 8.96 -6.75 -6.65
N PRO A 18 8.96 -7.61 -7.68
CA PRO A 18 7.78 -8.37 -8.13
C PRO A 18 7.46 -9.57 -7.21
N GLY A 19 7.25 -9.30 -5.92
CA GLY A 19 7.11 -10.32 -4.87
C GLY A 19 6.61 -9.77 -3.53
N LEU A 20 5.49 -9.02 -3.54
CA LEU A 20 4.90 -8.47 -2.32
C LEU A 20 3.64 -9.22 -1.85
N GLN A 21 3.40 -9.13 -0.54
CA GLN A 21 2.39 -9.91 0.17
C GLN A 21 1.56 -8.95 1.05
N TYR A 22 0.32 -8.66 0.63
CA TYR A 22 -0.57 -7.63 1.18
C TYR A 22 -1.65 -8.29 2.08
N MET A 23 -1.90 -7.68 3.24
CA MET A 23 -2.81 -8.18 4.28
C MET A 23 -3.72 -7.05 4.75
N LEU A 24 -5.02 -7.29 4.90
CA LEU A 24 -6.03 -6.27 5.20
C LEU A 24 -6.41 -6.37 6.68
N LEU A 25 -6.11 -5.30 7.40
CA LEU A 25 -6.22 -5.13 8.83
C LEU A 25 -7.31 -4.05 9.09
N SER A 26 -8.12 -4.32 10.10
CA SER A 26 -9.57 -4.27 9.90
C SER A 26 -10.18 -2.87 9.84
N GLN A 27 -11.07 -2.74 8.86
CA GLN A 27 -11.81 -1.51 8.57
C GLN A 27 -12.54 -0.92 9.78
N THR A 28 -12.40 0.40 9.90
CA THR A 28 -12.96 1.27 10.95
C THR A 28 -13.49 2.56 10.30
N GLY A 29 -13.85 3.58 11.08
CA GLY A 29 -14.35 4.85 10.54
C GLY A 29 -15.85 4.85 10.21
N PRO A 30 -16.35 5.93 9.57
CA PRO A 30 -17.76 6.21 9.37
C PRO A 30 -18.28 5.70 8.01
N VAL A 31 -19.60 5.66 7.83
CA VAL A 31 -20.27 5.23 6.57
C VAL A 31 -19.84 6.06 5.34
N HIS A 32 -19.40 7.30 5.54
CA HIS A 32 -18.97 8.23 4.49
C HIS A 32 -17.45 8.29 4.25
N ALA A 33 -16.64 7.57 5.04
CA ALA A 33 -15.19 7.39 4.82
C ALA A 33 -14.64 6.03 5.37
N PRO A 34 -15.24 4.86 5.07
CA PRO A 34 -14.80 3.57 5.62
C PRO A 34 -13.28 3.34 5.46
N LEU A 35 -12.53 3.31 6.55
CA LEU A 35 -11.06 3.36 6.53
C LEU A 35 -10.46 1.98 6.82
N PHE A 36 -9.78 1.44 5.82
CA PHE A 36 -9.10 0.14 5.78
C PHE A 36 -7.58 0.34 5.90
N VAL A 37 -6.85 -0.59 6.54
CA VAL A 37 -5.38 -0.56 6.47
C VAL A 37 -4.80 -1.83 5.87
N MET A 38 -3.84 -1.70 4.96
CA MET A 38 -3.09 -2.85 4.45
C MET A 38 -1.65 -2.82 4.92
N SER A 39 -1.15 -3.99 5.35
CA SER A 39 0.26 -4.23 5.61
C SER A 39 0.80 -5.01 4.41
N VAL A 40 1.75 -4.42 3.70
CA VAL A 40 2.40 -5.06 2.56
C VAL A 40 3.82 -5.45 2.92
N GLU A 41 4.14 -6.70 2.66
CA GLU A 41 5.39 -7.31 3.05
C GLU A 41 6.28 -7.43 1.82
N VAL A 42 7.51 -6.90 1.95
CA VAL A 42 8.37 -6.57 0.78
C VAL A 42 9.74 -7.30 0.74
N ASN A 43 10.18 -7.93 1.83
CA ASN A 43 11.53 -8.49 2.00
C ASN A 43 11.72 -9.35 3.28
N GLY A 44 10.73 -9.39 4.17
CA GLY A 44 10.84 -9.89 5.54
C GLY A 44 10.14 -9.03 6.60
N GLN A 45 9.63 -7.86 6.17
CA GLN A 45 9.03 -6.80 6.97
C GLN A 45 7.80 -6.29 6.23
N VAL A 46 6.77 -5.95 7.00
CA VAL A 46 5.49 -5.43 6.53
C VAL A 46 5.39 -3.92 6.80
N PHE A 47 4.91 -3.22 5.79
CA PHE A 47 4.82 -1.77 5.66
C PHE A 47 3.33 -1.41 5.60
N GLU A 48 2.82 -0.59 6.52
CA GLU A 48 1.37 -0.35 6.67
C GLU A 48 0.94 1.01 6.12
N GLY A 49 -0.13 1.01 5.32
CA GLY A 49 -0.75 2.18 4.71
C GLY A 49 -2.27 2.12 4.83
N SER A 50 -2.89 3.27 5.13
CA SER A 50 -4.32 3.45 5.39
C SER A 50 -5.01 4.11 4.19
N GLY A 51 -6.18 3.59 3.79
CA GLY A 51 -7.00 4.11 2.70
C GLY A 51 -8.51 3.95 2.92
N PRO A 52 -9.35 4.99 2.65
CA PRO A 52 -10.81 4.93 2.65
C PRO A 52 -11.53 3.91 1.72
N THR A 53 -10.84 2.93 1.13
CA THR A 53 -11.38 2.03 0.08
C THR A 53 -10.55 0.75 -0.18
N LYS A 54 -9.68 0.32 0.76
CA LYS A 54 -8.65 -0.77 0.68
C LYS A 54 -7.63 -0.73 -0.47
N LYS A 55 -8.03 -0.35 -1.69
CA LYS A 55 -7.15 -0.20 -2.86
C LYS A 55 -6.20 1.00 -2.69
N LYS A 56 -6.69 2.08 -2.08
CA LYS A 56 -5.86 3.20 -1.58
C LYS A 56 -4.96 2.78 -0.41
N ALA A 57 -5.42 1.88 0.47
CA ALA A 57 -4.63 1.37 1.59
C ALA A 57 -3.41 0.56 1.12
N LYS A 58 -3.61 -0.48 0.31
CA LYS A 58 -2.51 -1.22 -0.35
C LYS A 58 -1.61 -0.37 -1.25
N LEU A 59 -2.16 0.60 -2.00
CA LEU A 59 -1.35 1.64 -2.66
C LEU A 59 -0.43 2.31 -1.66
N HIS A 60 -0.98 2.87 -0.59
CA HIS A 60 -0.24 3.65 0.41
C HIS A 60 0.93 2.83 0.99
N ALA A 61 0.60 1.60 1.38
CA ALA A 61 1.51 0.60 1.89
C ALA A 61 2.66 0.36 0.90
N ALA A 62 2.35 -0.12 -0.30
CA ALA A 62 3.27 -0.45 -1.39
C ALA A 62 4.12 0.73 -1.91
N GLU A 63 3.50 1.91 -2.10
CA GLU A 63 4.16 3.16 -2.44
C GLU A 63 5.26 3.48 -1.43
N LYS A 64 4.90 3.70 -0.15
CA LYS A 64 5.90 3.93 0.89
C LYS A 64 6.84 2.75 1.09
N ALA A 65 6.37 1.51 0.93
CA ALA A 65 7.20 0.33 1.10
C ALA A 65 8.42 0.46 0.21
N LEU A 66 8.22 0.59 -1.12
CA LEU A 66 9.34 0.79 -2.03
C LEU A 66 10.07 2.13 -1.87
N ARG A 67 9.36 3.25 -1.69
CA ARG A 67 10.01 4.57 -1.45
C ARG A 67 10.95 4.54 -0.25
N SER A 68 10.44 4.14 0.92
CA SER A 68 11.20 3.95 2.15
C SER A 68 12.34 2.95 1.97
N PHE A 69 12.07 1.78 1.40
CA PHE A 69 13.06 0.77 1.02
C PHE A 69 14.17 1.29 0.09
N VAL A 70 13.90 2.31 -0.74
CA VAL A 70 14.88 2.93 -1.65
C VAL A 70 15.67 4.07 -0.99
N GLN A 71 15.07 4.86 -0.08
CA GLN A 71 15.70 6.12 0.41
C GLN A 71 15.63 6.41 1.94
N PHE A 72 15.11 5.48 2.76
CA PHE A 72 15.02 5.46 4.24
C PHE A 72 15.21 6.81 4.98
N PRO A 73 14.13 7.46 5.48
CA PRO A 73 12.71 7.06 5.46
C PRO A 73 12.05 7.20 4.08
N PRO A 1 -0.23 -5.73 -12.54
CA PRO A 1 -0.50 -5.10 -11.23
C PRO A 1 -1.45 -3.90 -11.32
N GLY A 2 -2.24 -3.64 -10.28
CA GLY A 2 -3.32 -2.64 -10.33
C GLY A 2 -4.14 -2.55 -9.02
N PRO A 3 -5.38 -2.03 -9.05
CA PRO A 3 -6.15 -1.65 -10.26
C PRO A 3 -5.60 -0.43 -11.01
N VAL A 4 -6.19 -0.11 -12.16
CA VAL A 4 -5.61 0.78 -13.21
C VAL A 4 -5.35 2.25 -12.82
N LEU A 5 -5.68 2.69 -11.60
CA LEU A 5 -5.31 4.01 -11.07
C LEU A 5 -4.23 3.92 -9.97
N PRO A 6 -4.36 3.02 -8.94
CA PRO A 6 -3.22 2.52 -8.16
C PRO A 6 -2.02 2.02 -8.97
N LYS A 7 -2.22 1.67 -10.24
CA LYS A 7 -1.19 1.32 -11.23
C LYS A 7 0.08 2.17 -11.14
N ASN A 8 0.06 3.46 -10.80
CA ASN A 8 1.29 4.26 -10.62
C ASN A 8 2.25 3.66 -9.54
N ALA A 9 1.86 3.66 -8.27
CA ALA A 9 2.57 2.97 -7.21
C ALA A 9 2.75 1.47 -7.49
N LEU A 10 1.67 0.77 -7.85
CA LEU A 10 1.69 -0.68 -7.98
C LEU A 10 2.69 -1.07 -9.05
N MET A 11 2.67 -0.45 -10.23
CA MET A 11 3.74 -0.64 -11.19
C MET A 11 5.14 -0.30 -10.64
N GLN A 12 5.35 0.82 -9.91
CA GLN A 12 6.65 1.12 -9.29
C GLN A 12 7.22 -0.09 -8.54
N LEU A 13 6.56 -0.51 -7.46
CA LEU A 13 7.10 -1.57 -6.61
C LEU A 13 6.97 -2.98 -7.20
N ASN A 14 5.91 -3.28 -7.96
CA ASN A 14 5.83 -4.55 -8.68
C ASN A 14 6.92 -4.68 -9.76
N GLU A 15 7.30 -3.61 -10.45
CA GLU A 15 8.48 -3.65 -11.33
C GLU A 15 9.74 -3.98 -10.52
N ILE A 16 10.01 -3.13 -9.51
CA ILE A 16 11.23 -3.25 -8.71
C ILE A 16 11.35 -4.62 -7.99
N LYS A 17 10.22 -5.15 -7.47
CA LYS A 17 10.07 -6.44 -6.77
C LYS A 17 8.72 -7.09 -7.14
N PRO A 18 8.63 -7.93 -8.19
CA PRO A 18 7.37 -8.56 -8.64
C PRO A 18 6.92 -9.73 -7.74
N GLY A 19 6.85 -9.51 -6.43
CA GLY A 19 6.58 -10.56 -5.44
C GLY A 19 6.20 -10.07 -4.05
N LEU A 20 5.61 -8.87 -3.91
CA LEU A 20 5.09 -8.39 -2.61
C LEU A 20 3.91 -9.24 -2.12
N GLN A 21 3.61 -9.14 -0.83
CA GLN A 21 2.37 -9.69 -0.24
C GLN A 21 1.57 -8.58 0.43
N TYR A 22 0.29 -8.41 0.13
CA TYR A 22 -0.64 -7.43 0.70
C TYR A 22 -1.69 -8.15 1.58
N MET A 23 -1.95 -7.60 2.76
CA MET A 23 -2.88 -8.12 3.79
C MET A 23 -3.76 -6.97 4.25
N LEU A 24 -5.04 -7.22 4.59
CA LEU A 24 -5.97 -6.17 5.05
C LEU A 24 -6.16 -6.30 6.58
N LEU A 25 -5.96 -5.17 7.24
CA LEU A 25 -5.78 -4.91 8.66
C LEU A 25 -6.81 -3.83 9.05
N SER A 26 -7.33 -3.95 10.27
CA SER A 26 -8.78 -3.95 10.39
C SER A 26 -9.48 -2.65 10.05
N GLN A 27 -10.47 -2.80 9.19
CA GLN A 27 -11.48 -1.81 8.84
C GLN A 27 -12.11 -1.21 10.10
N THR A 28 -11.97 0.11 10.25
CA THR A 28 -12.43 0.92 11.38
C THR A 28 -12.85 2.32 10.90
N GLY A 29 -13.21 3.23 11.81
CA GLY A 29 -13.51 4.62 11.49
C GLY A 29 -14.73 5.17 12.24
N PRO A 30 -15.28 6.33 11.81
CA PRO A 30 -16.34 7.06 12.49
C PRO A 30 -17.74 6.66 11.98
N VAL A 31 -17.87 5.41 11.51
CA VAL A 31 -18.96 4.83 10.70
C VAL A 31 -19.14 5.47 9.32
N HIS A 32 -19.24 6.80 9.24
CA HIS A 32 -19.52 7.55 8.02
C HIS A 32 -18.31 7.80 7.10
N ALA A 33 -17.11 7.34 7.50
CA ALA A 33 -15.88 7.37 6.69
C ALA A 33 -15.06 6.07 6.90
N PRO A 34 -15.53 4.91 6.39
CA PRO A 34 -14.81 3.65 6.51
C PRO A 34 -13.34 3.76 6.10
N LEU A 35 -12.46 3.34 6.99
CA LEU A 35 -11.01 3.38 6.84
C LEU A 35 -10.44 1.97 6.98
N PHE A 36 -9.56 1.63 6.06
CA PHE A 36 -8.95 0.32 5.84
C PHE A 36 -7.43 0.48 5.91
N VAL A 37 -6.70 -0.42 6.60
CA VAL A 37 -5.23 -0.40 6.53
C VAL A 37 -4.70 -1.66 5.88
N MET A 38 -3.74 -1.56 4.98
CA MET A 38 -3.07 -2.71 4.37
C MET A 38 -1.64 -2.78 4.84
N SER A 39 -1.18 -3.97 5.19
CA SER A 39 0.24 -4.24 5.45
C SER A 39 0.77 -4.94 4.22
N VAL A 40 1.81 -4.38 3.61
CA VAL A 40 2.44 -4.98 2.44
C VAL A 40 3.88 -5.33 2.72
N GLU A 41 4.24 -6.56 2.41
CA GLU A 41 5.49 -7.18 2.80
C GLU A 41 6.39 -7.22 1.58
N VAL A 42 7.59 -6.63 1.77
CA VAL A 42 8.50 -6.24 0.67
C VAL A 42 9.91 -6.86 0.67
N ASN A 43 10.34 -7.56 1.71
CA ASN A 43 11.73 -8.07 1.86
C ASN A 43 11.97 -9.01 3.08
N GLY A 44 11.04 -9.02 4.02
CA GLY A 44 11.14 -9.55 5.38
C GLY A 44 10.37 -8.75 6.44
N GLN A 45 9.64 -7.72 6.02
CA GLN A 45 8.98 -6.70 6.82
C GLN A 45 7.73 -6.21 6.08
N VAL A 46 6.67 -5.97 6.84
CA VAL A 46 5.39 -5.48 6.35
C VAL A 46 5.25 -4.00 6.69
N PHE A 47 4.75 -3.24 5.72
CA PHE A 47 4.66 -1.80 5.69
C PHE A 47 3.20 -1.39 5.59
N GLU A 48 2.71 -0.58 6.54
CA GLU A 48 1.27 -0.36 6.72
C GLU A 48 0.80 1.00 6.20
N GLY A 49 -0.21 1.03 5.32
CA GLY A 49 -0.77 2.23 4.70
C GLY A 49 -2.30 2.23 4.74
N SER A 50 -2.86 3.39 5.05
CA SER A 50 -4.29 3.62 5.31
C SER A 50 -4.99 4.31 4.14
N GLY A 51 -6.16 3.80 3.76
CA GLY A 51 -7.04 4.38 2.73
C GLY A 51 -8.52 4.32 3.12
N PRO A 52 -9.36 5.30 2.71
CA PRO A 52 -10.81 5.23 2.82
C PRO A 52 -11.47 4.12 1.94
N THR A 53 -10.63 3.29 1.30
CA THR A 53 -10.96 2.02 0.66
C THR A 53 -9.71 1.13 0.67
N LYS A 54 -9.87 -0.18 0.74
CA LYS A 54 -8.76 -1.15 0.72
C LYS A 54 -7.84 -1.02 -0.51
N LYS A 55 -8.39 -0.63 -1.67
CA LYS A 55 -7.64 -0.36 -2.92
C LYS A 55 -6.73 0.88 -2.85
N LYS A 56 -7.01 1.82 -1.94
CA LYS A 56 -6.15 2.99 -1.64
C LYS A 56 -5.21 2.70 -0.48
N ALA A 57 -5.64 1.87 0.49
CA ALA A 57 -4.79 1.34 1.55
C ALA A 57 -3.57 0.60 0.99
N LYS A 58 -3.76 -0.41 0.10
CA LYS A 58 -2.65 -1.07 -0.61
C LYS A 58 -1.74 -0.13 -1.40
N LEU A 59 -2.29 0.84 -2.13
CA LEU A 59 -1.50 1.89 -2.81
C LEU A 59 -0.58 2.58 -1.81
N HIS A 60 -1.14 3.11 -0.71
CA HIS A 60 -0.39 3.81 0.33
C HIS A 60 0.75 2.94 0.88
N ALA A 61 0.38 1.73 1.30
CA ALA A 61 1.27 0.74 1.88
C ALA A 61 2.45 0.46 0.95
N ALA A 62 2.15 -0.01 -0.27
CA ALA A 62 3.13 -0.32 -1.32
C ALA A 62 4.02 0.87 -1.68
N GLU A 63 3.41 2.02 -1.97
CA GLU A 63 4.12 3.24 -2.37
C GLU A 63 5.19 3.58 -1.34
N LYS A 64 4.77 3.88 -0.10
CA LYS A 64 5.70 4.09 1.00
C LYS A 64 6.63 2.90 1.23
N ALA A 65 6.18 1.66 1.09
CA ALA A 65 7.00 0.49 1.39
C ALA A 65 8.29 0.56 0.61
N LEU A 66 8.21 0.60 -0.74
CA LEU A 66 9.43 0.62 -1.52
C LEU A 66 10.12 2.00 -1.52
N ARG A 67 9.36 3.10 -1.51
CA ARG A 67 9.89 4.47 -1.33
C ARG A 67 10.72 4.66 -0.06
N SER A 68 10.15 4.41 1.11
CA SER A 68 10.81 4.39 2.43
C SER A 68 11.99 3.40 2.50
N PHE A 69 11.85 2.22 1.88
CA PHE A 69 12.94 1.25 1.71
C PHE A 69 14.13 1.80 0.88
N VAL A 70 13.89 2.59 -0.17
CA VAL A 70 14.93 3.33 -0.91
C VAL A 70 15.45 4.52 -0.09
N GLN A 71 14.57 5.14 0.71
CA GLN A 71 14.75 6.18 1.74
C GLN A 71 14.21 7.56 1.28
N PHE A 72 14.12 7.76 -0.05
CA PHE A 72 13.76 9.03 -0.70
C PHE A 72 12.98 8.79 -2.02
N PRO A 73 12.28 9.79 -2.58
CA PRO A 73 11.99 11.13 -2.04
C PRO A 73 10.82 11.11 -1.04
N PRO A 1 -3.87 8.60 -15.47
CA PRO A 1 -5.17 8.00 -15.09
C PRO A 1 -5.69 6.94 -16.08
N GLY A 2 -5.49 5.66 -15.75
CA GLY A 2 -6.02 4.50 -16.47
C GLY A 2 -5.41 3.15 -16.05
N PRO A 3 -5.83 2.52 -14.93
CA PRO A 3 -6.78 2.99 -13.89
C PRO A 3 -6.35 4.27 -13.16
N VAL A 4 -7.31 4.96 -12.52
CA VAL A 4 -7.27 6.39 -12.14
C VAL A 4 -5.96 6.89 -11.48
N LEU A 5 -5.34 6.10 -10.59
CA LEU A 5 -4.08 6.43 -9.92
C LEU A 5 -3.29 5.21 -9.39
N PRO A 6 -3.91 4.13 -8.84
CA PRO A 6 -3.19 2.99 -8.27
C PRO A 6 -2.13 2.34 -9.19
N LYS A 7 -2.34 2.42 -10.52
CA LYS A 7 -1.35 2.02 -11.54
C LYS A 7 0.07 2.46 -11.17
N ASN A 8 0.31 3.75 -10.94
CA ASN A 8 1.66 4.31 -10.81
C ASN A 8 2.48 3.68 -9.67
N ALA A 9 1.97 3.68 -8.43
CA ALA A 9 2.60 2.97 -7.32
C ALA A 9 2.71 1.45 -7.57
N LEU A 10 1.60 0.77 -7.91
CA LEU A 10 1.62 -0.68 -8.00
C LEU A 10 2.59 -1.12 -9.08
N MET A 11 2.55 -0.53 -10.27
CA MET A 11 3.58 -0.75 -11.27
C MET A 11 5.00 -0.44 -10.80
N GLN A 12 5.27 0.65 -10.05
CA GLN A 12 6.60 0.91 -9.49
C GLN A 12 7.13 -0.30 -8.71
N LEU A 13 6.46 -0.66 -7.61
CA LEU A 13 7.00 -1.71 -6.74
C LEU A 13 6.84 -3.12 -7.30
N ASN A 14 5.74 -3.43 -7.98
CA ASN A 14 5.61 -4.70 -8.71
C ASN A 14 6.65 -4.87 -9.83
N GLU A 15 7.14 -3.81 -10.47
CA GLU A 15 8.35 -3.92 -11.33
C GLU A 15 9.59 -4.25 -10.53
N ILE A 16 9.91 -3.37 -9.58
CA ILE A 16 11.15 -3.47 -8.80
C ILE A 16 11.25 -4.81 -8.03
N LYS A 17 10.12 -5.26 -7.47
CA LYS A 17 9.89 -6.47 -6.65
C LYS A 17 8.56 -7.13 -7.09
N PRO A 18 8.53 -8.02 -8.09
CA PRO A 18 7.29 -8.71 -8.52
C PRO A 18 6.89 -9.85 -7.54
N GLY A 19 6.77 -9.49 -6.26
CA GLY A 19 6.61 -10.43 -5.16
C GLY A 19 6.38 -9.72 -3.82
N LEU A 20 5.44 -8.78 -3.77
CA LEU A 20 4.94 -8.22 -2.51
C LEU A 20 3.70 -8.96 -2.01
N GLN A 21 3.51 -8.93 -0.69
CA GLN A 21 2.48 -9.72 0.00
C GLN A 21 1.62 -8.80 0.87
N TYR A 22 0.38 -8.57 0.45
CA TYR A 22 -0.57 -7.59 0.99
C TYR A 22 -1.65 -8.31 1.85
N MET A 23 -1.96 -7.74 3.03
CA MET A 23 -2.90 -8.25 4.03
C MET A 23 -3.79 -7.11 4.50
N LEU A 24 -5.09 -7.35 4.70
CA LEU A 24 -6.06 -6.30 5.06
C LEU A 24 -6.41 -6.39 6.56
N LEU A 25 -6.26 -5.27 7.26
CA LEU A 25 -6.41 -5.03 8.67
C LEU A 25 -7.65 -4.15 8.84
N SER A 26 -8.48 -4.51 9.81
CA SER A 26 -9.92 -4.53 9.61
C SER A 26 -10.57 -3.15 9.48
N GLN A 27 -11.48 -3.08 8.50
CA GLN A 27 -12.20 -1.86 8.18
C GLN A 27 -12.99 -1.29 9.37
N THR A 28 -12.84 0.01 9.57
CA THR A 28 -13.45 0.82 10.62
C THR A 28 -13.90 2.18 10.03
N GLY A 29 -14.26 3.17 10.84
CA GLY A 29 -14.59 4.52 10.38
C GLY A 29 -16.10 4.75 10.14
N PRO A 30 -16.47 5.95 9.67
CA PRO A 30 -17.84 6.40 9.52
C PRO A 30 -18.51 5.86 8.25
N VAL A 31 -19.83 6.08 8.16
CA VAL A 31 -20.65 5.91 6.95
C VAL A 31 -20.12 6.62 5.68
N HIS A 32 -19.39 7.72 5.84
CA HIS A 32 -18.91 8.56 4.73
C HIS A 32 -17.41 8.39 4.41
N ALA A 33 -16.68 7.61 5.22
CA ALA A 33 -15.24 7.39 5.11
C ALA A 33 -14.77 6.01 5.63
N PRO A 34 -15.36 4.87 5.20
CA PRO A 34 -14.86 3.53 5.55
C PRO A 34 -13.33 3.40 5.37
N LEU A 35 -12.61 3.12 6.44
CA LEU A 35 -11.14 3.16 6.49
C LEU A 35 -10.58 1.75 6.72
N PHE A 36 -9.78 1.32 5.75
CA PHE A 36 -9.13 0.03 5.63
C PHE A 36 -7.61 0.22 5.82
N VAL A 37 -6.91 -0.69 6.52
CA VAL A 37 -5.43 -0.69 6.51
C VAL A 37 -4.91 -1.91 5.77
N MET A 38 -3.90 -1.76 4.92
CA MET A 38 -3.13 -2.90 4.40
C MET A 38 -1.70 -2.88 4.92
N SER A 39 -1.22 -4.05 5.34
CA SER A 39 0.20 -4.31 5.52
C SER A 39 0.70 -4.93 4.24
N VAL A 40 1.76 -4.37 3.66
CA VAL A 40 2.42 -4.97 2.50
C VAL A 40 3.85 -5.31 2.83
N GLU A 41 4.22 -6.53 2.51
CA GLU A 41 5.50 -7.09 2.85
C GLU A 41 6.39 -7.12 1.62
N VAL A 42 7.58 -6.53 1.75
CA VAL A 42 8.43 -6.14 0.58
C VAL A 42 9.83 -6.79 0.51
N ASN A 43 10.29 -7.43 1.59
CA ASN A 43 11.67 -7.92 1.76
C ASN A 43 11.89 -8.82 3.00
N GLY A 44 10.86 -9.02 3.82
CA GLY A 44 10.96 -9.57 5.18
C GLY A 44 10.24 -8.78 6.27
N GLN A 45 9.74 -7.60 5.90
CA GLN A 45 9.10 -6.59 6.75
C GLN A 45 7.86 -6.08 6.05
N VAL A 46 6.82 -5.84 6.85
CA VAL A 46 5.52 -5.35 6.42
C VAL A 46 5.34 -3.88 6.77
N PHE A 47 4.82 -3.15 5.80
CA PHE A 47 4.66 -1.70 5.78
C PHE A 47 3.16 -1.39 5.75
N GLU A 48 2.67 -0.59 6.70
CA GLU A 48 1.22 -0.36 6.89
C GLU A 48 0.80 0.93 6.19
N GLY A 49 -0.26 0.88 5.39
CA GLY A 49 -0.91 2.08 4.91
C GLY A 49 -2.43 2.01 4.98
N SER A 50 -3.05 3.10 5.43
CA SER A 50 -4.49 3.22 5.58
C SER A 50 -5.10 4.09 4.47
N GLY A 51 -6.20 3.61 3.87
CA GLY A 51 -6.95 4.29 2.82
C GLY A 51 -8.48 4.22 3.01
N PRO A 52 -9.25 5.22 2.55
CA PRO A 52 -10.72 5.21 2.55
C PRO A 52 -11.35 4.17 1.58
N THR A 53 -10.52 3.28 1.02
CA THR A 53 -10.85 2.03 0.32
C THR A 53 -9.61 1.13 0.39
N LYS A 54 -9.77 -0.20 0.40
CA LYS A 54 -8.65 -1.15 0.46
C LYS A 54 -7.62 -0.99 -0.68
N LYS A 55 -8.05 -0.53 -1.86
CA LYS A 55 -7.16 -0.21 -3.00
C LYS A 55 -6.25 0.99 -2.74
N LYS A 56 -6.72 2.00 -2.00
CA LYS A 56 -5.88 3.12 -1.53
C LYS A 56 -5.01 2.71 -0.33
N ALA A 57 -5.51 1.82 0.54
CA ALA A 57 -4.75 1.28 1.66
C ALA A 57 -3.48 0.53 1.19
N LYS A 58 -3.63 -0.49 0.33
CA LYS A 58 -2.48 -1.16 -0.31
C LYS A 58 -1.57 -0.25 -1.12
N LEU A 59 -2.12 0.70 -1.90
CA LEU A 59 -1.31 1.72 -2.57
C LEU A 59 -0.45 2.49 -1.56
N HIS A 60 -1.03 3.00 -0.47
CA HIS A 60 -0.31 3.73 0.58
C HIS A 60 0.85 2.90 1.16
N ALA A 61 0.52 1.66 1.53
CA ALA A 61 1.47 0.67 2.05
C ALA A 61 2.64 0.48 1.08
N ALA A 62 2.34 0.00 -0.12
CA ALA A 62 3.28 -0.27 -1.22
C ALA A 62 4.14 0.93 -1.61
N GLU A 63 3.47 2.07 -1.85
CA GLU A 63 4.10 3.34 -2.23
C GLU A 63 5.16 3.71 -1.21
N LYS A 64 4.79 3.92 0.07
CA LYS A 64 5.78 4.14 1.11
C LYS A 64 6.81 3.02 1.19
N ALA A 65 6.41 1.76 1.03
CA ALA A 65 7.30 0.61 1.24
C ALA A 65 8.54 0.77 0.38
N LEU A 66 8.37 0.77 -0.95
CA LEU A 66 9.53 0.92 -1.83
C LEU A 66 10.10 2.35 -1.88
N ARG A 67 9.27 3.40 -1.74
CA ARG A 67 9.73 4.79 -1.57
C ARG A 67 10.69 4.96 -0.39
N SER A 68 10.25 4.65 0.83
CA SER A 68 11.05 4.62 2.08
C SER A 68 12.29 3.72 1.99
N PHE A 69 12.18 2.59 1.28
CA PHE A 69 13.29 1.70 0.99
C PHE A 69 14.38 2.33 0.08
N VAL A 70 14.02 3.18 -0.89
CA VAL A 70 14.98 3.88 -1.78
C VAL A 70 15.42 5.27 -1.24
N GLN A 71 14.48 6.02 -0.67
CA GLN A 71 14.55 7.45 -0.30
C GLN A 71 13.60 7.70 0.91
N PHE A 72 12.93 8.87 1.04
CA PHE A 72 11.97 9.13 2.13
C PHE A 72 10.69 9.96 1.84
N PRO A 73 10.57 10.84 0.82
CA PRO A 73 11.57 11.33 -0.14
C PRO A 73 12.86 11.90 0.47
N PRO A 1 -13.41 -13.08 -8.53
CA PRO A 1 -12.35 -12.26 -7.86
C PRO A 1 -11.06 -12.25 -8.69
N GLY A 2 -10.16 -11.30 -8.39
CA GLY A 2 -8.87 -11.14 -9.08
C GLY A 2 -8.01 -10.02 -8.49
N PRO A 3 -6.81 -9.79 -9.03
CA PRO A 3 -5.91 -8.72 -8.59
C PRO A 3 -6.44 -7.34 -8.98
N VAL A 4 -5.92 -6.29 -8.30
CA VAL A 4 -6.20 -4.88 -8.62
C VAL A 4 -4.95 -4.04 -8.29
N LEU A 5 -4.56 -3.15 -9.21
CA LEU A 5 -3.23 -2.53 -9.22
C LEU A 5 -3.29 -1.01 -9.51
N PRO A 6 -3.67 -0.16 -8.53
CA PRO A 6 -3.60 1.31 -8.63
C PRO A 6 -2.29 1.83 -9.23
N LYS A 7 -2.39 2.37 -10.46
CA LYS A 7 -1.35 2.26 -11.49
C LYS A 7 0.05 2.66 -11.00
N ASN A 8 0.26 3.92 -10.66
CA ASN A 8 1.60 4.51 -10.46
C ASN A 8 2.44 3.79 -9.37
N ALA A 9 1.96 3.74 -8.12
CA ALA A 9 2.62 2.97 -7.07
C ALA A 9 2.73 1.48 -7.43
N LEU A 10 1.61 0.83 -7.80
CA LEU A 10 1.64 -0.62 -7.92
C LEU A 10 2.57 -1.04 -9.06
N MET A 11 2.52 -0.37 -10.21
CA MET A 11 3.54 -0.57 -11.24
C MET A 11 4.97 -0.33 -10.74
N GLN A 12 5.25 0.75 -9.98
CA GLN A 12 6.58 1.03 -9.41
C GLN A 12 7.13 -0.21 -8.67
N LEU A 13 6.48 -0.61 -7.59
CA LEU A 13 7.02 -1.70 -6.77
C LEU A 13 6.83 -3.08 -7.38
N ASN A 14 5.74 -3.35 -8.11
CA ASN A 14 5.59 -4.59 -8.88
C ASN A 14 6.72 -4.75 -9.90
N GLU A 15 7.17 -3.69 -10.57
CA GLU A 15 8.35 -3.76 -11.45
C GLU A 15 9.61 -4.07 -10.66
N ILE A 16 9.91 -3.20 -9.69
CA ILE A 16 11.13 -3.29 -8.90
C ILE A 16 11.26 -4.64 -8.12
N LYS A 17 10.12 -5.12 -7.60
CA LYS A 17 9.91 -6.32 -6.76
C LYS A 17 8.58 -7.01 -7.17
N PRO A 18 8.56 -7.90 -8.17
CA PRO A 18 7.34 -8.62 -8.60
C PRO A 18 6.94 -9.75 -7.64
N GLY A 19 6.82 -9.41 -6.36
CA GLY A 19 6.62 -10.37 -5.27
C GLY A 19 6.37 -9.71 -3.91
N LEU A 20 5.43 -8.75 -3.83
CA LEU A 20 4.96 -8.16 -2.56
C LEU A 20 3.67 -8.80 -2.07
N GLN A 21 3.50 -8.82 -0.75
CA GLN A 21 2.44 -9.59 -0.08
C GLN A 21 1.58 -8.69 0.82
N TYR A 22 0.33 -8.46 0.42
CA TYR A 22 -0.63 -7.50 0.99
C TYR A 22 -1.67 -8.23 1.87
N MET A 23 -1.95 -7.68 3.04
CA MET A 23 -2.85 -8.17 4.09
C MET A 23 -3.73 -7.01 4.54
N LEU A 24 -5.02 -7.25 4.82
CA LEU A 24 -6.02 -6.21 5.13
C LEU A 24 -6.44 -6.26 6.59
N LEU A 25 -6.43 -5.08 7.21
CA LEU A 25 -6.68 -4.81 8.61
C LEU A 25 -7.61 -3.59 8.73
N SER A 26 -8.11 -3.38 9.94
CA SER A 26 -9.55 -3.41 10.10
C SER A 26 -10.29 -2.17 9.63
N GLN A 27 -11.33 -2.45 8.86
CA GLN A 27 -12.31 -1.51 8.36
C GLN A 27 -13.03 -0.77 9.50
N THR A 28 -12.98 0.56 9.46
CA THR A 28 -13.60 1.51 10.41
C THR A 28 -13.88 2.85 9.70
N GLY A 29 -14.13 3.96 10.40
CA GLY A 29 -14.01 5.29 9.79
C GLY A 29 -14.67 6.46 10.54
N PRO A 30 -14.48 7.70 10.06
CA PRO A 30 -14.92 8.95 10.70
C PRO A 30 -16.43 9.24 10.51
N VAL A 31 -17.28 8.21 10.57
CA VAL A 31 -18.75 8.21 10.36
C VAL A 31 -19.21 8.49 8.90
N HIS A 32 -18.42 9.20 8.10
CA HIS A 32 -18.78 9.69 6.76
C HIS A 32 -17.84 9.18 5.64
N ALA A 33 -16.79 8.43 5.99
CA ALA A 33 -15.83 7.81 5.08
C ALA A 33 -15.43 6.44 5.63
N PRO A 34 -15.60 5.33 4.88
CA PRO A 34 -14.86 4.11 5.15
C PRO A 34 -13.35 4.35 5.18
N LEU A 35 -12.64 3.60 6.03
CA LEU A 35 -11.19 3.55 6.16
C LEU A 35 -10.74 2.10 6.35
N PHE A 36 -9.69 1.71 5.63
CA PHE A 36 -9.07 0.39 5.63
C PHE A 36 -7.55 0.55 5.76
N VAL A 37 -6.86 -0.42 6.36
CA VAL A 37 -5.38 -0.42 6.42
C VAL A 37 -4.83 -1.71 5.82
N MET A 38 -3.80 -1.64 4.98
CA MET A 38 -3.11 -2.82 4.43
C MET A 38 -1.65 -2.85 4.86
N SER A 39 -1.16 -4.03 5.26
CA SER A 39 0.25 -4.29 5.49
C SER A 39 0.79 -5.00 4.25
N VAL A 40 1.80 -4.43 3.61
CA VAL A 40 2.44 -5.02 2.42
C VAL A 40 3.87 -5.39 2.71
N GLU A 41 4.28 -6.58 2.30
CA GLU A 41 5.56 -7.16 2.66
C GLU A 41 6.48 -7.08 1.45
N VAL A 42 7.63 -6.43 1.66
CA VAL A 42 8.55 -5.98 0.57
C VAL A 42 9.94 -6.64 0.52
N ASN A 43 10.42 -7.29 1.60
CA ASN A 43 11.82 -7.75 1.74
C ASN A 43 12.11 -8.69 2.96
N GLY A 44 11.12 -8.94 3.81
CA GLY A 44 11.24 -9.50 5.16
C GLY A 44 10.45 -8.76 6.24
N GLN A 45 9.71 -7.74 5.85
CA GLN A 45 9.02 -6.76 6.70
C GLN A 45 7.77 -6.25 5.97
N VAL A 46 6.68 -6.13 6.73
CA VAL A 46 5.41 -5.59 6.25
C VAL A 46 5.25 -4.13 6.70
N PHE A 47 4.80 -3.33 5.75
CA PHE A 47 4.66 -1.88 5.79
C PHE A 47 3.17 -1.53 5.73
N GLU A 48 2.63 -0.75 6.68
CA GLU A 48 1.19 -0.50 6.78
C GLU A 48 0.79 0.88 6.26
N GLY A 49 -0.22 0.93 5.39
CA GLY A 49 -0.78 2.14 4.79
C GLY A 49 -2.30 2.14 4.88
N SER A 50 -2.85 3.29 5.25
CA SER A 50 -4.28 3.54 5.48
C SER A 50 -4.89 4.33 4.32
N GLY A 51 -5.97 3.81 3.72
CA GLY A 51 -6.73 4.48 2.65
C GLY A 51 -8.24 4.38 2.85
N PRO A 52 -9.04 5.33 2.34
CA PRO A 52 -10.51 5.29 2.44
C PRO A 52 -11.19 4.15 1.66
N THR A 53 -10.39 3.27 1.05
CA THR A 53 -10.76 2.00 0.43
C THR A 53 -9.53 1.09 0.50
N LYS A 54 -9.71 -0.24 0.61
CA LYS A 54 -8.61 -1.22 0.62
C LYS A 54 -7.60 -1.06 -0.52
N LYS A 55 -8.06 -0.58 -1.68
CA LYS A 55 -7.26 -0.25 -2.87
C LYS A 55 -6.33 0.97 -2.65
N LYS A 56 -6.79 2.00 -1.94
CA LYS A 56 -5.94 3.13 -1.52
C LYS A 56 -5.08 2.78 -0.31
N ALA A 57 -5.53 1.87 0.56
CA ALA A 57 -4.74 1.33 1.66
C ALA A 57 -3.50 0.57 1.14
N LYS A 58 -3.69 -0.46 0.31
CA LYS A 58 -2.57 -1.13 -0.38
C LYS A 58 -1.70 -0.23 -1.25
N LEU A 59 -2.27 0.73 -1.98
CA LEU A 59 -1.51 1.78 -2.67
C LEU A 59 -0.58 2.51 -1.69
N HIS A 60 -1.12 3.03 -0.59
CA HIS A 60 -0.36 3.74 0.44
C HIS A 60 0.78 2.88 0.98
N ALA A 61 0.43 1.65 1.39
CA ALA A 61 1.35 0.67 1.92
C ALA A 61 2.49 0.41 0.94
N ALA A 62 2.17 0.01 -0.28
CA ALA A 62 3.10 -0.24 -1.38
C ALA A 62 4.01 0.95 -1.69
N GLU A 63 3.40 2.12 -1.95
CA GLU A 63 4.06 3.36 -2.29
C GLU A 63 5.16 3.67 -1.27
N LYS A 64 4.77 3.89 0.00
CA LYS A 64 5.73 4.10 1.07
C LYS A 64 6.67 2.92 1.26
N ALA A 65 6.21 1.66 1.10
CA ALA A 65 7.04 0.50 1.35
C ALA A 65 8.31 0.60 0.52
N LEU A 66 8.18 0.65 -0.82
CA LEU A 66 9.37 0.80 -1.63
C LEU A 66 10.03 2.19 -1.52
N ARG A 67 9.26 3.27 -1.32
CA ARG A 67 9.80 4.63 -1.06
C ARG A 67 10.76 4.64 0.14
N SER A 68 10.23 4.37 1.32
CA SER A 68 10.94 4.29 2.61
C SER A 68 12.10 3.29 2.59
N PHE A 69 11.92 2.15 1.92
CA PHE A 69 12.97 1.15 1.67
C PHE A 69 14.16 1.70 0.84
N VAL A 70 13.91 2.52 -0.19
CA VAL A 70 14.96 3.21 -0.96
C VAL A 70 15.55 4.39 -0.18
N GLN A 71 14.70 5.23 0.42
CA GLN A 71 15.06 6.29 1.36
C GLN A 71 13.85 6.72 2.22
N PHE A 72 13.93 6.45 3.53
CA PHE A 72 13.01 6.97 4.54
C PHE A 72 13.02 8.52 4.61
N PRO A 73 11.93 9.17 5.07
CA PRO A 73 10.65 8.58 5.49
C PRO A 73 9.84 8.01 4.31
N PRO A 1 -16.06 0.77 -10.61
CA PRO A 1 -15.31 0.68 -9.33
C PRO A 1 -13.95 1.41 -9.41
N GLY A 2 -13.36 1.75 -8.27
CA GLY A 2 -12.10 2.49 -8.18
C GLY A 2 -11.62 2.77 -6.74
N PRO A 3 -10.56 3.58 -6.57
CA PRO A 3 -9.77 4.22 -7.62
C PRO A 3 -8.92 3.21 -8.42
N VAL A 4 -8.57 3.59 -9.65
CA VAL A 4 -7.80 2.74 -10.60
C VAL A 4 -6.46 3.39 -11.02
N LEU A 5 -6.24 4.64 -10.63
CA LEU A 5 -4.95 5.35 -10.67
C LEU A 5 -3.81 4.67 -9.85
N PRO A 6 -4.05 3.91 -8.76
CA PRO A 6 -3.03 3.11 -8.06
C PRO A 6 -2.13 2.21 -8.90
N LYS A 7 -2.47 1.96 -10.18
CA LYS A 7 -1.54 1.38 -11.16
C LYS A 7 -0.15 2.01 -11.11
N ASN A 8 -0.01 3.30 -10.79
CA ASN A 8 1.28 4.01 -10.68
C ASN A 8 2.22 3.42 -9.61
N ALA A 9 1.86 3.45 -8.32
CA ALA A 9 2.59 2.77 -7.26
C ALA A 9 2.73 1.26 -7.53
N LEU A 10 1.62 0.58 -7.83
CA LEU A 10 1.59 -0.87 -7.93
C LEU A 10 2.52 -1.35 -9.04
N MET A 11 2.48 -0.70 -10.21
CA MET A 11 3.51 -0.93 -11.22
C MET A 11 4.94 -0.62 -10.74
N GLN A 12 5.20 0.50 -10.05
CA GLN A 12 6.54 0.82 -9.50
C GLN A 12 7.14 -0.36 -8.72
N LEU A 13 6.51 -0.74 -7.61
CA LEU A 13 7.07 -1.79 -6.76
C LEU A 13 6.95 -3.18 -7.34
N ASN A 14 5.85 -3.53 -8.03
CA ASN A 14 5.76 -4.79 -8.77
C ASN A 14 6.89 -4.95 -9.81
N GLU A 15 7.30 -3.89 -10.51
CA GLU A 15 8.52 -3.94 -11.35
C GLU A 15 9.77 -4.23 -10.51
N ILE A 16 10.05 -3.31 -9.57
CA ILE A 16 11.29 -3.33 -8.79
C ILE A 16 11.46 -4.64 -7.98
N LYS A 17 10.34 -5.15 -7.44
CA LYS A 17 10.16 -6.28 -6.52
C LYS A 17 8.89 -7.06 -6.92
N PRO A 18 8.91 -7.97 -7.91
CA PRO A 18 7.73 -8.74 -8.35
C PRO A 18 7.38 -9.88 -7.38
N GLY A 19 7.14 -9.51 -6.12
CA GLY A 19 6.99 -10.41 -4.99
C GLY A 19 6.63 -9.65 -3.70
N LEU A 20 5.56 -8.85 -3.74
CA LEU A 20 4.99 -8.23 -2.54
C LEU A 20 3.73 -8.93 -2.06
N GLN A 21 3.53 -8.89 -0.74
CA GLN A 21 2.49 -9.65 -0.06
C GLN A 21 1.61 -8.67 0.75
N TYR A 22 0.40 -8.38 0.26
CA TYR A 22 -0.54 -7.40 0.82
C TYR A 22 -1.57 -8.15 1.66
N MET A 23 -1.84 -7.63 2.85
CA MET A 23 -2.69 -8.24 3.88
C MET A 23 -3.59 -7.15 4.43
N LEU A 24 -4.89 -7.42 4.61
CA LEU A 24 -5.87 -6.41 4.96
C LEU A 24 -6.26 -6.50 6.42
N LEU A 25 -6.30 -5.33 7.03
CA LEU A 25 -6.74 -5.08 8.37
C LEU A 25 -7.93 -4.11 8.34
N SER A 26 -8.94 -4.43 9.12
CA SER A 26 -10.28 -3.88 8.95
C SER A 26 -10.87 -3.42 10.26
N GLN A 27 -11.50 -2.26 10.33
CA GLN A 27 -11.86 -1.18 9.40
C GLN A 27 -12.63 -0.16 10.28
N THR A 28 -12.37 1.13 10.11
CA THR A 28 -12.90 2.22 10.95
C THR A 28 -13.48 3.34 10.06
N GLY A 29 -13.80 4.51 10.62
CA GLY A 29 -14.32 5.63 9.86
C GLY A 29 -15.81 5.50 9.47
N PRO A 30 -16.30 6.39 8.58
CA PRO A 30 -17.71 6.59 8.28
C PRO A 30 -18.16 5.85 7.00
N VAL A 31 -19.47 5.80 6.75
CA VAL A 31 -20.08 5.19 5.55
C VAL A 31 -19.55 5.79 4.23
N HIS A 32 -19.14 7.06 4.24
CA HIS A 32 -18.62 7.80 3.08
C HIS A 32 -17.09 7.78 2.93
N ALA A 33 -16.35 7.16 3.87
CA ALA A 33 -14.90 6.95 3.79
C ALA A 33 -14.41 5.68 4.54
N PRO A 34 -15.03 4.48 4.39
CA PRO A 34 -14.69 3.31 5.19
C PRO A 34 -13.19 2.99 5.17
N LEU A 35 -12.53 3.09 6.31
CA LEU A 35 -11.08 3.21 6.39
C LEU A 35 -10.45 1.90 6.81
N PHE A 36 -9.76 1.32 5.84
CA PHE A 36 -9.00 0.07 5.93
C PHE A 36 -7.51 0.36 5.99
N VAL A 37 -6.75 -0.55 6.60
CA VAL A 37 -5.29 -0.49 6.57
C VAL A 37 -4.75 -1.77 5.95
N MET A 38 -3.77 -1.68 5.04
CA MET A 38 -3.09 -2.84 4.46
C MET A 38 -1.64 -2.87 4.90
N SER A 39 -1.17 -4.06 5.28
CA SER A 39 0.25 -4.33 5.55
C SER A 39 0.81 -5.03 4.32
N VAL A 40 1.73 -4.36 3.61
CA VAL A 40 2.38 -4.91 2.43
C VAL A 40 3.82 -5.28 2.74
N GLU A 41 4.21 -6.47 2.36
CA GLU A 41 5.50 -7.04 2.68
C GLU A 41 6.40 -6.99 1.45
N VAL A 42 7.62 -6.45 1.65
CA VAL A 42 8.52 -6.03 0.53
C VAL A 42 9.92 -6.67 0.44
N ASN A 43 10.39 -7.37 1.48
CA ASN A 43 11.79 -7.86 1.57
C ASN A 43 12.06 -8.87 2.72
N GLY A 44 11.12 -8.99 3.65
CA GLY A 44 11.24 -9.62 4.97
C GLY A 44 10.46 -8.91 6.08
N GLN A 45 9.68 -7.88 5.72
CA GLN A 45 9.02 -6.93 6.62
C GLN A 45 7.80 -6.33 5.92
N VAL A 46 6.75 -6.10 6.71
CA VAL A 46 5.46 -5.53 6.28
C VAL A 46 5.35 -4.07 6.73
N PHE A 47 4.87 -3.26 5.80
CA PHE A 47 4.74 -1.81 5.81
C PHE A 47 3.24 -1.47 5.76
N GLU A 48 2.72 -0.68 6.70
CA GLU A 48 1.27 -0.46 6.84
C GLU A 48 0.82 0.91 6.33
N GLY A 49 -0.21 0.91 5.48
CA GLY A 49 -0.79 2.09 4.85
C GLY A 49 -2.32 2.09 4.89
N SER A 50 -2.90 3.26 5.16
CA SER A 50 -4.33 3.49 5.42
C SER A 50 -5.05 4.14 4.23
N GLY A 51 -6.25 3.64 3.90
CA GLY A 51 -7.09 4.17 2.82
C GLY A 51 -8.61 3.96 2.97
N PRO A 52 -9.44 4.97 2.63
CA PRO A 52 -10.90 4.95 2.82
C PRO A 52 -11.69 4.09 1.80
N THR A 53 -11.02 3.09 1.20
CA THR A 53 -11.51 2.30 0.05
C THR A 53 -10.72 1.00 -0.19
N LYS A 54 -9.84 0.59 0.75
CA LYS A 54 -8.75 -0.43 0.70
C LYS A 54 -7.75 -0.39 -0.46
N LYS A 55 -8.18 -0.03 -1.67
CA LYS A 55 -7.34 0.18 -2.87
C LYS A 55 -6.36 1.36 -2.70
N LYS A 56 -6.78 2.42 -1.99
CA LYS A 56 -5.91 3.52 -1.54
C LYS A 56 -5.09 3.17 -0.28
N ALA A 57 -5.47 2.14 0.48
CA ALA A 57 -4.70 1.59 1.61
C ALA A 57 -3.49 0.78 1.14
N LYS A 58 -3.70 -0.27 0.32
CA LYS A 58 -2.60 -0.98 -0.39
C LYS A 58 -1.72 -0.07 -1.24
N LEU A 59 -2.28 0.94 -1.92
CA LEU A 59 -1.49 2.02 -2.56
C LEU A 59 -0.53 2.65 -1.55
N HIS A 60 -1.05 3.15 -0.42
CA HIS A 60 -0.27 3.83 0.62
C HIS A 60 0.88 2.94 1.11
N ALA A 61 0.51 1.71 1.48
CA ALA A 61 1.42 0.67 1.95
C ALA A 61 2.52 0.43 0.93
N ALA A 62 2.17 0.06 -0.31
CA ALA A 62 3.08 -0.20 -1.43
C ALA A 62 4.01 0.98 -1.73
N GLU A 63 3.42 2.14 -1.97
CA GLU A 63 4.13 3.38 -2.33
C GLU A 63 5.20 3.67 -1.29
N LYS A 64 4.81 3.95 -0.04
CA LYS A 64 5.77 4.14 1.05
C LYS A 64 6.69 2.94 1.22
N ALA A 65 6.24 1.70 1.06
CA ALA A 65 7.07 0.53 1.30
C ALA A 65 8.34 0.62 0.48
N LEU A 66 8.21 0.64 -0.87
CA LEU A 66 9.43 0.71 -1.66
C LEU A 66 10.13 2.10 -1.60
N ARG A 67 9.36 3.20 -1.58
CA ARG A 67 9.86 4.57 -1.43
C ARG A 67 10.72 4.79 -0.18
N SER A 68 10.17 4.50 0.99
CA SER A 68 10.86 4.47 2.29
C SER A 68 12.06 3.51 2.30
N PHE A 69 11.91 2.29 1.76
CA PHE A 69 13.01 1.34 1.56
C PHE A 69 14.17 1.90 0.71
N VAL A 70 13.88 2.79 -0.26
CA VAL A 70 14.87 3.54 -1.06
C VAL A 70 15.38 4.82 -0.36
N GLN A 71 14.72 5.28 0.72
CA GLN A 71 14.92 6.60 1.34
C GLN A 71 14.92 7.73 0.27
N PHE A 72 13.85 7.78 -0.51
CA PHE A 72 13.70 8.64 -1.70
C PHE A 72 13.99 10.16 -1.54
N PRO A 73 13.81 10.85 -0.38
CA PRO A 73 13.04 10.48 0.83
C PRO A 73 11.58 10.07 0.58
N PRO A 1 7.10 1.03 -16.37
CA PRO A 1 5.64 1.19 -16.37
C PRO A 1 4.93 0.07 -17.15
N GLY A 2 4.35 -0.92 -16.44
CA GLY A 2 3.72 -2.10 -17.07
C GLY A 2 2.53 -2.73 -16.31
N PRO A 3 2.68 -3.14 -15.02
CA PRO A 3 1.60 -3.78 -14.26
C PRO A 3 0.29 -2.96 -14.24
N VAL A 4 -0.81 -3.60 -14.65
CA VAL A 4 -2.16 -3.03 -14.83
C VAL A 4 -2.91 -2.78 -13.50
N LEU A 5 -2.24 -2.10 -12.56
CA LEU A 5 -2.62 -2.02 -11.14
C LEU A 5 -2.54 -0.56 -10.61
N PRO A 6 -3.20 -0.24 -9.47
CA PRO A 6 -3.31 1.11 -8.90
C PRO A 6 -2.08 2.02 -8.95
N LYS A 7 -2.10 2.96 -9.91
CA LYS A 7 -1.19 4.12 -10.00
C LYS A 7 0.27 3.75 -10.31
N ASN A 8 1.06 4.83 -10.50
CA ASN A 8 2.52 4.76 -10.59
C ASN A 8 3.14 4.00 -9.42
N ALA A 9 2.54 4.00 -8.23
CA ALA A 9 2.94 3.14 -7.12
C ALA A 9 2.85 1.64 -7.40
N LEU A 10 1.67 1.07 -7.67
CA LEU A 10 1.59 -0.39 -7.84
C LEU A 10 2.46 -0.82 -9.01
N MET A 11 2.39 -0.11 -10.14
CA MET A 11 3.36 -0.42 -11.19
C MET A 11 4.84 -0.31 -10.75
N GLN A 12 5.24 0.71 -9.99
CA GLN A 12 6.61 0.90 -9.44
C GLN A 12 7.08 -0.36 -8.70
N LEU A 13 6.46 -0.69 -7.56
CA LEU A 13 6.96 -1.79 -6.75
C LEU A 13 6.69 -3.16 -7.36
N ASN A 14 5.57 -3.37 -8.04
CA ASN A 14 5.32 -4.60 -8.78
C ASN A 14 6.37 -4.83 -9.88
N GLU A 15 6.91 -3.79 -10.54
CA GLU A 15 8.06 -3.96 -11.43
C GLU A 15 9.34 -4.32 -10.68
N ILE A 16 9.72 -3.46 -9.74
CA ILE A 16 10.96 -3.59 -8.99
C ILE A 16 11.05 -4.92 -8.22
N LYS A 17 9.90 -5.35 -7.68
CA LYS A 17 9.64 -6.54 -6.84
C LYS A 17 8.28 -7.15 -7.22
N PRO A 18 8.19 -8.05 -8.22
CA PRO A 18 6.95 -8.73 -8.59
C PRO A 18 6.58 -9.86 -7.59
N GLY A 19 6.56 -9.51 -6.30
CA GLY A 19 6.45 -10.45 -5.18
C GLY A 19 6.29 -9.73 -3.83
N LEU A 20 5.34 -8.78 -3.73
CA LEU A 20 4.91 -8.21 -2.46
C LEU A 20 3.67 -8.90 -1.93
N GLN A 21 3.57 -8.95 -0.60
CA GLN A 21 2.55 -9.73 0.09
C GLN A 21 1.69 -8.79 0.97
N TYR A 22 0.44 -8.59 0.57
CA TYR A 22 -0.51 -7.61 1.12
C TYR A 22 -1.54 -8.34 2.02
N MET A 23 -1.81 -7.75 3.19
CA MET A 23 -2.69 -8.25 4.24
C MET A 23 -3.58 -7.09 4.69
N LEU A 24 -4.88 -7.34 4.92
CA LEU A 24 -5.89 -6.31 5.21
C LEU A 24 -6.32 -6.35 6.68
N LEU A 25 -6.37 -5.17 7.27
CA LEU A 25 -6.63 -4.91 8.67
C LEU A 25 -7.67 -3.79 8.79
N SER A 26 -8.34 -3.80 9.94
CA SER A 26 -9.79 -3.74 9.93
C SER A 26 -10.38 -2.36 9.71
N GLN A 27 -11.38 -2.33 8.84
CA GLN A 27 -12.10 -1.14 8.48
C GLN A 27 -12.77 -0.42 9.66
N THR A 28 -12.59 0.90 9.66
CA THR A 28 -13.21 1.90 10.55
C THR A 28 -13.62 3.10 9.69
N GLY A 29 -13.89 4.26 10.26
CA GLY A 29 -13.99 5.52 9.50
C GLY A 29 -14.85 6.59 10.17
N PRO A 30 -14.93 7.79 9.56
CA PRO A 30 -15.67 8.95 10.07
C PRO A 30 -17.16 8.89 9.65
N VAL A 31 -17.72 7.67 9.61
CA VAL A 31 -18.95 7.24 8.94
C VAL A 31 -18.95 7.43 7.41
N HIS A 32 -18.59 8.61 6.91
CA HIS A 32 -18.72 9.02 5.51
C HIS A 32 -17.55 8.61 4.58
N ALA A 33 -16.50 7.98 5.11
CA ALA A 33 -15.30 7.57 4.37
C ALA A 33 -14.68 6.27 4.95
N PRO A 34 -15.27 5.09 4.68
CA PRO A 34 -14.76 3.81 5.16
C PRO A 34 -13.26 3.63 4.91
N LEU A 35 -12.50 3.41 5.99
CA LEU A 35 -11.05 3.51 6.04
C LEU A 35 -10.49 2.16 6.48
N PHE A 36 -9.72 1.57 5.56
CA PHE A 36 -9.09 0.26 5.63
C PHE A 36 -7.58 0.45 5.76
N VAL A 37 -6.88 -0.50 6.39
CA VAL A 37 -5.40 -0.47 6.43
C VAL A 37 -4.83 -1.76 5.88
N MET A 38 -3.80 -1.69 5.03
CA MET A 38 -3.10 -2.87 4.51
C MET A 38 -1.64 -2.86 4.94
N SER A 39 -1.13 -4.00 5.40
CA SER A 39 0.30 -4.24 5.59
C SER A 39 0.80 -4.91 4.31
N VAL A 40 1.79 -4.33 3.66
CA VAL A 40 2.44 -4.94 2.50
C VAL A 40 3.89 -5.25 2.79
N GLU A 41 4.30 -6.43 2.41
CA GLU A 41 5.59 -6.98 2.75
C GLU A 41 6.48 -6.97 1.52
N VAL A 42 7.65 -6.34 1.67
CA VAL A 42 8.49 -5.89 0.53
C VAL A 42 9.89 -6.54 0.43
N ASN A 43 10.34 -7.25 1.46
CA ASN A 43 11.72 -7.75 1.63
C ASN A 43 11.96 -8.64 2.88
N GLY A 44 10.92 -8.92 3.67
CA GLY A 44 11.02 -9.52 5.00
C GLY A 44 10.30 -8.77 6.12
N GLN A 45 9.80 -7.58 5.79
CA GLN A 45 9.18 -6.59 6.66
C GLN A 45 7.92 -6.07 5.97
N VAL A 46 6.89 -5.85 6.78
CA VAL A 46 5.58 -5.35 6.35
C VAL A 46 5.41 -3.89 6.74
N PHE A 47 4.79 -3.16 5.83
CA PHE A 47 4.65 -1.71 5.80
C PHE A 47 3.15 -1.39 5.73
N GLU A 48 2.61 -0.63 6.69
CA GLU A 48 1.16 -0.40 6.78
C GLU A 48 0.74 0.97 6.23
N GLY A 49 -0.25 0.98 5.33
CA GLY A 49 -0.84 2.16 4.72
C GLY A 49 -2.36 2.14 4.80
N SER A 50 -2.94 3.28 5.16
CA SER A 50 -4.37 3.48 5.39
C SER A 50 -5.00 4.23 4.21
N GLY A 51 -6.10 3.72 3.66
CA GLY A 51 -6.84 4.34 2.55
C GLY A 51 -8.37 4.25 2.71
N PRO A 52 -9.15 5.23 2.22
CA PRO A 52 -10.62 5.21 2.20
C PRO A 52 -11.24 4.14 1.25
N THR A 53 -10.49 3.08 0.98
CA THR A 53 -10.81 1.83 0.26
C THR A 53 -9.58 0.93 0.35
N LYS A 54 -9.76 -0.40 0.50
CA LYS A 54 -8.65 -1.37 0.61
C LYS A 54 -7.62 -1.28 -0.53
N LYS A 55 -8.05 -0.90 -1.74
CA LYS A 55 -7.21 -0.69 -2.93
C LYS A 55 -6.34 0.57 -2.85
N LYS A 56 -6.77 1.59 -2.09
CA LYS A 56 -5.97 2.79 -1.78
C LYS A 56 -5.09 2.56 -0.54
N ALA A 57 -5.57 1.76 0.43
CA ALA A 57 -4.78 1.33 1.58
C ALA A 57 -3.53 0.55 1.15
N LYS A 58 -3.69 -0.54 0.39
CA LYS A 58 -2.55 -1.24 -0.24
C LYS A 58 -1.66 -0.38 -1.14
N LEU A 59 -2.22 0.53 -1.94
CA LEU A 59 -1.41 1.54 -2.66
C LEU A 59 -0.54 2.32 -1.68
N HIS A 60 -1.11 2.93 -0.64
CA HIS A 60 -0.37 3.72 0.35
C HIS A 60 0.77 2.89 0.96
N ALA A 61 0.42 1.68 1.39
CA ALA A 61 1.33 0.71 1.99
C ALA A 61 2.52 0.47 1.05
N ALA A 62 2.24 0.01 -0.17
CA ALA A 62 3.21 -0.25 -1.23
C ALA A 62 4.07 0.96 -1.62
N GLU A 63 3.42 2.07 -1.91
CA GLU A 63 3.99 3.35 -2.32
C GLU A 63 5.08 3.78 -1.34
N LYS A 64 4.70 4.01 -0.08
CA LYS A 64 5.65 4.22 0.99
C LYS A 64 6.64 3.06 1.10
N ALA A 65 6.20 1.80 1.13
CA ALA A 65 7.08 0.65 1.36
C ALA A 65 8.32 0.71 0.48
N LEU A 66 8.18 0.69 -0.85
CA LEU A 66 9.36 0.79 -1.69
C LEU A 66 10.04 2.17 -1.64
N ARG A 67 9.32 3.30 -1.54
CA ARG A 67 9.94 4.63 -1.32
C ARG A 67 10.86 4.68 -0.07
N SER A 68 10.31 4.34 1.08
CA SER A 68 10.93 4.20 2.41
C SER A 68 12.13 3.24 2.39
N PHE A 69 11.94 2.08 1.75
CA PHE A 69 12.98 1.09 1.49
C PHE A 69 14.15 1.63 0.63
N VAL A 70 13.88 2.53 -0.33
CA VAL A 70 14.93 3.19 -1.15
C VAL A 70 15.59 4.37 -0.43
N GLN A 71 14.83 5.19 0.31
CA GLN A 71 15.34 6.25 1.19
C GLN A 71 14.38 6.49 2.37
N PHE A 72 14.94 6.61 3.59
CA PHE A 72 14.25 6.33 4.86
C PHE A 72 14.28 7.52 5.84
N PRO A 73 13.42 7.55 6.87
CA PRO A 73 12.26 6.66 7.10
C PRO A 73 11.12 6.93 6.12
N PRO A 1 4.13 4.11 -15.03
CA PRO A 1 2.98 4.76 -15.71
C PRO A 1 1.63 4.12 -15.36
N GLY A 2 0.53 4.89 -15.24
CA GLY A 2 0.44 6.34 -15.39
C GLY A 2 -1.02 6.85 -15.49
N PRO A 3 -1.24 8.17 -15.53
CA PRO A 3 -0.25 9.23 -15.23
C PRO A 3 -0.01 9.37 -13.72
N VAL A 4 -1.08 9.40 -12.91
CA VAL A 4 -1.06 9.49 -11.44
C VAL A 4 -2.09 8.55 -10.78
N LEU A 5 -2.77 7.72 -11.59
CA LEU A 5 -3.67 6.66 -11.14
C LEU A 5 -2.91 5.62 -10.28
N PRO A 6 -3.59 4.87 -9.37
CA PRO A 6 -2.97 3.86 -8.53
C PRO A 6 -2.05 2.85 -9.23
N LYS A 7 -2.37 2.53 -10.50
CA LYS A 7 -1.53 1.75 -11.42
C LYS A 7 -0.07 2.21 -11.42
N ASN A 8 0.22 3.52 -11.40
CA ASN A 8 1.59 4.02 -11.46
C ASN A 8 2.41 3.66 -10.20
N ALA A 9 1.90 3.92 -9.00
CA ALA A 9 2.55 3.47 -7.76
C ALA A 9 2.73 1.95 -7.72
N LEU A 10 1.63 1.18 -7.91
CA LEU A 10 1.65 -0.28 -7.87
C LEU A 10 2.67 -0.81 -8.86
N MET A 11 2.56 -0.43 -10.13
CA MET A 11 3.54 -0.83 -11.12
C MET A 11 4.99 -0.46 -10.76
N GLN A 12 5.26 0.70 -10.12
CA GLN A 12 6.58 1.02 -9.56
C GLN A 12 7.07 -0.14 -8.67
N LEU A 13 6.37 -0.39 -7.55
CA LEU A 13 6.87 -1.43 -6.65
C LEU A 13 6.81 -2.85 -7.23
N ASN A 14 5.78 -3.16 -8.01
CA ASN A 14 5.60 -4.42 -8.70
C ASN A 14 6.73 -4.71 -9.71
N GLU A 15 7.14 -3.75 -10.53
CA GLU A 15 8.36 -3.85 -11.35
C GLU A 15 9.59 -4.14 -10.50
N ILE A 16 9.88 -3.24 -9.55
CA ILE A 16 11.08 -3.31 -8.73
C ILE A 16 11.20 -4.63 -7.93
N LYS A 17 10.07 -5.13 -7.40
CA LYS A 17 9.91 -6.36 -6.59
C LYS A 17 8.60 -7.08 -6.99
N PRO A 18 8.57 -7.96 -8.00
CA PRO A 18 7.34 -8.63 -8.43
C PRO A 18 6.94 -9.82 -7.53
N GLY A 19 6.81 -9.57 -6.23
CA GLY A 19 6.59 -10.60 -5.21
C GLY A 19 6.29 -10.05 -3.81
N LEU A 20 5.35 -9.10 -3.69
CA LEU A 20 4.91 -8.56 -2.40
C LEU A 20 3.63 -9.20 -1.90
N GLN A 21 3.46 -9.17 -0.58
CA GLN A 21 2.41 -9.90 0.14
C GLN A 21 1.57 -8.94 0.99
N TYR A 22 0.35 -8.63 0.53
CA TYR A 22 -0.57 -7.64 1.09
C TYR A 22 -1.63 -8.36 1.95
N MET A 23 -1.89 -7.79 3.13
CA MET A 23 -2.76 -8.31 4.18
C MET A 23 -3.62 -7.16 4.70
N LEU A 24 -4.88 -7.41 5.03
CA LEU A 24 -5.90 -6.39 5.29
C LEU A 24 -6.33 -6.39 6.76
N LEU A 25 -6.33 -5.20 7.34
CA LEU A 25 -6.57 -4.93 8.74
C LEU A 25 -7.58 -3.77 8.88
N SER A 26 -8.24 -3.75 10.02
CA SER A 26 -9.70 -3.77 9.98
C SER A 26 -10.36 -2.42 9.70
N GLN A 27 -11.33 -2.50 8.80
CA GLN A 27 -12.17 -1.39 8.39
C GLN A 27 -12.90 -0.69 9.54
N THR A 28 -12.87 0.65 9.48
CA THR A 28 -13.55 1.61 10.35
C THR A 28 -13.96 2.83 9.50
N GLY A 29 -14.33 3.96 10.11
CA GLY A 29 -14.64 5.20 9.41
C GLY A 29 -16.12 5.35 9.00
N PRO A 30 -16.46 6.44 8.30
CA PRO A 30 -17.84 6.80 7.95
C PRO A 30 -18.36 5.94 6.79
N VAL A 31 -19.68 5.89 6.62
CA VAL A 31 -20.35 5.26 5.46
C VAL A 31 -19.92 5.86 4.11
N HIS A 32 -19.39 7.09 4.12
CA HIS A 32 -18.93 7.82 2.92
C HIS A 32 -17.40 7.85 2.74
N ALA A 33 -16.63 7.27 3.68
CA ALA A 33 -15.18 7.08 3.55
C ALA A 33 -14.66 5.82 4.30
N PRO A 34 -15.23 4.60 4.09
CA PRO A 34 -14.76 3.38 4.76
C PRO A 34 -13.23 3.20 4.70
N LEU A 35 -12.59 3.24 5.86
CA LEU A 35 -11.13 3.32 6.02
C LEU A 35 -10.59 1.97 6.47
N PHE A 36 -9.74 1.42 5.61
CA PHE A 36 -9.01 0.17 5.75
C PHE A 36 -7.51 0.43 5.92
N VAL A 37 -6.79 -0.51 6.52
CA VAL A 37 -5.32 -0.48 6.53
C VAL A 37 -4.78 -1.77 5.93
N MET A 38 -3.78 -1.69 5.05
CA MET A 38 -3.11 -2.86 4.48
C MET A 38 -1.64 -2.88 4.89
N SER A 39 -1.15 -4.05 5.27
CA SER A 39 0.24 -4.34 5.55
C SER A 39 0.79 -5.13 4.36
N VAL A 40 1.79 -4.56 3.67
CA VAL A 40 2.44 -5.21 2.52
C VAL A 40 3.88 -5.55 2.82
N GLU A 41 4.25 -6.79 2.52
CA GLU A 41 5.56 -7.35 2.89
C GLU A 41 6.43 -7.39 1.64
N VAL A 42 7.62 -6.76 1.74
CA VAL A 42 8.49 -6.40 0.59
C VAL A 42 9.91 -7.01 0.55
N ASN A 43 10.42 -7.57 1.66
CA ASN A 43 11.85 -7.99 1.79
C ASN A 43 12.18 -8.86 3.03
N GLY A 44 11.23 -9.02 3.94
CA GLY A 44 11.40 -9.50 5.32
C GLY A 44 10.62 -8.71 6.38
N GLN A 45 9.87 -7.69 5.94
CA GLN A 45 9.19 -6.69 6.75
C GLN A 45 7.91 -6.22 6.05
N VAL A 46 6.87 -6.01 6.84
CA VAL A 46 5.55 -5.55 6.39
C VAL A 46 5.35 -4.07 6.73
N PHE A 47 4.83 -3.35 5.75
CA PHE A 47 4.70 -1.90 5.68
C PHE A 47 3.21 -1.56 5.67
N GLU A 48 2.71 -0.76 6.61
CA GLU A 48 1.27 -0.51 6.79
C GLU A 48 0.84 0.88 6.27
N GLY A 49 -0.21 0.90 5.43
CA GLY A 49 -0.77 2.11 4.82
C GLY A 49 -2.29 2.13 4.88
N SER A 50 -2.86 3.31 5.16
CA SER A 50 -4.29 3.55 5.41
C SER A 50 -4.96 4.23 4.21
N GLY A 51 -6.12 3.71 3.78
CA GLY A 51 -6.90 4.24 2.66
C GLY A 51 -8.41 4.20 2.91
N PRO A 52 -9.19 5.26 2.57
CA PRO A 52 -10.67 5.26 2.55
C PRO A 52 -11.28 4.36 1.43
N THR A 53 -10.65 3.19 1.22
CA THR A 53 -10.89 2.08 0.29
C THR A 53 -9.64 1.19 0.33
N LYS A 54 -9.80 -0.14 0.45
CA LYS A 54 -8.66 -1.08 0.58
C LYS A 54 -7.65 -1.01 -0.56
N LYS A 55 -8.09 -0.61 -1.76
CA LYS A 55 -7.24 -0.39 -2.95
C LYS A 55 -6.30 0.82 -2.79
N LYS A 56 -6.77 1.88 -2.11
CA LYS A 56 -5.93 3.01 -1.70
C LYS A 56 -5.06 2.65 -0.49
N ALA A 57 -5.55 1.81 0.43
CA ALA A 57 -4.77 1.36 1.58
C ALA A 57 -3.52 0.57 1.15
N LYS A 58 -3.68 -0.50 0.37
CA LYS A 58 -2.55 -1.21 -0.26
C LYS A 58 -1.65 -0.34 -1.15
N LEU A 59 -2.19 0.59 -1.93
CA LEU A 59 -1.38 1.61 -2.61
C LEU A 59 -0.53 2.38 -1.60
N HIS A 60 -1.12 2.93 -0.54
CA HIS A 60 -0.41 3.72 0.47
C HIS A 60 0.75 2.91 1.05
N ALA A 61 0.42 1.69 1.47
CA ALA A 61 1.32 0.72 2.06
C ALA A 61 2.52 0.45 1.13
N ALA A 62 2.25 -0.04 -0.08
CA ALA A 62 3.22 -0.42 -1.10
C ALA A 62 4.06 0.74 -1.67
N GLU A 63 3.40 1.88 -1.90
CA GLU A 63 4.01 3.11 -2.41
C GLU A 63 5.05 3.59 -1.44
N LYS A 64 4.62 3.88 -0.20
CA LYS A 64 5.56 4.15 0.90
C LYS A 64 6.54 2.98 1.07
N ALA A 65 6.14 1.72 0.91
CA ALA A 65 7.01 0.58 1.19
C ALA A 65 8.30 0.71 0.39
N LEU A 66 8.21 0.75 -0.95
CA LEU A 66 9.42 0.93 -1.74
C LEU A 66 10.04 2.34 -1.66
N ARG A 67 9.24 3.41 -1.56
CA ARG A 67 9.72 4.79 -1.33
C ARG A 67 10.60 4.92 -0.07
N SER A 68 10.03 4.60 1.09
CA SER A 68 10.66 4.51 2.40
C SER A 68 11.87 3.56 2.46
N PHE A 69 11.77 2.40 1.79
CA PHE A 69 12.89 1.46 1.58
C PHE A 69 14.06 2.06 0.76
N VAL A 70 13.78 3.00 -0.16
CA VAL A 70 14.79 3.83 -0.88
C VAL A 70 15.15 5.11 -0.07
N GLN A 71 14.82 5.14 1.23
CA GLN A 71 15.11 6.19 2.23
C GLN A 71 14.50 7.60 1.99
N PHE A 72 13.62 7.74 0.99
CA PHE A 72 12.69 8.88 0.92
C PHE A 72 11.49 8.54 1.84
N PRO A 73 11.30 9.20 2.99
CA PRO A 73 10.50 8.68 4.11
C PRO A 73 9.04 8.39 3.77
N PRO A 1 6.84 -2.18 -17.33
CA PRO A 1 5.46 -1.89 -16.83
C PRO A 1 4.58 -3.15 -16.75
N GLY A 2 3.37 -3.05 -16.15
CA GLY A 2 2.48 -4.20 -15.95
C GLY A 2 1.02 -3.84 -15.64
N PRO A 3 0.10 -4.84 -15.57
CA PRO A 3 -1.35 -4.64 -15.50
C PRO A 3 -1.89 -4.23 -14.11
N VAL A 4 -1.18 -4.55 -13.02
CA VAL A 4 -1.57 -4.30 -11.63
C VAL A 4 -1.83 -2.82 -11.32
N LEU A 5 -2.77 -2.52 -10.41
CA LEU A 5 -3.27 -1.16 -10.11
C LEU A 5 -3.73 -1.00 -8.63
N PRO A 6 -3.96 0.23 -8.10
CA PRO A 6 -3.84 1.57 -8.71
C PRO A 6 -2.52 1.85 -9.45
N LYS A 7 -2.63 2.33 -10.69
CA LYS A 7 -1.60 2.17 -11.74
C LYS A 7 -0.21 2.64 -11.31
N ASN A 8 -0.03 3.94 -11.05
CA ASN A 8 1.27 4.57 -10.86
C ASN A 8 2.11 3.91 -9.76
N ALA A 9 1.61 3.86 -8.53
CA ALA A 9 2.25 3.14 -7.43
C ALA A 9 2.46 1.65 -7.73
N LEU A 10 1.39 0.90 -8.03
CA LEU A 10 1.48 -0.55 -8.04
C LEU A 10 2.43 -0.99 -9.15
N MET A 11 2.34 -0.39 -10.33
CA MET A 11 3.41 -0.57 -11.31
C MET A 11 4.81 -0.19 -10.80
N GLN A 12 5.02 0.97 -10.17
CA GLN A 12 6.34 1.34 -9.58
C GLN A 12 6.94 0.18 -8.78
N LEU A 13 6.25 -0.28 -7.73
CA LEU A 13 6.84 -1.28 -6.86
C LEU A 13 6.69 -2.73 -7.32
N ASN A 14 5.64 -3.12 -8.03
CA ASN A 14 5.63 -4.42 -8.69
C ASN A 14 6.74 -4.55 -9.74
N GLU A 15 7.17 -3.48 -10.39
CA GLU A 15 8.44 -3.48 -11.13
C GLU A 15 9.65 -3.69 -10.21
N ILE A 16 9.82 -2.80 -9.23
CA ILE A 16 10.98 -2.84 -8.32
C ILE A 16 11.14 -4.20 -7.58
N LYS A 17 10.01 -4.77 -7.15
CA LYS A 17 9.81 -6.01 -6.40
C LYS A 17 8.52 -6.70 -6.90
N PRO A 18 8.57 -7.56 -7.92
CA PRO A 18 7.42 -8.38 -8.36
C PRO A 18 7.15 -9.56 -7.42
N GLY A 19 7.02 -9.27 -6.13
CA GLY A 19 6.98 -10.24 -5.04
C GLY A 19 6.59 -9.60 -3.71
N LEU A 20 5.44 -8.91 -3.69
CA LEU A 20 4.91 -8.20 -2.52
C LEU A 20 3.64 -8.87 -2.02
N GLN A 21 3.43 -8.80 -0.71
CA GLN A 21 2.41 -9.62 -0.04
C GLN A 21 1.53 -8.77 0.89
N TYR A 22 0.30 -8.48 0.47
CA TYR A 22 -0.60 -7.46 1.01
C TYR A 22 -1.73 -8.12 1.87
N MET A 23 -2.01 -7.54 3.04
CA MET A 23 -2.95 -8.04 4.04
C MET A 23 -3.83 -6.91 4.56
N LEU A 24 -5.14 -7.10 4.70
CA LEU A 24 -6.10 -6.02 5.02
C LEU A 24 -6.50 -6.14 6.50
N LEU A 25 -6.17 -5.10 7.25
CA LEU A 25 -6.28 -4.94 8.68
C LEU A 25 -7.25 -3.77 8.95
N SER A 26 -8.08 -3.92 9.98
CA SER A 26 -9.52 -3.80 9.75
C SER A 26 -10.06 -2.40 9.50
N GLN A 27 -10.93 -2.33 8.49
CA GLN A 27 -11.87 -1.25 8.22
C GLN A 27 -12.52 -0.66 9.49
N THR A 28 -12.42 0.65 9.60
CA THR A 28 -12.76 1.54 10.72
C THR A 28 -13.07 2.95 10.16
N GLY A 29 -12.93 4.04 10.93
CA GLY A 29 -12.73 5.37 10.35
C GLY A 29 -13.16 6.58 11.20
N PRO A 30 -12.99 7.81 10.67
CA PRO A 30 -13.25 9.10 11.35
C PRO A 30 -14.75 9.44 11.58
N VAL A 31 -15.64 8.44 11.68
CA VAL A 31 -17.12 8.55 11.87
C VAL A 31 -17.88 9.06 10.62
N HIS A 32 -17.19 9.63 9.63
CA HIS A 32 -17.78 10.23 8.42
C HIS A 32 -17.05 9.81 7.12
N ALA A 33 -16.05 8.93 7.24
CA ALA A 33 -15.35 8.26 6.15
C ALA A 33 -14.98 6.82 6.59
N PRO A 34 -15.10 5.80 5.73
CA PRO A 34 -14.39 4.55 5.91
C PRO A 34 -12.85 4.74 5.85
N LEU A 35 -12.11 3.87 6.54
CA LEU A 35 -10.65 3.81 6.51
C LEU A 35 -10.17 2.37 6.75
N PHE A 36 -9.37 1.87 5.82
CA PHE A 36 -8.82 0.52 5.73
C PHE A 36 -7.30 0.60 5.80
N VAL A 37 -6.62 -0.36 6.44
CA VAL A 37 -5.14 -0.40 6.37
C VAL A 37 -4.65 -1.70 5.75
N MET A 38 -3.69 -1.62 4.82
CA MET A 38 -3.00 -2.79 4.27
C MET A 38 -1.57 -2.84 4.78
N SER A 39 -1.13 -4.03 5.17
CA SER A 39 0.27 -4.33 5.49
C SER A 39 0.85 -5.10 4.33
N VAL A 40 1.84 -4.52 3.64
CA VAL A 40 2.49 -5.14 2.48
C VAL A 40 3.90 -5.55 2.82
N GLU A 41 4.27 -6.77 2.46
CA GLU A 41 5.51 -7.39 2.88
C GLU A 41 6.45 -7.35 1.68
N VAL A 42 7.62 -6.74 1.91
CA VAL A 42 8.56 -6.28 0.86
C VAL A 42 9.92 -7.00 0.81
N ASN A 43 10.34 -7.68 1.89
CA ASN A 43 11.73 -8.23 2.03
C ASN A 43 11.95 -9.20 3.23
N GLY A 44 10.96 -9.34 4.11
CA GLY A 44 11.03 -9.93 5.45
C GLY A 44 10.23 -9.18 6.52
N GLN A 45 9.54 -8.11 6.14
CA GLN A 45 8.88 -7.12 6.98
C GLN A 45 7.69 -6.52 6.22
N VAL A 46 6.59 -6.29 6.94
CA VAL A 46 5.37 -5.69 6.41
C VAL A 46 5.26 -4.21 6.80
N PHE A 47 4.89 -3.42 5.81
CA PHE A 47 4.79 -1.96 5.78
C PHE A 47 3.29 -1.57 5.70
N GLU A 48 2.80 -0.76 6.63
CA GLU A 48 1.36 -0.48 6.75
C GLU A 48 0.96 0.90 6.20
N GLY A 49 -0.04 0.94 5.31
CA GLY A 49 -0.58 2.13 4.67
C GLY A 49 -2.11 2.15 4.67
N SER A 50 -2.66 3.33 4.98
CA SER A 50 -4.09 3.58 5.20
C SER A 50 -4.75 4.30 4.02
N GLY A 51 -5.90 3.78 3.55
CA GLY A 51 -6.71 4.37 2.48
C GLY A 51 -8.21 4.36 2.81
N PRO A 52 -9.00 5.35 2.35
CA PRO A 52 -10.46 5.36 2.53
C PRO A 52 -11.20 4.23 1.79
N THR A 53 -10.45 3.40 1.06
CA THR A 53 -10.83 2.09 0.50
C THR A 53 -9.60 1.19 0.56
N LYS A 54 -9.81 -0.13 0.69
CA LYS A 54 -8.73 -1.15 0.68
C LYS A 54 -7.79 -1.06 -0.52
N LYS A 55 -8.32 -0.66 -1.68
CA LYS A 55 -7.57 -0.45 -2.93
C LYS A 55 -6.61 0.76 -2.91
N LYS A 56 -6.88 1.77 -2.08
CA LYS A 56 -5.94 2.87 -1.78
C LYS A 56 -5.03 2.55 -0.60
N ALA A 57 -5.49 1.73 0.37
CA ALA A 57 -4.66 1.27 1.48
C ALA A 57 -3.43 0.49 0.98
N LYS A 58 -3.64 -0.52 0.12
CA LYS A 58 -2.55 -1.21 -0.61
C LYS A 58 -1.63 -0.32 -1.43
N LEU A 59 -2.17 0.68 -2.16
CA LEU A 59 -1.36 1.71 -2.82
C LEU A 59 -0.46 2.41 -1.80
N HIS A 60 -1.01 2.92 -0.71
CA HIS A 60 -0.25 3.61 0.34
C HIS A 60 0.89 2.74 0.89
N ALA A 61 0.54 1.52 1.29
CA ALA A 61 1.44 0.54 1.87
C ALA A 61 2.64 0.29 0.95
N ALA A 62 2.37 -0.20 -0.26
CA ALA A 62 3.34 -0.50 -1.30
C ALA A 62 4.17 0.73 -1.72
N GLU A 63 3.50 1.86 -1.98
CA GLU A 63 4.15 3.12 -2.37
C GLU A 63 5.20 3.53 -1.35
N LYS A 64 4.81 3.79 -0.09
CA LYS A 64 5.77 4.03 0.98
C LYS A 64 6.77 2.89 1.17
N ALA A 65 6.36 1.63 1.03
CA ALA A 65 7.25 0.49 1.26
C ALA A 65 8.48 0.65 0.39
N LEU A 66 8.31 0.75 -0.93
CA LEU A 66 9.42 1.02 -1.83
C LEU A 66 10.04 2.42 -1.67
N ARG A 67 9.28 3.48 -1.38
CA ARG A 67 9.81 4.83 -1.08
C ARG A 67 10.84 4.81 0.08
N SER A 68 10.39 4.34 1.24
CA SER A 68 11.14 4.13 2.48
C SER A 68 12.36 3.23 2.26
N PHE A 69 12.14 2.08 1.62
CA PHE A 69 13.17 1.11 1.23
C PHE A 69 14.26 1.70 0.30
N VAL A 70 13.88 2.56 -0.67
CA VAL A 70 14.81 3.28 -1.56
C VAL A 70 15.51 4.45 -0.85
N GLN A 71 15.05 4.86 0.34
CA GLN A 71 15.66 5.71 1.39
C GLN A 71 14.94 7.07 1.59
N PHE A 72 13.76 7.26 1.00
CA PHE A 72 12.99 8.52 1.05
C PHE A 72 11.80 8.40 2.03
N PRO A 73 11.56 9.40 2.91
CA PRO A 73 10.59 9.31 4.02
C PRO A 73 9.12 9.25 3.56
N PRO A 1 5.90 11.26 -8.59
CA PRO A 1 4.79 10.35 -8.22
C PRO A 1 4.59 10.23 -6.70
N GLY A 2 3.53 9.52 -6.28
CA GLY A 2 3.16 9.35 -4.87
C GLY A 2 1.89 8.50 -4.69
N PRO A 3 1.34 8.42 -3.47
CA PRO A 3 0.16 7.61 -3.14
C PRO A 3 -1.15 8.30 -3.60
N VAL A 4 -1.24 8.63 -4.90
CA VAL A 4 -2.31 9.43 -5.51
C VAL A 4 -2.93 8.83 -6.78
N LEU A 5 -2.32 7.79 -7.37
CA LEU A 5 -2.80 7.13 -8.58
C LEU A 5 -2.44 5.63 -8.57
N PRO A 6 -3.42 4.72 -8.41
CA PRO A 6 -3.22 3.26 -8.32
C PRO A 6 -2.24 2.66 -9.33
N LYS A 7 -2.42 2.94 -10.64
CA LYS A 7 -1.52 2.45 -11.70
C LYS A 7 -0.07 2.83 -11.41
N ASN A 8 0.25 4.12 -11.37
CA ASN A 8 1.63 4.62 -11.28
C ASN A 8 2.37 4.06 -10.05
N ALA A 9 1.74 4.11 -8.86
CA ALA A 9 2.29 3.46 -7.68
C ALA A 9 2.52 1.95 -7.87
N LEU A 10 1.46 1.14 -8.08
CA LEU A 10 1.53 -0.31 -8.12
C LEU A 10 2.50 -0.77 -9.19
N MET A 11 2.42 -0.20 -10.39
CA MET A 11 3.41 -0.47 -11.44
C MET A 11 4.84 -0.18 -10.98
N GLN A 12 5.11 0.95 -10.30
CA GLN A 12 6.42 1.22 -9.69
C GLN A 12 6.85 0.03 -8.82
N LEU A 13 6.09 -0.33 -7.79
CA LEU A 13 6.57 -1.38 -6.89
C LEU A 13 6.54 -2.80 -7.44
N ASN A 14 5.55 -3.15 -8.25
CA ASN A 14 5.49 -4.41 -8.96
C ASN A 14 6.74 -4.62 -9.81
N GLU A 15 7.15 -3.61 -10.59
CA GLU A 15 8.46 -3.63 -11.29
C GLU A 15 9.62 -3.85 -10.32
N ILE A 16 9.71 -3.00 -9.30
CA ILE A 16 10.84 -3.03 -8.36
C ILE A 16 11.00 -4.37 -7.63
N LYS A 17 9.90 -4.95 -7.12
CA LYS A 17 9.84 -6.22 -6.37
C LYS A 17 8.56 -6.99 -6.73
N PRO A 18 8.55 -7.82 -7.80
CA PRO A 18 7.35 -8.52 -8.28
C PRO A 18 6.94 -9.73 -7.41
N GLY A 19 6.91 -9.57 -6.08
CA GLY A 19 6.68 -10.67 -5.14
C GLY A 19 6.32 -10.26 -3.70
N LEU A 20 5.70 -9.10 -3.48
CA LEU A 20 5.21 -8.70 -2.15
C LEU A 20 4.05 -9.58 -1.66
N GLN A 21 3.72 -9.47 -0.38
CA GLN A 21 2.45 -9.93 0.19
C GLN A 21 1.65 -8.75 0.74
N TYR A 22 0.39 -8.58 0.37
CA TYR A 22 -0.57 -7.62 0.94
C TYR A 22 -1.58 -8.36 1.84
N MET A 23 -1.86 -7.78 3.01
CA MET A 23 -2.79 -8.29 4.03
C MET A 23 -3.70 -7.14 4.46
N LEU A 24 -5.01 -7.38 4.58
CA LEU A 24 -6.01 -6.37 4.91
C LEU A 24 -6.44 -6.54 6.35
N LEU A 25 -6.30 -5.48 7.14
CA LEU A 25 -6.64 -5.40 8.54
C LEU A 25 -7.38 -4.10 8.86
N SER A 26 -7.92 -4.09 10.09
CA SER A 26 -8.96 -3.22 10.63
C SER A 26 -9.69 -2.29 9.64
N GLN A 27 -10.93 -2.67 9.31
CA GLN A 27 -11.88 -1.81 8.62
C GLN A 27 -12.80 -1.14 9.64
N THR A 28 -12.86 0.18 9.57
CA THR A 28 -13.62 1.09 10.44
C THR A 28 -14.10 2.28 9.59
N GLY A 29 -14.53 3.38 10.22
CA GLY A 29 -14.68 4.68 9.57
C GLY A 29 -15.85 5.51 10.15
N PRO A 30 -15.99 6.77 9.71
CA PRO A 30 -17.00 7.72 10.20
C PRO A 30 -18.35 7.58 9.48
N VAL A 31 -18.70 6.34 9.11
CA VAL A 31 -19.76 5.91 8.17
C VAL A 31 -19.55 6.40 6.72
N HIS A 32 -19.26 7.69 6.51
CA HIS A 32 -19.17 8.33 5.19
C HIS A 32 -17.79 8.19 4.51
N ALA A 33 -16.81 7.59 5.17
CA ALA A 33 -15.46 7.32 4.64
C ALA A 33 -14.87 5.99 5.17
N PRO A 34 -15.44 4.82 4.83
CA PRO A 34 -14.90 3.52 5.25
C PRO A 34 -13.39 3.40 5.07
N LEU A 35 -12.68 3.15 6.16
CA LEU A 35 -11.25 3.22 6.27
C LEU A 35 -10.70 1.83 6.57
N PHE A 36 -9.78 1.42 5.70
CA PHE A 36 -9.12 0.12 5.65
C PHE A 36 -7.61 0.32 5.83
N VAL A 37 -6.92 -0.63 6.48
CA VAL A 37 -5.45 -0.61 6.47
C VAL A 37 -4.91 -1.88 5.82
N MET A 38 -3.88 -1.75 4.96
CA MET A 38 -3.13 -2.90 4.46
C MET A 38 -1.71 -2.86 4.99
N SER A 39 -1.23 -4.02 5.44
CA SER A 39 0.19 -4.29 5.63
C SER A 39 0.68 -4.90 4.33
N VAL A 40 1.84 -4.45 3.85
CA VAL A 40 2.50 -5.06 2.69
C VAL A 40 3.94 -5.41 3.01
N GLU A 41 4.26 -6.66 2.77
CA GLU A 41 5.52 -7.27 3.19
C GLU A 41 6.42 -7.40 1.98
N VAL A 42 7.60 -6.77 2.10
CA VAL A 42 8.50 -6.48 0.96
C VAL A 42 9.85 -7.22 0.95
N ASN A 43 10.34 -7.75 2.08
CA ASN A 43 11.72 -8.26 2.21
C ASN A 43 12.02 -9.06 3.51
N GLY A 44 11.08 -9.10 4.45
CA GLY A 44 11.24 -9.52 5.84
C GLY A 44 10.48 -8.65 6.86
N GLN A 45 9.73 -7.67 6.38
CA GLN A 45 9.09 -6.59 7.12
C GLN A 45 7.83 -6.14 6.37
N VAL A 46 6.78 -5.84 7.13
CA VAL A 46 5.51 -5.33 6.61
C VAL A 46 5.43 -3.83 6.86
N PHE A 47 4.99 -3.13 5.83
CA PHE A 47 4.82 -1.69 5.75
C PHE A 47 3.32 -1.39 5.72
N GLU A 48 2.82 -0.51 6.58
CA GLU A 48 1.37 -0.29 6.77
C GLU A 48 0.91 1.00 6.11
N GLY A 49 -0.18 0.94 5.35
CA GLY A 49 -0.85 2.12 4.85
C GLY A 49 -2.37 2.07 4.97
N SER A 50 -2.95 3.21 5.35
CA SER A 50 -4.39 3.41 5.59
C SER A 50 -5.01 4.17 4.40
N GLY A 51 -6.10 3.65 3.85
CA GLY A 51 -6.86 4.27 2.76
C GLY A 51 -8.38 4.22 2.97
N PRO A 52 -9.14 5.25 2.56
CA PRO A 52 -10.63 5.25 2.53
C PRO A 52 -11.24 4.26 1.50
N THR A 53 -10.46 3.26 1.09
CA THR A 53 -10.80 2.05 0.32
C THR A 53 -9.59 1.11 0.38
N LYS A 54 -9.80 -0.21 0.44
CA LYS A 54 -8.72 -1.22 0.53
C LYS A 54 -7.68 -1.15 -0.59
N LYS A 55 -8.09 -0.71 -1.78
CA LYS A 55 -7.22 -0.46 -2.94
C LYS A 55 -6.30 0.76 -2.77
N LYS A 56 -6.75 1.78 -2.03
CA LYS A 56 -5.92 2.92 -1.62
C LYS A 56 -5.04 2.56 -0.43
N ALA A 57 -5.52 1.73 0.49
CA ALA A 57 -4.74 1.22 1.62
C ALA A 57 -3.48 0.47 1.16
N LYS A 58 -3.63 -0.56 0.32
CA LYS A 58 -2.48 -1.20 -0.34
C LYS A 58 -1.60 -0.28 -1.16
N LEU A 59 -2.16 0.64 -1.97
CA LEU A 59 -1.36 1.64 -2.69
C LEU A 59 -0.49 2.44 -1.72
N HIS A 60 -1.04 2.95 -0.62
CA HIS A 60 -0.31 3.70 0.40
C HIS A 60 0.87 2.87 0.94
N ALA A 61 0.55 1.66 1.41
CA ALA A 61 1.50 0.71 1.98
C ALA A 61 2.65 0.44 1.00
N ALA A 62 2.32 -0.11 -0.17
CA ALA A 62 3.22 -0.48 -1.27
C ALA A 62 4.05 0.68 -1.84
N GLU A 63 3.42 1.84 -2.08
CA GLU A 63 4.10 3.06 -2.51
C GLU A 63 5.20 3.42 -1.53
N LYS A 64 4.85 3.73 -0.27
CA LYS A 64 5.86 4.01 0.75
C LYS A 64 6.83 2.86 0.94
N ALA A 65 6.36 1.60 0.86
CA ALA A 65 7.21 0.44 1.12
C ALA A 65 8.42 0.50 0.21
N LEU A 66 8.19 0.45 -1.11
CA LEU A 66 9.30 0.61 -2.07
C LEU A 66 9.98 1.98 -2.02
N ARG A 67 9.24 3.09 -1.93
CA ARG A 67 9.81 4.45 -1.84
C ARG A 67 10.81 4.58 -0.68
N SER A 68 10.38 4.28 0.54
CA SER A 68 11.20 4.23 1.76
C SER A 68 12.40 3.27 1.62
N PHE A 69 12.14 2.08 1.08
CA PHE A 69 13.15 1.05 0.78
C PHE A 69 14.21 1.46 -0.28
N VAL A 70 13.88 2.37 -1.20
CA VAL A 70 14.76 2.81 -2.30
C VAL A 70 15.45 4.15 -2.02
N GLN A 71 14.76 5.11 -1.41
CA GLN A 71 15.23 6.50 -1.29
C GLN A 71 16.54 6.65 -0.48
N PHE A 72 17.31 7.68 -0.81
CA PHE A 72 18.59 8.02 -0.18
C PHE A 72 18.87 9.54 -0.34
N PRO A 73 18.62 10.37 0.68
CA PRO A 73 18.04 10.05 2.00
C PRO A 73 16.56 9.63 1.97
N PRO A 1 -0.42 17.97 -4.43
CA PRO A 1 -0.18 17.09 -5.61
C PRO A 1 0.31 15.68 -5.22
N GLY A 2 0.07 14.65 -6.04
CA GLY A 2 -0.64 14.69 -7.32
C GLY A 2 -0.87 13.31 -7.97
N PRO A 3 0.18 12.53 -8.31
CA PRO A 3 0.07 11.22 -8.97
C PRO A 3 -0.31 10.06 -8.03
N VAL A 4 -0.96 10.35 -6.89
CA VAL A 4 -1.31 9.41 -5.80
C VAL A 4 -2.53 8.53 -6.16
N LEU A 5 -2.44 7.85 -7.31
CA LEU A 5 -3.46 6.94 -7.85
C LEU A 5 -2.83 5.54 -7.99
N PRO A 6 -3.58 4.43 -7.75
CA PRO A 6 -3.05 3.06 -7.70
C PRO A 6 -2.08 2.69 -8.83
N LYS A 7 -2.41 2.97 -10.09
CA LYS A 7 -1.58 2.61 -11.26
C LYS A 7 -0.10 2.96 -11.09
N ASN A 8 0.21 4.21 -10.76
CA ASN A 8 1.56 4.77 -10.82
C ASN A 8 2.48 4.08 -9.79
N ALA A 9 2.09 4.12 -8.52
CA ALA A 9 2.74 3.36 -7.47
C ALA A 9 2.80 1.85 -7.74
N LEU A 10 1.67 1.18 -8.01
CA LEU A 10 1.61 -0.27 -8.13
C LEU A 10 2.54 -0.75 -9.23
N MET A 11 2.47 -0.15 -10.42
CA MET A 11 3.44 -0.43 -11.46
C MET A 11 4.89 -0.17 -11.03
N GLN A 12 5.19 0.94 -10.32
CA GLN A 12 6.52 1.18 -9.73
C GLN A 12 7.00 -0.02 -8.91
N LEU A 13 6.24 -0.43 -7.89
CA LEU A 13 6.71 -1.53 -7.04
C LEU A 13 6.63 -2.91 -7.66
N ASN A 14 5.61 -3.20 -8.47
CA ASN A 14 5.51 -4.44 -9.21
C ASN A 14 6.74 -4.65 -10.09
N GLU A 15 7.21 -3.62 -10.80
CA GLU A 15 8.54 -3.64 -11.41
C GLU A 15 9.68 -3.91 -10.41
N ILE A 16 9.86 -3.01 -9.44
CA ILE A 16 11.00 -3.02 -8.52
C ILE A 16 11.15 -4.33 -7.71
N LYS A 17 10.05 -4.87 -7.19
CA LYS A 17 9.95 -6.12 -6.42
C LYS A 17 8.64 -6.87 -6.80
N PRO A 18 8.66 -7.75 -7.81
CA PRO A 18 7.46 -8.42 -8.35
C PRO A 18 6.90 -9.56 -7.46
N GLY A 19 6.78 -9.34 -6.14
CA GLY A 19 6.41 -10.39 -5.19
C GLY A 19 5.97 -9.94 -3.79
N LEU A 20 5.44 -8.73 -3.61
CA LEU A 20 4.93 -8.25 -2.31
C LEU A 20 3.70 -9.03 -1.84
N GLN A 21 3.44 -8.94 -0.53
CA GLN A 21 2.44 -9.77 0.17
C GLN A 21 1.55 -8.89 1.08
N TYR A 22 0.29 -8.69 0.69
CA TYR A 22 -0.65 -7.68 1.23
C TYR A 22 -1.69 -8.33 2.18
N MET A 23 -1.95 -7.70 3.33
CA MET A 23 -2.88 -8.15 4.38
C MET A 23 -3.78 -7.01 4.81
N LEU A 24 -5.10 -7.23 4.97
CA LEU A 24 -6.08 -6.17 5.24
C LEU A 24 -6.49 -6.25 6.71
N LEU A 25 -6.16 -5.17 7.42
CA LEU A 25 -6.31 -4.97 8.86
C LEU A 25 -7.37 -3.87 9.05
N SER A 26 -8.27 -4.10 9.99
CA SER A 26 -9.69 -4.11 9.64
C SER A 26 -10.32 -2.74 9.37
N GLN A 27 -11.10 -2.72 8.28
CA GLN A 27 -12.14 -1.74 7.99
C GLN A 27 -12.86 -1.21 9.25
N THR A 28 -12.85 0.11 9.36
CA THR A 28 -13.34 0.94 10.48
C THR A 28 -13.72 2.33 9.92
N GLY A 29 -13.91 3.36 10.75
CA GLY A 29 -13.96 4.75 10.31
C GLY A 29 -14.97 5.63 11.04
N PRO A 30 -15.11 6.90 10.62
CA PRO A 30 -15.97 7.93 11.22
C PRO A 30 -17.40 7.89 10.63
N VAL A 31 -17.87 6.71 10.25
CA VAL A 31 -19.06 6.39 9.42
C VAL A 31 -18.99 6.92 7.99
N HIS A 32 -18.74 8.22 7.81
CA HIS A 32 -18.79 8.91 6.51
C HIS A 32 -17.55 8.71 5.61
N ALA A 33 -16.49 8.06 6.12
CA ALA A 33 -15.24 7.78 5.41
C ALA A 33 -14.66 6.40 5.81
N PRO A 34 -15.26 5.27 5.40
CA PRO A 34 -14.74 3.93 5.65
C PRO A 34 -13.24 3.82 5.39
N LEU A 35 -12.49 3.35 6.38
CA LEU A 35 -11.03 3.38 6.42
C LEU A 35 -10.48 1.99 6.69
N PHE A 36 -9.65 1.55 5.75
CA PHE A 36 -9.04 0.24 5.62
C PHE A 36 -7.52 0.39 5.74
N VAL A 37 -6.81 -0.50 6.43
CA VAL A 37 -5.34 -0.47 6.39
C VAL A 37 -4.79 -1.77 5.81
N MET A 38 -3.82 -1.68 4.91
CA MET A 38 -3.08 -2.83 4.41
C MET A 38 -1.64 -2.80 4.92
N SER A 39 -1.17 -3.96 5.36
CA SER A 39 0.24 -4.21 5.65
C SER A 39 0.80 -5.02 4.49
N VAL A 40 1.84 -4.51 3.85
CA VAL A 40 2.45 -5.16 2.69
C VAL A 40 3.89 -5.51 2.96
N GLU A 41 4.25 -6.76 2.68
CA GLU A 41 5.51 -7.33 3.09
C GLU A 41 6.41 -7.42 1.86
N VAL A 42 7.60 -6.81 2.02
CA VAL A 42 8.51 -6.47 0.89
C VAL A 42 9.89 -7.15 0.89
N ASN A 43 10.38 -7.68 2.01
CA ASN A 43 11.78 -8.16 2.15
C ASN A 43 12.09 -8.98 3.43
N GLY A 44 11.14 -9.05 4.36
CA GLY A 44 11.30 -9.48 5.75
C GLY A 44 10.52 -8.66 6.78
N GLN A 45 9.73 -7.69 6.31
CA GLN A 45 9.06 -6.63 7.07
C GLN A 45 7.80 -6.18 6.31
N VAL A 46 6.74 -5.91 7.07
CA VAL A 46 5.46 -5.41 6.55
C VAL A 46 5.36 -3.91 6.79
N PHE A 47 4.92 -3.21 5.77
CA PHE A 47 4.79 -1.77 5.64
C PHE A 47 3.31 -1.41 5.60
N GLU A 48 2.82 -0.56 6.49
CA GLU A 48 1.38 -0.30 6.63
C GLU A 48 0.96 1.06 6.04
N GLY A 49 -0.12 1.03 5.25
CA GLY A 49 -0.76 2.18 4.64
C GLY A 49 -2.28 2.14 4.77
N SER A 50 -2.87 3.29 5.12
CA SER A 50 -4.30 3.48 5.35
C SER A 50 -4.97 4.20 4.18
N GLY A 51 -6.07 3.67 3.65
CA GLY A 51 -6.83 4.26 2.55
C GLY A 51 -8.36 4.23 2.78
N PRO A 52 -9.12 5.19 2.21
CA PRO A 52 -10.59 5.20 2.22
C PRO A 52 -11.25 4.05 1.42
N THR A 53 -10.45 3.11 0.92
CA THR A 53 -10.81 1.83 0.29
C THR A 53 -9.59 0.92 0.38
N LYS A 54 -9.78 -0.40 0.48
CA LYS A 54 -8.68 -1.39 0.56
C LYS A 54 -7.67 -1.29 -0.59
N LYS A 55 -8.13 -0.93 -1.78
CA LYS A 55 -7.31 -0.70 -2.99
C LYS A 55 -6.40 0.53 -2.90
N LYS A 56 -6.81 1.56 -2.14
CA LYS A 56 -6.00 2.75 -1.84
C LYS A 56 -5.12 2.56 -0.61
N ALA A 57 -5.54 1.70 0.32
CA ALA A 57 -4.74 1.26 1.46
C ALA A 57 -3.50 0.46 1.01
N LYS A 58 -3.68 -0.61 0.22
CA LYS A 58 -2.56 -1.33 -0.42
C LYS A 58 -1.67 -0.48 -1.34
N LEU A 59 -2.24 0.49 -2.07
CA LEU A 59 -1.45 1.55 -2.71
C LEU A 59 -0.54 2.20 -1.68
N HIS A 60 -1.09 2.77 -0.62
CA HIS A 60 -0.34 3.56 0.36
C HIS A 60 0.83 2.76 0.94
N ALA A 61 0.51 1.53 1.34
CA ALA A 61 1.43 0.54 1.85
C ALA A 61 2.58 0.28 0.87
N ALA A 62 2.27 -0.25 -0.32
CA ALA A 62 3.22 -0.61 -1.39
C ALA A 62 4.01 0.58 -1.96
N GLU A 63 3.35 1.72 -2.15
CA GLU A 63 3.95 3.00 -2.51
C GLU A 63 5.09 3.33 -1.55
N LYS A 64 4.80 3.62 -0.27
CA LYS A 64 5.89 3.89 0.68
C LYS A 64 6.78 2.69 0.93
N ALA A 65 6.28 1.44 0.79
CA ALA A 65 7.10 0.26 1.03
C ALA A 65 8.33 0.34 0.16
N LEU A 66 8.14 0.45 -1.17
CA LEU A 66 9.28 0.71 -2.06
C LEU A 66 9.93 2.08 -1.88
N ARG A 67 9.16 3.17 -1.72
CA ARG A 67 9.71 4.53 -1.56
C ARG A 67 10.71 4.63 -0.39
N SER A 68 10.24 4.25 0.80
CA SER A 68 11.00 4.17 2.05
C SER A 68 12.13 3.14 2.03
N PHE A 69 11.92 1.98 1.39
CA PHE A 69 12.97 0.97 1.13
C PHE A 69 14.11 1.50 0.24
N VAL A 70 13.78 2.33 -0.76
CA VAL A 70 14.72 3.12 -1.59
C VAL A 70 15.30 4.33 -0.81
N GLN A 71 14.92 4.50 0.46
CA GLN A 71 15.39 5.54 1.40
C GLN A 71 15.11 6.99 0.92
N PHE A 72 14.00 7.20 0.22
CA PHE A 72 13.54 8.54 -0.21
C PHE A 72 13.41 9.60 0.90
N PRO A 73 13.00 9.30 2.17
CA PRO A 73 12.31 8.11 2.69
C PRO A 73 10.78 8.14 2.48
N PRO A 1 0.81 8.90 0.60
CA PRO A 1 -0.62 8.85 0.21
C PRO A 1 -0.88 8.41 -1.25
N GLY A 2 0.13 7.91 -1.97
CA GLY A 2 0.01 7.59 -3.41
C GLY A 2 0.00 8.82 -4.34
N PRO A 3 -0.07 8.60 -5.66
CA PRO A 3 0.11 9.64 -6.68
C PRO A 3 -1.15 10.26 -7.35
N VAL A 4 -2.43 9.97 -7.07
CA VAL A 4 -3.10 9.38 -5.88
C VAL A 4 -3.80 8.04 -6.15
N LEU A 5 -3.62 7.47 -7.35
CA LEU A 5 -4.30 6.26 -7.84
C LEU A 5 -3.38 5.03 -7.82
N PRO A 6 -3.93 3.80 -7.76
CA PRO A 6 -3.12 2.59 -7.57
C PRO A 6 -2.19 2.26 -8.74
N LYS A 7 -2.63 2.39 -10.01
CA LYS A 7 -1.94 1.82 -11.17
C LYS A 7 -0.44 2.11 -11.21
N ASN A 8 -0.05 3.39 -11.32
CA ASN A 8 1.34 3.79 -11.52
C ASN A 8 2.25 3.48 -10.32
N ALA A 9 1.75 3.58 -9.08
CA ALA A 9 2.43 3.00 -7.92
C ALA A 9 2.61 1.47 -8.01
N LEU A 10 1.54 0.69 -8.11
CA LEU A 10 1.56 -0.76 -8.07
C LEU A 10 2.49 -1.30 -9.13
N MET A 11 2.39 -0.81 -10.37
CA MET A 11 3.43 -1.09 -11.35
C MET A 11 4.85 -0.67 -10.92
N GLN A 12 5.09 0.55 -10.40
CA GLN A 12 6.42 0.95 -9.90
C GLN A 12 7.02 -0.08 -8.94
N LEU A 13 6.36 -0.38 -7.83
CA LEU A 13 6.93 -1.29 -6.86
C LEU A 13 6.87 -2.77 -7.23
N ASN A 14 5.86 -3.24 -7.96
CA ASN A 14 5.92 -4.58 -8.56
C ASN A 14 7.10 -4.71 -9.53
N GLU A 15 7.46 -3.66 -10.28
CA GLU A 15 8.70 -3.65 -11.07
C GLU A 15 9.93 -3.80 -10.20
N ILE A 16 10.04 -2.92 -9.19
CA ILE A 16 11.17 -2.91 -8.26
C ILE A 16 11.33 -4.26 -7.51
N LYS A 17 10.21 -4.84 -7.07
CA LYS A 17 10.07 -6.08 -6.26
C LYS A 17 8.83 -6.85 -6.71
N PRO A 18 8.90 -7.74 -7.73
CA PRO A 18 7.73 -8.49 -8.23
C PRO A 18 7.36 -9.67 -7.31
N GLY A 19 7.09 -9.34 -6.06
CA GLY A 19 6.91 -10.27 -4.96
C GLY A 19 6.53 -9.55 -3.67
N LEU A 20 5.45 -8.75 -3.70
CA LEU A 20 4.85 -8.17 -2.49
C LEU A 20 3.58 -8.93 -2.06
N GLN A 21 3.33 -8.91 -0.76
CA GLN A 21 2.36 -9.74 -0.06
C GLN A 21 1.46 -8.84 0.82
N TYR A 22 0.23 -8.59 0.38
CA TYR A 22 -0.69 -7.60 0.96
C TYR A 22 -1.80 -8.28 1.80
N MET A 23 -2.08 -7.72 2.97
CA MET A 23 -3.05 -8.20 3.96
C MET A 23 -3.93 -7.03 4.43
N LEU A 24 -5.25 -7.20 4.55
CA LEU A 24 -6.18 -6.13 4.92
C LEU A 24 -6.61 -6.30 6.37
N LEU A 25 -6.35 -5.27 7.17
CA LEU A 25 -6.59 -5.17 8.58
C LEU A 25 -7.22 -3.81 8.94
N SER A 26 -7.82 -3.76 10.14
CA SER A 26 -9.28 -3.74 10.15
C SER A 26 -9.92 -2.40 9.79
N GLN A 27 -10.95 -2.49 8.95
CA GLN A 27 -11.82 -1.38 8.59
C GLN A 27 -12.53 -0.79 9.83
N THR A 28 -12.25 0.49 10.09
CA THR A 28 -12.82 1.31 11.18
C THR A 28 -12.98 2.77 10.70
N GLY A 29 -13.56 3.66 11.50
CA GLY A 29 -13.58 5.10 11.20
C GLY A 29 -14.94 5.79 11.42
N PRO A 30 -15.03 7.09 11.12
CA PRO A 30 -16.24 7.89 11.23
C PRO A 30 -17.22 7.55 10.09
N VAL A 31 -18.49 7.93 10.25
CA VAL A 31 -19.55 7.78 9.23
C VAL A 31 -19.20 8.49 7.90
N HIS A 32 -18.31 9.49 7.93
CA HIS A 32 -17.90 10.31 6.78
C HIS A 32 -16.51 9.94 6.22
N ALA A 33 -15.78 8.98 6.82
CA ALA A 33 -14.44 8.55 6.37
C ALA A 33 -14.10 7.10 6.77
N PRO A 34 -14.84 6.07 6.32
CA PRO A 34 -14.41 4.68 6.47
C PRO A 34 -12.95 4.47 6.05
N LEU A 35 -12.16 3.89 6.95
CA LEU A 35 -10.71 3.76 6.82
C LEU A 35 -10.30 2.29 6.94
N PHE A 36 -9.53 1.86 5.95
CA PHE A 36 -9.04 0.51 5.70
C PHE A 36 -7.51 0.55 5.77
N VAL A 37 -6.84 -0.41 6.43
CA VAL A 37 -5.36 -0.44 6.43
C VAL A 37 -4.84 -1.73 5.83
N MET A 38 -3.82 -1.66 4.96
CA MET A 38 -3.12 -2.84 4.45
C MET A 38 -1.69 -2.89 4.94
N SER A 39 -1.25 -4.07 5.37
CA SER A 39 0.16 -4.37 5.55
C SER A 39 0.64 -5.02 4.26
N VAL A 40 1.61 -4.39 3.59
CA VAL A 40 2.31 -5.03 2.48
C VAL A 40 3.69 -5.43 2.89
N GLU A 41 4.04 -6.67 2.62
CA GLU A 41 5.32 -7.26 2.96
C GLU A 41 6.14 -7.36 1.68
N VAL A 42 7.37 -6.84 1.73
CA VAL A 42 8.16 -6.52 0.50
C VAL A 42 9.51 -7.28 0.33
N ASN A 43 10.11 -7.80 1.39
CA ASN A 43 11.51 -8.26 1.41
C ASN A 43 11.93 -9.10 2.66
N GLY A 44 11.03 -9.24 3.63
CA GLY A 44 11.29 -9.71 5.00
C GLY A 44 10.58 -8.91 6.10
N GLN A 45 9.74 -7.93 5.72
CA GLN A 45 9.17 -6.89 6.56
C GLN A 45 7.88 -6.35 5.96
N VAL A 46 6.90 -6.02 6.79
CA VAL A 46 5.59 -5.46 6.41
C VAL A 46 5.53 -3.97 6.73
N PHE A 47 4.88 -3.24 5.82
CA PHE A 47 4.77 -1.80 5.72
C PHE A 47 3.26 -1.47 5.68
N GLU A 48 2.74 -0.71 6.64
CA GLU A 48 1.28 -0.53 6.81
C GLU A 48 0.78 0.84 6.31
N GLY A 49 -0.20 0.83 5.40
CA GLY A 49 -0.75 2.00 4.74
C GLY A 49 -2.27 2.08 4.82
N SER A 50 -2.78 3.28 5.12
CA SER A 50 -4.19 3.58 5.37
C SER A 50 -4.84 4.30 4.18
N GLY A 51 -5.99 3.79 3.72
CA GLY A 51 -6.77 4.40 2.62
C GLY A 51 -8.27 4.44 2.92
N PRO A 52 -9.02 5.43 2.38
CA PRO A 52 -10.49 5.46 2.47
C PRO A 52 -11.20 4.33 1.67
N THR A 53 -10.41 3.42 1.09
CA THR A 53 -10.79 2.13 0.50
C THR A 53 -9.58 1.20 0.57
N LYS A 54 -9.78 -0.12 0.67
CA LYS A 54 -8.71 -1.13 0.71
C LYS A 54 -7.73 -1.05 -0.48
N LYS A 55 -8.23 -0.66 -1.66
CA LYS A 55 -7.46 -0.47 -2.90
C LYS A 55 -6.50 0.73 -2.84
N LYS A 56 -6.83 1.74 -2.03
CA LYS A 56 -5.97 2.89 -1.71
C LYS A 56 -5.05 2.60 -0.51
N ALA A 57 -5.50 1.78 0.43
CA ALA A 57 -4.70 1.30 1.55
C ALA A 57 -3.48 0.49 1.08
N LYS A 58 -3.67 -0.56 0.27
CA LYS A 58 -2.57 -1.31 -0.37
C LYS A 58 -1.61 -0.46 -1.19
N LEU A 59 -2.14 0.49 -1.96
CA LEU A 59 -1.36 1.53 -2.62
C LEU A 59 -0.48 2.26 -1.61
N HIS A 60 -1.07 2.83 -0.55
CA HIS A 60 -0.33 3.60 0.45
C HIS A 60 0.82 2.79 1.08
N ALA A 61 0.52 1.53 1.41
CA ALA A 61 1.44 0.55 1.94
C ALA A 61 2.65 0.38 1.01
N ALA A 62 2.42 -0.07 -0.22
CA ALA A 62 3.40 -0.27 -1.29
C ALA A 62 4.17 0.99 -1.70
N GLU A 63 3.47 2.13 -1.87
CA GLU A 63 4.07 3.43 -2.17
C GLU A 63 5.10 3.80 -1.11
N LYS A 64 4.73 3.93 0.17
CA LYS A 64 5.71 4.12 1.25
C LYS A 64 6.75 3.00 1.25
N ALA A 65 6.36 1.74 1.03
CA ALA A 65 7.26 0.60 1.17
C ALA A 65 8.50 0.81 0.32
N LEU A 66 8.32 0.88 -1.01
CA LEU A 66 9.47 1.13 -1.89
C LEU A 66 10.06 2.53 -1.72
N ARG A 67 9.26 3.59 -1.50
CA ARG A 67 9.78 4.94 -1.23
C ARG A 67 10.76 5.00 -0.05
N SER A 68 10.30 4.59 1.12
CA SER A 68 11.08 4.47 2.37
C SER A 68 12.31 3.57 2.19
N PHE A 69 12.13 2.44 1.48
CA PHE A 69 13.16 1.43 1.22
C PHE A 69 14.25 1.85 0.21
N VAL A 70 13.92 2.64 -0.82
CA VAL A 70 14.79 2.90 -1.98
C VAL A 70 16.10 3.59 -1.57
N GLN A 71 17.12 2.75 -1.40
CA GLN A 71 18.48 2.99 -0.90
C GLN A 71 19.24 1.65 -0.88
N PHE A 72 18.54 0.57 -0.46
CA PHE A 72 18.84 -0.81 -0.83
C PHE A 72 18.24 -1.17 -2.22
N PRO A 73 18.79 -2.16 -2.94
CA PRO A 73 18.25 -2.67 -4.21
C PRO A 73 17.04 -3.59 -4.02
N PRO A 1 3.67 -4.44 -13.89
CA PRO A 1 2.62 -3.49 -14.29
C PRO A 1 1.51 -3.30 -13.24
N GLY A 2 0.48 -2.51 -13.55
CA GLY A 2 -0.61 -2.11 -12.65
C GLY A 2 -1.88 -1.70 -13.41
N PRO A 3 -2.74 -2.66 -13.82
CA PRO A 3 -3.85 -2.43 -14.76
C PRO A 3 -4.82 -1.28 -14.45
N VAL A 4 -5.18 -1.07 -13.18
CA VAL A 4 -6.25 -0.14 -12.73
C VAL A 4 -5.75 0.86 -11.69
N LEU A 5 -6.62 1.74 -11.17
CA LEU A 5 -6.33 3.00 -10.46
C LEU A 5 -5.08 3.08 -9.54
N PRO A 6 -4.76 2.09 -8.67
CA PRO A 6 -3.48 2.01 -7.93
C PRO A 6 -2.18 2.02 -8.79
N LYS A 7 -2.33 1.97 -10.11
CA LYS A 7 -1.36 1.99 -11.21
C LYS A 7 0.05 2.45 -10.84
N ASN A 8 0.27 3.74 -10.59
CA ASN A 8 1.63 4.30 -10.49
C ASN A 8 2.50 3.59 -9.42
N ALA A 9 2.05 3.59 -8.17
CA ALA A 9 2.68 2.79 -7.12
C ALA A 9 2.74 1.30 -7.48
N LEU A 10 1.60 0.67 -7.77
CA LEU A 10 1.54 -0.79 -7.89
C LEU A 10 2.45 -1.30 -8.99
N MET A 11 2.40 -0.67 -10.15
CA MET A 11 3.38 -0.90 -11.20
C MET A 11 4.83 -0.68 -10.72
N GLN A 12 5.17 0.44 -10.06
CA GLN A 12 6.54 0.70 -9.55
C GLN A 12 7.11 -0.44 -8.73
N LEU A 13 6.45 -0.82 -7.62
CA LEU A 13 6.99 -1.86 -6.75
C LEU A 13 6.81 -3.26 -7.31
N ASN A 14 5.76 -3.53 -8.09
CA ASN A 14 5.70 -4.77 -8.87
C ASN A 14 6.92 -4.92 -9.78
N GLU A 15 7.29 -3.84 -10.46
CA GLU A 15 8.47 -3.76 -11.32
C GLU A 15 9.77 -4.09 -10.59
N ILE A 16 10.12 -3.23 -9.64
CA ILE A 16 11.37 -3.29 -8.86
C ILE A 16 11.46 -4.58 -8.01
N LYS A 17 10.35 -5.05 -7.44
CA LYS A 17 10.22 -6.16 -6.46
C LYS A 17 8.97 -7.03 -6.77
N PRO A 18 9.00 -7.91 -7.79
CA PRO A 18 7.83 -8.65 -8.29
C PRO A 18 7.42 -9.84 -7.37
N GLY A 19 7.18 -9.57 -6.08
CA GLY A 19 6.85 -10.57 -5.08
C GLY A 19 6.22 -10.03 -3.78
N LEU A 20 5.56 -8.86 -3.81
CA LEU A 20 4.98 -8.27 -2.59
C LEU A 20 3.74 -9.02 -2.11
N GLN A 21 3.46 -8.85 -0.81
CA GLN A 21 2.40 -9.59 -0.12
C GLN A 21 1.52 -8.65 0.73
N TYR A 22 0.28 -8.42 0.30
CA TYR A 22 -0.66 -7.44 0.85
C TYR A 22 -1.74 -8.15 1.70
N MET A 23 -2.04 -7.61 2.88
CA MET A 23 -2.98 -8.15 3.87
C MET A 23 -3.88 -7.03 4.40
N LEU A 24 -5.19 -7.24 4.51
CA LEU A 24 -6.16 -6.20 4.84
C LEU A 24 -6.58 -6.40 6.30
N LEU A 25 -6.27 -5.37 7.09
CA LEU A 25 -6.39 -5.28 8.53
C LEU A 25 -7.44 -4.17 8.82
N SER A 26 -8.32 -4.48 9.75
CA SER A 26 -9.75 -4.42 9.44
C SER A 26 -10.33 -3.02 9.28
N GLN A 27 -11.19 -2.90 8.26
CA GLN A 27 -12.19 -1.85 8.11
C GLN A 27 -12.75 -1.33 9.45
N THR A 28 -12.63 -0.02 9.64
CA THR A 28 -12.74 0.67 10.94
C THR A 28 -13.21 2.13 10.80
N GLY A 29 -13.92 2.42 9.71
CA GLY A 29 -14.26 3.78 9.30
C GLY A 29 -15.03 4.62 10.35
N PRO A 30 -14.77 5.93 10.45
CA PRO A 30 -15.26 6.79 11.53
C PRO A 30 -16.72 7.26 11.34
N VAL A 31 -17.62 6.35 10.97
CA VAL A 31 -19.10 6.51 10.87
C VAL A 31 -19.60 7.41 9.72
N HIS A 32 -18.74 8.28 9.18
CA HIS A 32 -19.03 9.24 8.09
C HIS A 32 -18.06 9.08 6.90
N ALA A 33 -17.07 8.20 7.06
CA ALA A 33 -16.18 7.68 6.03
C ALA A 33 -15.91 6.19 6.35
N PRO A 34 -15.61 5.35 5.36
CA PRO A 34 -14.87 4.11 5.55
C PRO A 34 -13.38 4.36 5.79
N LEU A 35 -12.68 3.43 6.46
CA LEU A 35 -11.22 3.39 6.55
C LEU A 35 -10.73 1.95 6.66
N PHE A 36 -9.71 1.60 5.89
CA PHE A 36 -9.10 0.27 5.77
C PHE A 36 -7.58 0.39 5.90
N VAL A 37 -6.88 -0.61 6.46
CA VAL A 37 -5.41 -0.62 6.41
C VAL A 37 -4.86 -1.87 5.75
N MET A 38 -3.88 -1.73 4.86
CA MET A 38 -3.15 -2.87 4.30
C MET A 38 -1.71 -2.88 4.78
N SER A 39 -1.24 -4.06 5.16
CA SER A 39 0.19 -4.34 5.39
C SER A 39 0.73 -5.01 4.14
N VAL A 40 1.72 -4.39 3.50
CA VAL A 40 2.38 -4.97 2.34
C VAL A 40 3.81 -5.34 2.68
N GLU A 41 4.21 -6.55 2.31
CA GLU A 41 5.52 -7.08 2.65
C GLU A 41 6.39 -7.03 1.39
N VAL A 42 7.58 -6.43 1.55
CA VAL A 42 8.47 -6.06 0.40
C VAL A 42 9.86 -6.72 0.36
N ASN A 43 10.41 -7.22 1.46
CA ASN A 43 11.83 -7.65 1.56
C ASN A 43 12.20 -8.47 2.83
N GLY A 44 11.26 -8.73 3.71
CA GLY A 44 11.45 -9.21 5.09
C GLY A 44 10.66 -8.44 6.16
N GLN A 45 9.84 -7.47 5.74
CA GLN A 45 9.15 -6.49 6.54
C GLN A 45 7.84 -6.07 5.86
N VAL A 46 6.79 -5.92 6.66
CA VAL A 46 5.47 -5.46 6.22
C VAL A 46 5.29 -3.99 6.62
N PHE A 47 4.76 -3.23 5.67
CA PHE A 47 4.63 -1.79 5.65
C PHE A 47 3.14 -1.45 5.57
N GLU A 48 2.63 -0.67 6.55
CA GLU A 48 1.18 -0.50 6.74
C GLU A 48 0.69 0.87 6.25
N GLY A 49 -0.25 0.87 5.31
CA GLY A 49 -0.86 2.07 4.73
C GLY A 49 -2.37 2.07 4.91
N SER A 50 -2.91 3.22 5.30
CA SER A 50 -4.34 3.45 5.58
C SER A 50 -4.98 4.24 4.43
N GLY A 51 -6.10 3.74 3.92
CA GLY A 51 -6.88 4.36 2.85
C GLY A 51 -8.39 4.32 3.13
N PRO A 52 -9.16 5.41 2.86
CA PRO A 52 -10.63 5.40 2.82
C PRO A 52 -11.29 4.33 1.95
N THR A 53 -10.49 3.58 1.19
CA THR A 53 -10.83 2.38 0.43
C THR A 53 -9.63 1.45 0.47
N LYS A 54 -9.85 0.13 0.53
CA LYS A 54 -8.80 -0.89 0.58
C LYS A 54 -7.78 -0.81 -0.58
N LYS A 55 -8.20 -0.33 -1.74
CA LYS A 55 -7.36 -0.06 -2.93
C LYS A 55 -6.42 1.14 -2.74
N LYS A 56 -6.83 2.16 -1.97
CA LYS A 56 -5.97 3.27 -1.54
C LYS A 56 -5.10 2.86 -0.35
N ALA A 57 -5.59 1.99 0.53
CA ALA A 57 -4.79 1.42 1.64
C ALA A 57 -3.57 0.64 1.12
N LYS A 58 -3.77 -0.38 0.27
CA LYS A 58 -2.64 -1.04 -0.43
C LYS A 58 -1.75 -0.12 -1.27
N LEU A 59 -2.29 0.85 -2.00
CA LEU A 59 -1.49 1.88 -2.69
C LEU A 59 -0.57 2.61 -1.71
N HIS A 60 -1.11 3.11 -0.60
CA HIS A 60 -0.36 3.80 0.45
C HIS A 60 0.78 2.91 0.97
N ALA A 61 0.43 1.69 1.36
CA ALA A 61 1.33 0.68 1.87
C ALA A 61 2.47 0.42 0.89
N ALA A 62 2.15 0.08 -0.36
CA ALA A 62 3.05 -0.15 -1.48
C ALA A 62 4.00 1.03 -1.76
N GLU A 63 3.42 2.22 -1.97
CA GLU A 63 4.15 3.44 -2.29
C GLU A 63 5.22 3.70 -1.23
N LYS A 64 4.81 3.92 0.02
CA LYS A 64 5.75 4.05 1.14
C LYS A 64 6.66 2.84 1.28
N ALA A 65 6.20 1.62 1.05
CA ALA A 65 7.02 0.42 1.25
C ALA A 65 8.30 0.54 0.43
N LEU A 66 8.19 0.63 -0.90
CA LEU A 66 9.41 0.73 -1.70
C LEU A 66 10.12 2.09 -1.56
N ARG A 67 9.37 3.20 -1.45
CA ARG A 67 9.94 4.54 -1.19
C ARG A 67 10.80 4.59 0.08
N SER A 68 10.23 4.25 1.23
CA SER A 68 10.93 4.14 2.53
C SER A 68 12.11 3.17 2.47
N PHE A 69 11.92 2.00 1.85
CA PHE A 69 12.98 1.01 1.58
C PHE A 69 14.17 1.57 0.78
N VAL A 70 13.94 2.55 -0.12
CA VAL A 70 14.99 3.30 -0.86
C VAL A 70 15.47 4.57 -0.11
N GLN A 71 14.84 4.93 1.00
CA GLN A 71 14.96 6.20 1.72
C GLN A 71 15.46 5.99 3.17
N PHE A 72 16.71 5.53 3.29
CA PHE A 72 17.45 5.38 4.55
C PHE A 72 18.86 6.00 4.43
N PRO A 73 19.49 6.46 5.54
CA PRO A 73 19.00 6.47 6.92
C PRO A 73 17.82 7.44 7.17
N PRO A 1 1.41 9.13 -1.22
CA PRO A 1 0.24 10.00 -1.40
C PRO A 1 0.19 10.63 -2.80
N GLY A 2 -0.79 10.32 -3.66
CA GLY A 2 -1.90 9.38 -3.42
C GLY A 2 -2.82 9.24 -4.65
N PRO A 3 -2.36 8.62 -5.76
CA PRO A 3 -3.08 8.53 -7.04
C PRO A 3 -4.57 8.15 -6.96
N VAL A 4 -5.39 8.73 -7.86
CA VAL A 4 -6.81 8.36 -8.05
C VAL A 4 -6.97 7.03 -8.80
N LEU A 5 -6.03 6.70 -9.70
CA LEU A 5 -5.89 5.39 -10.34
C LEU A 5 -4.60 4.73 -9.80
N PRO A 6 -4.67 3.56 -9.15
CA PRO A 6 -3.53 3.00 -8.41
C PRO A 6 -2.39 2.44 -9.28
N LYS A 7 -2.61 2.34 -10.59
CA LYS A 7 -1.66 1.76 -11.57
C LYS A 7 -0.24 2.28 -11.36
N ASN A 8 -0.01 3.59 -11.42
CA ASN A 8 1.35 4.17 -11.40
C ASN A 8 2.17 3.77 -10.16
N ALA A 9 1.60 3.90 -8.95
CA ALA A 9 2.22 3.36 -7.74
C ALA A 9 2.50 1.84 -7.84
N LEU A 10 1.46 1.03 -8.08
CA LEU A 10 1.55 -0.43 -8.06
C LEU A 10 2.55 -0.95 -9.08
N MET A 11 2.48 -0.48 -10.33
CA MET A 11 3.52 -0.74 -11.31
C MET A 11 4.92 -0.30 -10.88
N GLN A 12 5.10 0.88 -10.23
CA GLN A 12 6.41 1.28 -9.69
C GLN A 12 6.96 0.16 -8.80
N LEU A 13 6.23 -0.21 -7.74
CA LEU A 13 6.77 -1.24 -6.87
C LEU A 13 6.78 -2.66 -7.45
N ASN A 14 5.83 -3.02 -8.30
CA ASN A 14 5.84 -4.30 -9.00
C ASN A 14 7.11 -4.47 -9.85
N GLU A 15 7.53 -3.45 -10.60
CA GLU A 15 8.86 -3.42 -11.24
C GLU A 15 9.99 -3.62 -10.22
N ILE A 16 10.00 -2.76 -9.20
CA ILE A 16 11.08 -2.77 -8.21
C ILE A 16 11.23 -4.14 -7.47
N LYS A 17 10.11 -4.74 -7.10
CA LYS A 17 9.92 -6.01 -6.38
C LYS A 17 8.64 -6.70 -6.88
N PRO A 18 8.69 -7.58 -7.89
CA PRO A 18 7.52 -8.30 -8.41
C PRO A 18 7.10 -9.48 -7.49
N GLY A 19 6.90 -9.18 -6.21
CA GLY A 19 6.69 -10.18 -5.16
C GLY A 19 6.37 -9.60 -3.79
N LEU A 20 5.41 -8.67 -3.70
CA LEU A 20 4.89 -8.18 -2.41
C LEU A 20 3.62 -8.92 -1.97
N GLN A 21 3.42 -8.95 -0.65
CA GLN A 21 2.37 -9.74 0.00
C GLN A 21 1.53 -8.83 0.93
N TYR A 22 0.27 -8.57 0.54
CA TYR A 22 -0.63 -7.57 1.11
C TYR A 22 -1.71 -8.23 2.01
N MET A 23 -1.97 -7.66 3.20
CA MET A 23 -2.90 -8.15 4.22
C MET A 23 -3.77 -7.01 4.75
N LEU A 24 -5.08 -7.20 4.90
CA LEU A 24 -6.02 -6.13 5.22
C LEU A 24 -6.41 -6.22 6.70
N LEU A 25 -6.10 -5.15 7.42
CA LEU A 25 -6.18 -4.96 8.86
C LEU A 25 -7.09 -3.75 9.13
N SER A 26 -7.76 -3.78 10.28
CA SER A 26 -9.21 -3.68 10.24
C SER A 26 -9.79 -2.30 9.92
N GLN A 27 -10.79 -2.33 9.04
CA GLN A 27 -11.61 -1.19 8.66
C GLN A 27 -12.30 -0.54 9.88
N THR A 28 -12.19 0.78 9.90
CA THR A 28 -12.71 1.75 10.86
C THR A 28 -13.12 3.01 10.08
N GLY A 29 -13.15 4.20 10.68
CA GLY A 29 -13.11 5.44 9.91
C GLY A 29 -13.36 6.72 10.73
N PRO A 30 -13.00 7.89 10.18
CA PRO A 30 -13.30 9.20 10.77
C PRO A 30 -14.77 9.58 10.56
N VAL A 31 -15.24 10.67 11.17
CA VAL A 31 -16.64 11.15 11.10
C VAL A 31 -16.94 11.85 9.75
N HIS A 32 -16.66 11.16 8.64
CA HIS A 32 -16.88 11.57 7.24
C HIS A 32 -16.50 10.48 6.20
N ALA A 33 -15.81 9.40 6.60
CA ALA A 33 -15.35 8.34 5.69
C ALA A 33 -15.23 6.96 6.39
N PRO A 34 -15.12 5.86 5.64
CA PRO A 34 -14.39 4.66 6.05
C PRO A 34 -12.87 4.83 5.95
N LEU A 35 -12.12 3.97 6.62
CA LEU A 35 -10.66 3.83 6.53
C LEU A 35 -10.23 2.38 6.75
N PHE A 36 -9.42 1.85 5.85
CA PHE A 36 -8.86 0.49 5.80
C PHE A 36 -7.34 0.57 5.88
N VAL A 37 -6.66 -0.38 6.55
CA VAL A 37 -5.18 -0.42 6.48
C VAL A 37 -4.68 -1.72 5.89
N MET A 38 -3.72 -1.67 4.97
CA MET A 38 -3.03 -2.85 4.47
C MET A 38 -1.59 -2.88 4.95
N SER A 39 -1.14 -4.04 5.42
CA SER A 39 0.26 -4.33 5.68
C SER A 39 0.81 -5.06 4.45
N VAL A 40 1.81 -4.47 3.81
CA VAL A 40 2.42 -5.07 2.62
C VAL A 40 3.86 -5.43 2.88
N GLU A 41 4.20 -6.66 2.53
CA GLU A 41 5.43 -7.30 2.93
C GLU A 41 6.36 -7.34 1.73
N VAL A 42 7.57 -6.81 1.94
CA VAL A 42 8.48 -6.41 0.84
C VAL A 42 9.85 -7.11 0.79
N ASN A 43 10.23 -7.82 1.87
CA ASN A 43 11.58 -8.38 2.05
C ASN A 43 11.71 -9.32 3.28
N GLY A 44 10.65 -9.49 4.06
CA GLY A 44 10.69 -10.07 5.41
C GLY A 44 9.95 -9.28 6.50
N GLN A 45 9.53 -8.07 6.16
CA GLN A 45 8.91 -7.06 7.00
C GLN A 45 7.72 -6.46 6.25
N VAL A 46 6.68 -6.13 7.00
CA VAL A 46 5.42 -5.60 6.51
C VAL A 46 5.29 -4.10 6.85
N PHE A 47 4.85 -3.35 5.86
CA PHE A 47 4.74 -1.90 5.82
C PHE A 47 3.26 -1.53 5.77
N GLU A 48 2.76 -0.75 6.73
CA GLU A 48 1.31 -0.52 6.89
C GLU A 48 0.87 0.85 6.36
N GLY A 49 -0.14 0.86 5.48
CA GLY A 49 -0.63 2.04 4.75
C GLY A 49 -2.16 2.11 4.72
N SER A 50 -2.70 3.33 4.92
CA SER A 50 -4.12 3.61 5.15
C SER A 50 -4.81 4.25 3.94
N GLY A 51 -5.96 3.71 3.53
CA GLY A 51 -6.80 4.26 2.45
C GLY A 51 -8.30 4.26 2.79
N PRO A 52 -9.10 5.24 2.32
CA PRO A 52 -10.55 5.22 2.47
C PRO A 52 -11.27 4.06 1.73
N THR A 53 -10.49 3.27 0.98
CA THR A 53 -10.83 1.97 0.40
C THR A 53 -9.60 1.07 0.52
N LYS A 54 -9.80 -0.24 0.73
CA LYS A 54 -8.73 -1.26 0.78
C LYS A 54 -7.77 -1.22 -0.41
N LYS A 55 -8.31 -0.91 -1.60
CA LYS A 55 -7.59 -0.74 -2.88
C LYS A 55 -6.61 0.45 -2.90
N LYS A 56 -6.79 1.42 -1.99
CA LYS A 56 -5.94 2.60 -1.81
C LYS A 56 -5.04 2.49 -0.58
N ALA A 57 -5.47 1.73 0.41
CA ALA A 57 -4.66 1.32 1.56
C ALA A 57 -3.41 0.55 1.10
N LYS A 58 -3.59 -0.52 0.32
CA LYS A 58 -2.49 -1.24 -0.35
C LYS A 58 -1.60 -0.37 -1.23
N LEU A 59 -2.18 0.58 -1.99
CA LEU A 59 -1.41 1.58 -2.73
C LEU A 59 -0.47 2.34 -1.80
N HIS A 60 -1.00 2.99 -0.77
CA HIS A 60 -0.20 3.75 0.19
C HIS A 60 0.90 2.92 0.84
N ALA A 61 0.54 1.72 1.28
CA ALA A 61 1.45 0.76 1.88
C ALA A 61 2.62 0.44 0.94
N ALA A 62 2.34 -0.09 -0.24
CA ALA A 62 3.29 -0.49 -1.29
C ALA A 62 4.13 0.67 -1.86
N GLU A 63 3.48 1.81 -2.13
CA GLU A 63 4.09 3.07 -2.54
C GLU A 63 5.20 3.45 -1.56
N LYS A 64 4.84 3.75 -0.30
CA LYS A 64 5.83 4.03 0.76
C LYS A 64 6.78 2.87 1.01
N ALA A 65 6.34 1.61 0.93
CA ALA A 65 7.18 0.46 1.23
C ALA A 65 8.43 0.56 0.37
N LEU A 66 8.25 0.63 -0.96
CA LEU A 66 9.39 0.89 -1.85
C LEU A 66 10.02 2.27 -1.69
N ARG A 67 9.26 3.34 -1.46
CA ARG A 67 9.82 4.70 -1.25
C ARG A 67 10.85 4.75 -0.10
N SER A 68 10.40 4.33 1.08
CA SER A 68 11.17 4.15 2.31
C SER A 68 12.36 3.20 2.14
N PHE A 69 12.11 2.02 1.55
CA PHE A 69 13.10 0.97 1.28
C PHE A 69 14.24 1.43 0.33
N VAL A 70 13.91 2.15 -0.75
CA VAL A 70 14.87 2.71 -1.72
C VAL A 70 15.79 3.72 -1.02
N GLN A 71 17.09 3.59 -1.27
CA GLN A 71 18.16 4.51 -0.84
C GLN A 71 19.13 4.82 -2.01
N PHE A 72 18.74 4.46 -3.24
CA PHE A 72 19.57 4.45 -4.45
C PHE A 72 20.90 3.68 -4.27
N PRO A 73 20.87 2.33 -4.15
CA PRO A 73 19.74 1.41 -4.36
C PRO A 73 18.65 1.48 -3.28
N PRO A 1 -10.69 12.73 -8.90
CA PRO A 1 -10.03 11.44 -9.26
C PRO A 1 -9.24 11.55 -10.57
N GLY A 2 -8.46 10.52 -10.92
CA GLY A 2 -7.72 10.44 -12.18
C GLY A 2 -7.20 9.02 -12.50
N PRO A 3 -6.70 8.78 -13.73
CA PRO A 3 -6.33 7.45 -14.21
C PRO A 3 -5.02 6.88 -13.62
N VAL A 4 -4.22 7.71 -12.93
CA VAL A 4 -2.90 7.35 -12.36
C VAL A 4 -2.92 6.23 -11.31
N LEU A 5 -4.05 6.00 -10.63
CA LEU A 5 -4.12 5.17 -9.41
C LEU A 5 -4.92 3.87 -9.57
N PRO A 6 -4.71 2.87 -8.68
CA PRO A 6 -3.49 2.66 -7.89
C PRO A 6 -2.27 2.22 -8.73
N LYS A 7 -2.51 2.01 -10.03
CA LYS A 7 -1.58 1.45 -11.01
C LYS A 7 -0.18 2.05 -11.02
N ASN A 8 0.04 3.36 -10.89
CA ASN A 8 1.41 3.92 -10.92
C ASN A 8 2.28 3.42 -9.74
N ALA A 9 1.79 3.48 -8.50
CA ALA A 9 2.50 2.88 -7.37
C ALA A 9 2.65 1.35 -7.56
N LEU A 10 1.56 0.65 -7.87
CA LEU A 10 1.59 -0.81 -7.94
C LEU A 10 2.56 -1.25 -9.02
N MET A 11 2.48 -0.69 -10.23
CA MET A 11 3.51 -0.92 -11.23
C MET A 11 4.93 -0.58 -10.79
N GLN A 12 5.17 0.52 -10.04
CA GLN A 12 6.50 0.82 -9.48
C GLN A 12 7.06 -0.37 -8.68
N LEU A 13 6.41 -0.73 -7.57
CA LEU A 13 6.96 -1.78 -6.71
C LEU A 13 6.81 -3.21 -7.27
N ASN A 14 5.71 -3.53 -7.96
CA ASN A 14 5.59 -4.80 -8.67
C ASN A 14 6.62 -4.96 -9.80
N GLU A 15 7.12 -3.89 -10.44
CA GLU A 15 8.33 -4.00 -11.28
C GLU A 15 9.57 -4.30 -10.46
N ILE A 16 9.88 -3.39 -9.54
CA ILE A 16 11.13 -3.43 -8.79
C ILE A 16 11.31 -4.74 -7.97
N LYS A 17 10.22 -5.20 -7.36
CA LYS A 17 10.06 -6.37 -6.47
C LYS A 17 8.81 -7.17 -6.87
N PRO A 18 8.85 -8.03 -7.90
CA PRO A 18 7.67 -8.72 -8.43
C PRO A 18 7.20 -9.91 -7.57
N GLY A 19 7.10 -9.71 -6.26
CA GLY A 19 6.77 -10.75 -5.29
C GLY A 19 6.40 -10.22 -3.90
N LEU A 20 5.78 -9.02 -3.81
CA LEU A 20 5.27 -8.50 -2.54
C LEU A 20 4.12 -9.36 -2.02
N GLN A 21 3.77 -9.17 -0.74
CA GLN A 21 2.51 -9.68 -0.18
C GLN A 21 1.71 -8.54 0.44
N TYR A 22 0.44 -8.34 0.06
CA TYR A 22 -0.52 -7.40 0.66
C TYR A 22 -1.52 -8.19 1.52
N MET A 23 -1.79 -7.67 2.71
CA MET A 23 -2.69 -8.22 3.73
C MET A 23 -3.61 -7.10 4.18
N LEU A 24 -4.91 -7.36 4.33
CA LEU A 24 -5.91 -6.35 4.64
C LEU A 24 -6.33 -6.40 6.09
N LEU A 25 -6.40 -5.21 6.68
CA LEU A 25 -6.78 -4.96 8.04
C LEU A 25 -8.01 -4.05 8.03
N SER A 26 -9.10 -4.57 8.56
CA SER A 26 -10.45 -4.08 8.25
C SER A 26 -11.35 -3.96 9.45
N GLN A 27 -12.10 -2.88 9.60
CA GLN A 27 -12.27 -1.62 8.86
C GLN A 27 -13.00 -0.68 9.85
N THR A 28 -12.60 0.58 9.89
CA THR A 28 -13.10 1.61 10.82
C THR A 28 -13.47 2.88 10.05
N GLY A 29 -13.58 4.04 10.69
CA GLY A 29 -13.70 5.34 10.00
C GLY A 29 -14.87 6.21 10.49
N PRO A 30 -15.02 7.42 9.91
CA PRO A 30 -16.16 8.30 10.14
C PRO A 30 -17.39 7.83 9.33
N VAL A 31 -18.46 8.61 9.43
CA VAL A 31 -19.67 8.52 8.58
C VAL A 31 -19.42 8.61 7.07
N HIS A 32 -18.25 9.11 6.63
CA HIS A 32 -18.00 9.50 5.24
C HIS A 32 -16.73 8.92 4.59
N ALA A 33 -15.96 8.08 5.32
CA ALA A 33 -14.67 7.55 4.85
C ALA A 33 -14.31 6.17 5.48
N PRO A 34 -14.96 5.06 5.08
CA PRO A 34 -14.58 3.72 5.52
C PRO A 34 -13.10 3.42 5.31
N LEU A 35 -12.39 3.16 6.42
CA LEU A 35 -10.94 3.15 6.50
C LEU A 35 -10.43 1.74 6.72
N PHE A 36 -9.68 1.31 5.72
CA PHE A 36 -8.99 0.02 5.67
C PHE A 36 -7.47 0.28 5.73
N VAL A 37 -6.73 -0.65 6.30
CA VAL A 37 -5.26 -0.68 6.30
C VAL A 37 -4.77 -1.87 5.49
N MET A 38 -3.69 -1.73 4.74
CA MET A 38 -2.95 -2.87 4.21
C MET A 38 -1.55 -2.90 4.75
N SER A 39 -1.09 -4.09 5.16
CA SER A 39 0.32 -4.36 5.46
C SER A 39 0.89 -5.01 4.21
N VAL A 40 1.93 -4.41 3.62
CA VAL A 40 2.57 -4.95 2.42
C VAL A 40 4.01 -5.31 2.69
N GLU A 41 4.40 -6.53 2.34
CA GLU A 41 5.66 -7.14 2.72
C GLU A 41 6.58 -7.11 1.50
N VAL A 42 7.73 -6.47 1.70
CA VAL A 42 8.65 -6.05 0.60
C VAL A 42 10.07 -6.66 0.59
N ASN A 43 10.55 -7.26 1.70
CA ASN A 43 11.95 -7.69 1.86
C ASN A 43 12.23 -8.62 3.08
N GLY A 44 11.23 -8.82 3.93
CA GLY A 44 11.32 -9.38 5.28
C GLY A 44 10.52 -8.61 6.34
N GLN A 45 9.80 -7.57 5.93
CA GLN A 45 9.09 -6.61 6.75
C GLN A 45 7.84 -6.15 6.00
N VAL A 46 6.74 -6.07 6.74
CA VAL A 46 5.46 -5.53 6.26
C VAL A 46 5.33 -4.07 6.69
N PHE A 47 4.89 -3.28 5.72
CA PHE A 47 4.74 -1.82 5.75
C PHE A 47 3.25 -1.49 5.73
N GLU A 48 2.75 -0.73 6.71
CA GLU A 48 1.29 -0.52 6.89
C GLU A 48 0.86 0.87 6.42
N GLY A 49 -0.10 0.92 5.49
CA GLY A 49 -0.72 2.14 5.01
C GLY A 49 -2.24 2.05 4.99
N SER A 50 -2.89 3.11 5.47
CA SER A 50 -4.34 3.21 5.62
C SER A 50 -4.96 4.11 4.54
N GLY A 51 -6.07 3.66 3.95
CA GLY A 51 -6.82 4.40 2.94
C GLY A 51 -8.34 4.36 3.18
N PRO A 52 -9.06 5.47 2.92
CA PRO A 52 -10.53 5.56 2.97
C PRO A 52 -11.26 4.71 1.90
N THR A 53 -10.56 3.75 1.30
CA THR A 53 -11.04 2.63 0.51
C THR A 53 -9.92 1.58 0.43
N LYS A 54 -10.27 0.30 0.27
CA LYS A 54 -9.35 -0.85 0.27
C LYS A 54 -8.18 -0.72 -0.74
N LYS A 55 -8.43 -0.08 -1.89
CA LYS A 55 -7.44 0.15 -2.96
C LYS A 55 -6.47 1.30 -2.67
N LYS A 56 -6.89 2.31 -1.91
CA LYS A 56 -6.01 3.38 -1.41
C LYS A 56 -5.14 2.90 -0.24
N ALA A 57 -5.64 1.96 0.56
CA ALA A 57 -4.87 1.31 1.63
C ALA A 57 -3.62 0.58 1.09
N LYS A 58 -3.79 -0.40 0.20
CA LYS A 58 -2.65 -1.03 -0.50
C LYS A 58 -1.74 -0.06 -1.25
N LEU A 59 -2.28 0.93 -1.98
CA LEU A 59 -1.50 1.99 -2.61
C LEU A 59 -0.58 2.68 -1.59
N HIS A 60 -1.14 3.15 -0.46
CA HIS A 60 -0.38 3.82 0.60
C HIS A 60 0.78 2.95 1.10
N ALA A 61 0.43 1.71 1.48
CA ALA A 61 1.35 0.72 1.98
C ALA A 61 2.49 0.49 0.98
N ALA A 62 2.15 0.14 -0.26
CA ALA A 62 3.06 -0.08 -1.38
C ALA A 62 3.99 1.10 -1.66
N GLU A 63 3.40 2.29 -1.87
CA GLU A 63 4.10 3.52 -2.19
C GLU A 63 5.18 3.79 -1.15
N LYS A 64 4.79 4.01 0.11
CA LYS A 64 5.75 4.17 1.19
C LYS A 64 6.68 2.97 1.35
N ALA A 65 6.22 1.73 1.12
CA ALA A 65 7.05 0.55 1.32
C ALA A 65 8.32 0.68 0.50
N LEU A 66 8.20 0.73 -0.84
CA LEU A 66 9.41 0.82 -1.65
C LEU A 66 10.09 2.21 -1.55
N ARG A 67 9.32 3.30 -1.47
CA ARG A 67 9.86 4.65 -1.24
C ARG A 67 10.72 4.75 0.01
N SER A 68 10.17 4.46 1.19
CA SER A 68 10.87 4.41 2.48
C SER A 68 12.07 3.45 2.47
N PHE A 69 11.92 2.29 1.81
CA PHE A 69 13.00 1.34 1.57
C PHE A 69 14.18 1.90 0.74
N VAL A 70 13.94 2.83 -0.20
CA VAL A 70 14.98 3.46 -1.05
C VAL A 70 15.48 4.82 -0.51
N GLN A 71 14.62 5.61 0.14
CA GLN A 71 14.87 6.99 0.59
C GLN A 71 14.09 7.29 1.89
N PHE A 72 14.59 8.21 2.72
CA PHE A 72 13.94 8.65 3.96
C PHE A 72 14.13 10.17 4.15
N PRO A 73 13.06 10.99 4.17
CA PRO A 73 11.64 10.63 4.05
C PRO A 73 11.22 10.05 2.68
N PRO A 1 3.84 8.34 0.98
CA PRO A 1 2.59 9.13 1.07
C PRO A 1 2.36 9.97 -0.21
N GLY A 2 1.21 9.87 -0.89
CA GLY A 2 0.06 9.01 -0.59
C GLY A 2 -1.12 9.23 -1.55
N PRO A 3 -0.95 9.00 -2.88
CA PRO A 3 -1.93 9.35 -3.91
C PRO A 3 -3.23 8.50 -3.88
N VAL A 4 -4.10 8.66 -4.88
CA VAL A 4 -5.48 8.11 -4.91
C VAL A 4 -5.78 7.19 -6.10
N LEU A 5 -4.77 6.84 -6.91
CA LEU A 5 -4.89 6.05 -8.14
C LEU A 5 -3.92 4.85 -8.11
N PRO A 6 -4.39 3.61 -7.89
CA PRO A 6 -3.58 2.39 -7.82
C PRO A 6 -2.49 2.25 -8.89
N LYS A 7 -2.82 2.57 -10.16
CA LYS A 7 -1.97 2.37 -11.35
C LYS A 7 -0.49 2.66 -11.09
N ASN A 8 -0.11 3.93 -10.92
CA ASN A 8 1.28 4.34 -11.07
C ASN A 8 2.17 3.89 -9.90
N ALA A 9 1.67 3.97 -8.66
CA ALA A 9 2.31 3.34 -7.52
C ALA A 9 2.53 1.83 -7.69
N LEU A 10 1.46 1.05 -7.96
CA LEU A 10 1.52 -0.41 -8.02
C LEU A 10 2.47 -0.86 -9.11
N MET A 11 2.35 -0.32 -10.32
CA MET A 11 3.37 -0.58 -11.34
C MET A 11 4.79 -0.20 -10.92
N GLN A 12 5.01 0.92 -10.22
CA GLN A 12 6.34 1.25 -9.66
C GLN A 12 6.88 0.08 -8.83
N LEU A 13 6.18 -0.29 -7.75
CA LEU A 13 6.72 -1.35 -6.89
C LEU A 13 6.66 -2.76 -7.46
N ASN A 14 5.65 -3.12 -8.23
CA ASN A 14 5.59 -4.41 -8.91
C ASN A 14 6.75 -4.59 -9.90
N GLU A 15 7.16 -3.55 -10.63
CA GLU A 15 8.46 -3.56 -11.34
C GLU A 15 9.62 -3.81 -10.39
N ILE A 16 9.75 -2.96 -9.37
CA ILE A 16 10.89 -2.99 -8.45
C ILE A 16 11.07 -4.36 -7.74
N LYS A 17 9.97 -4.93 -7.25
CA LYS A 17 9.82 -6.23 -6.60
C LYS A 17 8.49 -6.87 -7.06
N PRO A 18 8.48 -7.75 -8.07
CA PRO A 18 7.27 -8.44 -8.54
C PRO A 18 6.87 -9.61 -7.60
N GLY A 19 6.76 -9.33 -6.31
CA GLY A 19 6.59 -10.34 -5.27
C GLY A 19 6.37 -9.79 -3.85
N LEU A 20 5.55 -8.75 -3.68
CA LEU A 20 5.09 -8.31 -2.35
C LEU A 20 3.81 -9.04 -1.91
N GLN A 21 3.58 -9.05 -0.60
CA GLN A 21 2.51 -9.82 0.05
C GLN A 21 1.63 -8.89 0.90
N TYR A 22 0.37 -8.68 0.49
CA TYR A 22 -0.58 -7.72 1.05
C TYR A 22 -1.64 -8.42 1.92
N MET A 23 -1.90 -7.84 3.08
CA MET A 23 -2.78 -8.32 4.15
C MET A 23 -3.65 -7.17 4.64
N LEU A 24 -4.90 -7.43 5.02
CA LEU A 24 -5.91 -6.40 5.30
C LEU A 24 -6.31 -6.39 6.78
N LEU A 25 -6.35 -5.18 7.33
CA LEU A 25 -6.63 -4.89 8.71
C LEU A 25 -7.62 -3.71 8.78
N SER A 26 -8.31 -3.62 9.92
CA SER A 26 -9.77 -3.62 9.82
C SER A 26 -10.38 -2.32 9.35
N GLN A 27 -11.32 -2.50 8.43
CA GLN A 27 -12.28 -1.52 7.97
C GLN A 27 -12.98 -0.81 9.13
N THR A 28 -12.87 0.52 9.17
CA THR A 28 -13.22 1.35 10.33
C THR A 28 -13.69 2.78 9.98
N GLY A 29 -14.10 2.99 8.71
CA GLY A 29 -14.70 4.24 8.24
C GLY A 29 -16.14 4.07 7.75
N PRO A 30 -16.87 5.17 7.51
CA PRO A 30 -18.30 5.17 7.21
C PRO A 30 -18.58 4.81 5.75
N VAL A 31 -19.87 4.64 5.43
CA VAL A 31 -20.41 4.44 4.07
C VAL A 31 -19.87 5.39 2.98
N HIS A 32 -19.44 6.60 3.36
CA HIS A 32 -18.98 7.64 2.44
C HIS A 32 -17.45 7.86 2.44
N ALA A 33 -16.71 7.16 3.31
CA ALA A 33 -15.24 7.14 3.35
C ALA A 33 -14.67 5.82 3.96
N PRO A 34 -15.07 4.62 3.49
CA PRO A 34 -14.73 3.37 4.17
C PRO A 34 -13.21 3.18 4.35
N LEU A 35 -12.68 3.21 5.58
CA LEU A 35 -11.24 3.30 5.80
C LEU A 35 -10.68 1.96 6.23
N PHE A 36 -9.83 1.40 5.37
CA PHE A 36 -9.08 0.16 5.57
C PHE A 36 -7.59 0.47 5.77
N VAL A 37 -6.88 -0.46 6.42
CA VAL A 37 -5.42 -0.46 6.40
C VAL A 37 -4.90 -1.76 5.80
N MET A 38 -3.91 -1.69 4.91
CA MET A 38 -3.20 -2.86 4.41
C MET A 38 -1.76 -2.83 4.88
N SER A 39 -1.28 -3.98 5.33
CA SER A 39 0.13 -4.24 5.58
C SER A 39 0.68 -4.98 4.36
N VAL A 40 1.86 -4.57 3.91
CA VAL A 40 2.48 -5.16 2.72
C VAL A 40 3.93 -5.52 2.98
N GLU A 41 4.29 -6.75 2.67
CA GLU A 41 5.54 -7.36 3.07
C GLU A 41 6.48 -7.40 1.85
N VAL A 42 7.68 -6.84 2.05
CA VAL A 42 8.60 -6.45 0.96
C VAL A 42 10.01 -7.09 0.98
N ASN A 43 10.45 -7.73 2.07
CA ASN A 43 11.84 -8.24 2.21
C ASN A 43 12.07 -9.17 3.43
N GLY A 44 11.11 -9.21 4.35
CA GLY A 44 11.20 -9.73 5.71
C GLY A 44 10.41 -8.92 6.75
N GLN A 45 9.70 -7.88 6.31
CA GLN A 45 9.02 -6.87 7.10
C GLN A 45 7.82 -6.34 6.31
N VAL A 46 6.73 -6.10 7.03
CA VAL A 46 5.50 -5.50 6.51
C VAL A 46 5.46 -3.99 6.82
N PHE A 47 4.92 -3.27 5.86
CA PHE A 47 4.81 -1.82 5.76
C PHE A 47 3.31 -1.46 5.67
N GLU A 48 2.78 -0.61 6.54
CA GLU A 48 1.32 -0.37 6.67
C GLU A 48 0.87 0.95 6.06
N GLY A 49 -0.20 0.93 5.26
CA GLY A 49 -0.85 2.14 4.78
C GLY A 49 -2.38 2.15 4.85
N SER A 50 -2.95 3.33 5.09
CA SER A 50 -4.38 3.58 5.27
C SER A 50 -5.00 4.24 4.03
N GLY A 51 -6.17 3.72 3.60
CA GLY A 51 -6.94 4.27 2.48
C GLY A 51 -8.47 4.20 2.69
N PRO A 52 -9.23 5.27 2.39
CA PRO A 52 -10.71 5.27 2.18
C PRO A 52 -11.29 4.28 1.13
N THR A 53 -10.49 3.28 0.76
CA THR A 53 -10.73 2.14 -0.13
C THR A 53 -9.51 1.23 0.03
N LYS A 54 -9.71 -0.09 0.16
CA LYS A 54 -8.62 -1.06 0.39
C LYS A 54 -7.53 -1.02 -0.69
N LYS A 55 -7.90 -0.59 -1.90
CA LYS A 55 -7.04 -0.37 -3.08
C LYS A 55 -6.11 0.83 -2.89
N LYS A 56 -6.57 1.90 -2.23
CA LYS A 56 -5.72 3.01 -1.77
C LYS A 56 -4.89 2.60 -0.55
N ALA A 57 -5.42 1.80 0.37
CA ALA A 57 -4.69 1.34 1.55
C ALA A 57 -3.42 0.55 1.15
N LYS A 58 -3.58 -0.54 0.38
CA LYS A 58 -2.46 -1.28 -0.24
C LYS A 58 -1.54 -0.45 -1.13
N LEU A 59 -2.07 0.50 -1.91
CA LEU A 59 -1.24 1.50 -2.61
C LEU A 59 -0.36 2.22 -1.62
N HIS A 60 -0.92 2.84 -0.58
CA HIS A 60 -0.20 3.64 0.41
C HIS A 60 0.94 2.85 1.07
N ALA A 61 0.62 1.62 1.46
CA ALA A 61 1.53 0.63 2.01
C ALA A 61 2.73 0.40 1.07
N ALA A 62 2.47 -0.15 -0.12
CA ALA A 62 3.43 -0.52 -1.16
C ALA A 62 4.24 0.65 -1.72
N GLU A 63 3.57 1.78 -1.96
CA GLU A 63 4.13 3.07 -2.36
C GLU A 63 5.20 3.51 -1.36
N LYS A 64 4.84 3.75 -0.08
CA LYS A 64 5.86 3.99 0.94
C LYS A 64 6.88 2.85 1.03
N ALA A 65 6.46 1.59 0.91
CA ALA A 65 7.34 0.44 1.17
C ALA A 65 8.59 0.55 0.30
N LEU A 66 8.39 0.57 -1.02
CA LEU A 66 9.51 0.80 -1.95
C LEU A 66 10.15 2.18 -1.84
N ARG A 67 9.37 3.25 -1.70
CA ARG A 67 9.89 4.63 -1.54
C ARG A 67 10.88 4.77 -0.37
N SER A 68 10.45 4.40 0.83
CA SER A 68 11.23 4.29 2.08
C SER A 68 12.45 3.38 1.93
N PHE A 69 12.26 2.17 1.38
CA PHE A 69 13.31 1.20 1.08
C PHE A 69 14.38 1.73 0.11
N VAL A 70 13.97 2.52 -0.90
CA VAL A 70 14.85 3.21 -1.86
C VAL A 70 15.61 4.38 -1.22
N GLN A 71 15.05 5.00 -0.15
CA GLN A 71 15.64 5.86 0.91
C GLN A 71 14.72 7.00 1.41
N PHE A 72 13.55 7.23 0.80
CA PHE A 72 12.83 8.51 0.88
C PHE A 72 11.59 8.49 1.81
N PRO A 73 11.48 9.41 2.80
CA PRO A 73 10.25 9.66 3.59
C PRO A 73 9.01 9.94 2.73
#